data_5WF2
# 
_entry.id   5WF2 
# 
_audit_conform.dict_name       mmcif_pdbx.dic 
_audit_conform.dict_version    5.387 
_audit_conform.dict_location   http://mmcif.pdb.org/dictionaries/ascii/mmcif_pdbx.dic 
# 
loop_
_database_2.database_id 
_database_2.database_code 
_database_2.pdbx_database_accession 
_database_2.pdbx_DOI 
PDB   5WF2         pdb_00005wf2 10.2210/pdb5wf2/pdb 
WWPDB D_1000228902 ?            ?                   
# 
loop_
_pdbx_audit_revision_history.ordinal 
_pdbx_audit_revision_history.data_content_type 
_pdbx_audit_revision_history.major_revision 
_pdbx_audit_revision_history.minor_revision 
_pdbx_audit_revision_history.revision_date 
1 'Structure model' 1 0 2017-07-26 
2 'Structure model' 1 1 2017-08-30 
3 'Structure model' 1 2 2020-01-01 
4 'Structure model' 1 3 2024-03-13 
# 
_pdbx_audit_revision_details.ordinal             1 
_pdbx_audit_revision_details.revision_ordinal    1 
_pdbx_audit_revision_details.data_content_type   'Structure model' 
_pdbx_audit_revision_details.provider            repository 
_pdbx_audit_revision_details.type                'Initial release' 
_pdbx_audit_revision_details.description         ? 
_pdbx_audit_revision_details.details             ? 
# 
loop_
_pdbx_audit_revision_group.ordinal 
_pdbx_audit_revision_group.revision_ordinal 
_pdbx_audit_revision_group.data_content_type 
_pdbx_audit_revision_group.group 
1 2 'Structure model' 'Database references'        
2 3 'Structure model' 'Author supporting evidence' 
3 4 'Structure model' 'Data collection'            
4 4 'Structure model' 'Database references'        
# 
loop_
_pdbx_audit_revision_category.ordinal 
_pdbx_audit_revision_category.revision_ordinal 
_pdbx_audit_revision_category.data_content_type 
_pdbx_audit_revision_category.category 
1 2 'Structure model' citation           
2 3 'Structure model' pdbx_audit_support 
3 4 'Structure model' chem_comp_atom     
4 4 'Structure model' chem_comp_bond     
5 4 'Structure model' database_2         
# 
loop_
_pdbx_audit_revision_item.ordinal 
_pdbx_audit_revision_item.revision_ordinal 
_pdbx_audit_revision_item.data_content_type 
_pdbx_audit_revision_item.item 
1 2 'Structure model' '_citation.journal_volume'                 
2 2 'Structure model' '_citation.page_first'                     
3 2 'Structure model' '_citation.page_last'                      
4 3 'Structure model' '_pdbx_audit_support.funding_organization' 
5 4 'Structure model' '_database_2.pdbx_DOI'                     
6 4 'Structure model' '_database_2.pdbx_database_accession'      
# 
_pdbx_database_status.status_code                     REL 
_pdbx_database_status.status_code_sf                  REL 
_pdbx_database_status.status_code_mr                  ? 
_pdbx_database_status.entry_id                        5WF2 
_pdbx_database_status.recvd_initial_deposition_date   2017-07-11 
_pdbx_database_status.SG_entry                        N 
_pdbx_database_status.deposit_site                    RCSB 
_pdbx_database_status.process_site                    RCSB 
_pdbx_database_status.status_code_cs                  ? 
_pdbx_database_status.methods_development_category    ? 
_pdbx_database_status.pdb_format_compatible           Y 
_pdbx_database_status.status_code_nmr_data            ? 
# 
loop_
_audit_author.name 
_audit_author.pdbx_ordinal 
_audit_author.identifier_ORCID 
'Frazier, M.N.' 1 ? 
'Monken, A.E.'  2 ? 
'Jackson, L.P.' 3 ? 
# 
_citation.abstract                  ? 
_citation.abstract_id_CAS           ? 
_citation.book_id_ISBN              ? 
_citation.book_publisher            ? 
_citation.book_publisher_city       ? 
_citation.book_title                ? 
_citation.coordinate_linkage        ? 
_citation.country                   DK 
_citation.database_id_Medline       ? 
_citation.details                   ? 
_citation.id                        primary 
_citation.journal_abbrev            Traffic 
_citation.journal_id_ASTM           ? 
_citation.journal_id_CSD            ? 
_citation.journal_id_ISSN           1600-0854 
_citation.journal_full              ? 
_citation.journal_issue             ? 
_citation.journal_volume            18 
_citation.language                  ? 
_citation.page_first                590 
_citation.page_last                 603 
_citation.title                     'Structure and evolution of ENTH and VHS/ENTH-like domains in tepsin.' 
_citation.year                      2017 
_citation.database_id_CSD           ? 
_citation.pdbx_database_id_DOI      10.1111/tra.12499 
_citation.pdbx_database_id_PubMed   28691777 
_citation.unpublished_flag          ? 
# 
loop_
_citation_author.citation_id 
_citation_author.name 
_citation_author.ordinal 
_citation_author.identifier_ORCID 
primary 'Archuleta, T.L.' 1 ? 
primary 'Frazier, M.N.'   2 ? 
primary 'Monken, A.E.'    3 ? 
primary 'Kendall, A.K.'   4 ? 
primary 'Harp, J.'        5 ? 
primary 'McCoy, A.J.'     6 ? 
primary 'Creanza, N.'     7 ? 
primary 'Jackson, L.P.'   8 ? 
# 
loop_
_entity.id 
_entity.type 
_entity.src_method 
_entity.pdbx_description 
_entity.formula_weight 
_entity.pdbx_number_of_molecules 
_entity.pdbx_ec 
_entity.pdbx_mutation 
_entity.pdbx_fragment 
_entity.details 
1 polymer man 'Uncharacterized protein' 14841.024 1  ? ? 'UNP residues 278-409' ? 
2 water   nat water                     18.015    52 ? ? ?                      ? 
# 
_entity_poly.entity_id                      1 
_entity_poly.type                           'polypeptide(L)' 
_entity_poly.nstd_linkage                   no 
_entity_poly.nstd_monomer                   no 
_entity_poly.pdbx_seq_one_letter_code       
;GPLGSSWAPSDLAERAEAMTLSDCQQELSLVQTVTRGSRAFLSREEAQHFVKECGLLNCEAVLELLICHLGGTSECVQMR
ALGAVASLGCTDLLPQEHILLLTRPRLQELSAGSPGPVTNKATKILRHFEASCRQRP
;
_entity_poly.pdbx_seq_one_letter_code_can   
;GPLGSSWAPSDLAERAEAMTLSDCQQELSLVQTVTRGSRAFLSREEAQHFVKECGLLNCEAVLELLICHLGGTSECVQMR
ALGAVASLGCTDLLPQEHILLLTRPRLQELSAGSPGPVTNKATKILRHFEASCRQRP
;
_entity_poly.pdbx_strand_id                 A 
_entity_poly.pdbx_target_identifier         ? 
# 
_pdbx_entity_nonpoly.entity_id   2 
_pdbx_entity_nonpoly.name        water 
_pdbx_entity_nonpoly.comp_id     HOH 
# 
loop_
_entity_poly_seq.entity_id 
_entity_poly_seq.num 
_entity_poly_seq.mon_id 
_entity_poly_seq.hetero 
1 1   GLY n 
1 2   PRO n 
1 3   LEU n 
1 4   GLY n 
1 5   SER n 
1 6   SER n 
1 7   TRP n 
1 8   ALA n 
1 9   PRO n 
1 10  SER n 
1 11  ASP n 
1 12  LEU n 
1 13  ALA n 
1 14  GLU n 
1 15  ARG n 
1 16  ALA n 
1 17  GLU n 
1 18  ALA n 
1 19  MET n 
1 20  THR n 
1 21  LEU n 
1 22  SER n 
1 23  ASP n 
1 24  CYS n 
1 25  GLN n 
1 26  GLN n 
1 27  GLU n 
1 28  LEU n 
1 29  SER n 
1 30  LEU n 
1 31  VAL n 
1 32  GLN n 
1 33  THR n 
1 34  VAL n 
1 35  THR n 
1 36  ARG n 
1 37  GLY n 
1 38  SER n 
1 39  ARG n 
1 40  ALA n 
1 41  PHE n 
1 42  LEU n 
1 43  SER n 
1 44  ARG n 
1 45  GLU n 
1 46  GLU n 
1 47  ALA n 
1 48  GLN n 
1 49  HIS n 
1 50  PHE n 
1 51  VAL n 
1 52  LYS n 
1 53  GLU n 
1 54  CYS n 
1 55  GLY n 
1 56  LEU n 
1 57  LEU n 
1 58  ASN n 
1 59  CYS n 
1 60  GLU n 
1 61  ALA n 
1 62  VAL n 
1 63  LEU n 
1 64  GLU n 
1 65  LEU n 
1 66  LEU n 
1 67  ILE n 
1 68  CYS n 
1 69  HIS n 
1 70  LEU n 
1 71  GLY n 
1 72  GLY n 
1 73  THR n 
1 74  SER n 
1 75  GLU n 
1 76  CYS n 
1 77  VAL n 
1 78  GLN n 
1 79  MET n 
1 80  ARG n 
1 81  ALA n 
1 82  LEU n 
1 83  GLY n 
1 84  ALA n 
1 85  VAL n 
1 86  ALA n 
1 87  SER n 
1 88  LEU n 
1 89  GLY n 
1 90  CYS n 
1 91  THR n 
1 92  ASP n 
1 93  LEU n 
1 94  LEU n 
1 95  PRO n 
1 96  GLN n 
1 97  GLU n 
1 98  HIS n 
1 99  ILE n 
1 100 LEU n 
1 101 LEU n 
1 102 LEU n 
1 103 THR n 
1 104 ARG n 
1 105 PRO n 
1 106 ARG n 
1 107 LEU n 
1 108 GLN n 
1 109 GLU n 
1 110 LEU n 
1 111 SER n 
1 112 ALA n 
1 113 GLY n 
1 114 SER n 
1 115 PRO n 
1 116 GLY n 
1 117 PRO n 
1 118 VAL n 
1 119 THR n 
1 120 ASN n 
1 121 LYS n 
1 122 ALA n 
1 123 THR n 
1 124 LYS n 
1 125 ILE n 
1 126 LEU n 
1 127 ARG n 
1 128 HIS n 
1 129 PHE n 
1 130 GLU n 
1 131 ALA n 
1 132 SER n 
1 133 CYS n 
1 134 ARG n 
1 135 GLN n 
1 136 ARG n 
1 137 PRO n 
# 
_entity_src_gen.entity_id                          1 
_entity_src_gen.pdbx_src_id                        1 
_entity_src_gen.pdbx_alt_source_flag               sample 
_entity_src_gen.pdbx_seq_type                      'Biological sequence' 
_entity_src_gen.pdbx_beg_seq_num                   1 
_entity_src_gen.pdbx_end_seq_num                   137 
_entity_src_gen.gene_src_common_name               Horse 
_entity_src_gen.gene_src_genus                     ? 
_entity_src_gen.pdbx_gene_src_gene                 TEPSIN 
_entity_src_gen.gene_src_species                   ? 
_entity_src_gen.gene_src_strain                    ? 
_entity_src_gen.gene_src_tissue                    ? 
_entity_src_gen.gene_src_tissue_fraction           ? 
_entity_src_gen.gene_src_details                   ? 
_entity_src_gen.pdbx_gene_src_fragment             ? 
_entity_src_gen.pdbx_gene_src_scientific_name      'Equus caballus' 
_entity_src_gen.pdbx_gene_src_ncbi_taxonomy_id     9796 
_entity_src_gen.pdbx_gene_src_variant              ? 
_entity_src_gen.pdbx_gene_src_cell_line            ? 
_entity_src_gen.pdbx_gene_src_atcc                 ? 
_entity_src_gen.pdbx_gene_src_organ                ? 
_entity_src_gen.pdbx_gene_src_organelle            ? 
_entity_src_gen.pdbx_gene_src_cell                 ? 
_entity_src_gen.pdbx_gene_src_cellular_location    ? 
_entity_src_gen.host_org_common_name               ? 
_entity_src_gen.pdbx_host_org_scientific_name      'Escherichia coli' 
_entity_src_gen.pdbx_host_org_ncbi_taxonomy_id     562 
_entity_src_gen.host_org_genus                     ? 
_entity_src_gen.pdbx_host_org_gene                 ? 
_entity_src_gen.pdbx_host_org_organ                ? 
_entity_src_gen.host_org_species                   ? 
_entity_src_gen.pdbx_host_org_tissue               ? 
_entity_src_gen.pdbx_host_org_tissue_fraction      ? 
_entity_src_gen.pdbx_host_org_strain               ? 
_entity_src_gen.pdbx_host_org_variant              ? 
_entity_src_gen.pdbx_host_org_cell_line            ? 
_entity_src_gen.pdbx_host_org_atcc                 ? 
_entity_src_gen.pdbx_host_org_culture_collection   ? 
_entity_src_gen.pdbx_host_org_cell                 ? 
_entity_src_gen.pdbx_host_org_organelle            ? 
_entity_src_gen.pdbx_host_org_cellular_location    ? 
_entity_src_gen.pdbx_host_org_vector_type          ? 
_entity_src_gen.pdbx_host_org_vector               ? 
_entity_src_gen.host_org_details                   ? 
_entity_src_gen.expression_system_id               ? 
_entity_src_gen.plasmid_name                       ? 
_entity_src_gen.plasmid_details                    ? 
_entity_src_gen.pdbx_description                   ? 
# 
loop_
_chem_comp.id 
_chem_comp.type 
_chem_comp.mon_nstd_flag 
_chem_comp.name 
_chem_comp.pdbx_synonyms 
_chem_comp.formula 
_chem_comp.formula_weight 
ALA 'L-peptide linking' y ALANINE         ? 'C3 H7 N O2'     89.093  
ARG 'L-peptide linking' y ARGININE        ? 'C6 H15 N4 O2 1' 175.209 
ASN 'L-peptide linking' y ASPARAGINE      ? 'C4 H8 N2 O3'    132.118 
ASP 'L-peptide linking' y 'ASPARTIC ACID' ? 'C4 H7 N O4'     133.103 
CYS 'L-peptide linking' y CYSTEINE        ? 'C3 H7 N O2 S'   121.158 
GLN 'L-peptide linking' y GLUTAMINE       ? 'C5 H10 N2 O3'   146.144 
GLU 'L-peptide linking' y 'GLUTAMIC ACID' ? 'C5 H9 N O4'     147.129 
GLY 'peptide linking'   y GLYCINE         ? 'C2 H5 N O2'     75.067  
HIS 'L-peptide linking' y HISTIDINE       ? 'C6 H10 N3 O2 1' 156.162 
HOH non-polymer         . WATER           ? 'H2 O'           18.015  
ILE 'L-peptide linking' y ISOLEUCINE      ? 'C6 H13 N O2'    131.173 
LEU 'L-peptide linking' y LEUCINE         ? 'C6 H13 N O2'    131.173 
LYS 'L-peptide linking' y LYSINE          ? 'C6 H15 N2 O2 1' 147.195 
MET 'L-peptide linking' y METHIONINE      ? 'C5 H11 N O2 S'  149.211 
PHE 'L-peptide linking' y PHENYLALANINE   ? 'C9 H11 N O2'    165.189 
PRO 'L-peptide linking' y PROLINE         ? 'C5 H9 N O2'     115.130 
SER 'L-peptide linking' y SERINE          ? 'C3 H7 N O3'     105.093 
THR 'L-peptide linking' y THREONINE       ? 'C4 H9 N O3'     119.119 
TRP 'L-peptide linking' y TRYPTOPHAN      ? 'C11 H12 N2 O2'  204.225 
VAL 'L-peptide linking' y VALINE          ? 'C5 H11 N O2'    117.146 
# 
loop_
_pdbx_poly_seq_scheme.asym_id 
_pdbx_poly_seq_scheme.entity_id 
_pdbx_poly_seq_scheme.seq_id 
_pdbx_poly_seq_scheme.mon_id 
_pdbx_poly_seq_scheme.ndb_seq_num 
_pdbx_poly_seq_scheme.pdb_seq_num 
_pdbx_poly_seq_scheme.auth_seq_num 
_pdbx_poly_seq_scheme.pdb_mon_id 
_pdbx_poly_seq_scheme.auth_mon_id 
_pdbx_poly_seq_scheme.pdb_strand_id 
_pdbx_poly_seq_scheme.pdb_ins_code 
_pdbx_poly_seq_scheme.hetero 
A 1 1   GLY 1   302 ?   ?   ?   A . n 
A 1 2   PRO 2   303 ?   ?   ?   A . n 
A 1 3   LEU 3   304 ?   ?   ?   A . n 
A 1 4   GLY 4   305 ?   ?   ?   A . n 
A 1 5   SER 5   306 ?   ?   ?   A . n 
A 1 6   SER 6   307 ?   ?   ?   A . n 
A 1 7   TRP 7   308 ?   ?   ?   A . n 
A 1 8   ALA 8   309 ?   ?   ?   A . n 
A 1 9   PRO 9   310 ?   ?   ?   A . n 
A 1 10  SER 10  311 ?   ?   ?   A . n 
A 1 11  ASP 11  312 ?   ?   ?   A . n 
A 1 12  LEU 12  313 ?   ?   ?   A . n 
A 1 13  ALA 13  314 ?   ?   ?   A . n 
A 1 14  GLU 14  315 ?   ?   ?   A . n 
A 1 15  ARG 15  316 ?   ?   ?   A . n 
A 1 16  ALA 16  317 ?   ?   ?   A . n 
A 1 17  GLU 17  318 ?   ?   ?   A . n 
A 1 18  ALA 18  319 319 ALA ALA A . n 
A 1 19  MET 19  320 320 MET MET A . n 
A 1 20  THR 20  321 321 THR THR A . n 
A 1 21  LEU 21  322 322 LEU LEU A . n 
A 1 22  SER 22  323 323 SER SER A . n 
A 1 23  ASP 23  324 324 ASP ASP A . n 
A 1 24  CYS 24  325 325 CYS CYS A . n 
A 1 25  GLN 25  326 326 GLN GLN A . n 
A 1 26  GLN 26  327 327 GLN GLN A . n 
A 1 27  GLU 27  328 328 GLU GLU A . n 
A 1 28  LEU 28  329 329 LEU LEU A . n 
A 1 29  SER 29  330 330 SER SER A . n 
A 1 30  LEU 30  331 331 LEU LEU A . n 
A 1 31  VAL 31  332 332 VAL VAL A . n 
A 1 32  GLN 32  333 333 GLN GLN A . n 
A 1 33  THR 33  334 334 THR THR A . n 
A 1 34  VAL 34  335 335 VAL VAL A . n 
A 1 35  THR 35  336 336 THR THR A . n 
A 1 36  ARG 36  337 337 ARG ARG A . n 
A 1 37  GLY 37  338 338 GLY GLY A . n 
A 1 38  SER 38  339 339 SER SER A . n 
A 1 39  ARG 39  340 340 ARG ARG A . n 
A 1 40  ALA 40  341 341 ALA ALA A . n 
A 1 41  PHE 41  342 342 PHE PHE A . n 
A 1 42  LEU 42  343 343 LEU LEU A . n 
A 1 43  SER 43  344 344 SER SER A . n 
A 1 44  ARG 44  345 345 ARG ARG A . n 
A 1 45  GLU 45  346 346 GLU GLU A . n 
A 1 46  GLU 46  347 347 GLU GLU A . n 
A 1 47  ALA 47  348 348 ALA ALA A . n 
A 1 48  GLN 48  349 349 GLN GLN A . n 
A 1 49  HIS 49  350 350 HIS HIS A . n 
A 1 50  PHE 50  351 351 PHE PHE A . n 
A 1 51  VAL 51  352 352 VAL VAL A . n 
A 1 52  LYS 52  353 353 LYS LYS A . n 
A 1 53  GLU 53  354 354 GLU GLU A . n 
A 1 54  CYS 54  355 355 CYS CYS A . n 
A 1 55  GLY 55  356 356 GLY GLY A . n 
A 1 56  LEU 56  357 357 LEU LEU A . n 
A 1 57  LEU 57  358 358 LEU LEU A . n 
A 1 58  ASN 58  359 359 ASN ASN A . n 
A 1 59  CYS 59  360 360 CYS CYS A . n 
A 1 60  GLU 60  361 361 GLU GLU A . n 
A 1 61  ALA 61  362 362 ALA ALA A . n 
A 1 62  VAL 62  363 363 VAL VAL A . n 
A 1 63  LEU 63  364 364 LEU LEU A . n 
A 1 64  GLU 64  365 365 GLU GLU A . n 
A 1 65  LEU 65  366 366 LEU LEU A . n 
A 1 66  LEU 66  367 367 LEU LEU A . n 
A 1 67  ILE 67  368 368 ILE ILE A . n 
A 1 68  CYS 68  369 369 CYS CYS A . n 
A 1 69  HIS 69  370 370 HIS HIS A . n 
A 1 70  LEU 70  371 371 LEU LEU A . n 
A 1 71  GLY 71  372 372 GLY GLY A . n 
A 1 72  GLY 72  373 373 GLY GLY A . n 
A 1 73  THR 73  374 374 THR THR A . n 
A 1 74  SER 74  375 375 SER SER A . n 
A 1 75  GLU 75  376 376 GLU GLU A . n 
A 1 76  CYS 76  377 377 CYS CYS A . n 
A 1 77  VAL 77  378 378 VAL VAL A . n 
A 1 78  GLN 78  379 379 GLN GLN A . n 
A 1 79  MET 79  380 380 MET MET A . n 
A 1 80  ARG 80  381 381 ARG ARG A . n 
A 1 81  ALA 81  382 382 ALA ALA A . n 
A 1 82  LEU 82  383 383 LEU LEU A . n 
A 1 83  GLY 83  384 384 GLY GLY A . n 
A 1 84  ALA 84  385 385 ALA ALA A . n 
A 1 85  VAL 85  386 386 VAL VAL A . n 
A 1 86  ALA 86  387 387 ALA ALA A . n 
A 1 87  SER 87  388 388 SER SER A . n 
A 1 88  LEU 88  389 389 LEU LEU A . n 
A 1 89  GLY 89  390 390 GLY GLY A . n 
A 1 90  CYS 90  391 391 CYS CYS A . n 
A 1 91  THR 91  392 392 THR THR A . n 
A 1 92  ASP 92  393 393 ASP ASP A . n 
A 1 93  LEU 93  394 394 LEU LEU A . n 
A 1 94  LEU 94  395 395 LEU LEU A . n 
A 1 95  PRO 95  396 396 PRO PRO A . n 
A 1 96  GLN 96  397 397 GLN GLN A . n 
A 1 97  GLU 97  398 398 GLU GLU A . n 
A 1 98  HIS 98  399 399 HIS HIS A . n 
A 1 99  ILE 99  400 400 ILE ILE A . n 
A 1 100 LEU 100 401 401 LEU LEU A . n 
A 1 101 LEU 101 402 402 LEU LEU A . n 
A 1 102 LEU 102 403 403 LEU LEU A . n 
A 1 103 THR 103 404 404 THR THR A . n 
A 1 104 ARG 104 405 405 ARG ARG A . n 
A 1 105 PRO 105 406 406 PRO PRO A . n 
A 1 106 ARG 106 407 407 ARG ARG A . n 
A 1 107 LEU 107 408 408 LEU LEU A . n 
A 1 108 GLN 108 409 409 GLN GLN A . n 
A 1 109 GLU 109 410 410 GLU GLU A . n 
A 1 110 LEU 110 411 411 LEU LEU A . n 
A 1 111 SER 111 412 412 SER SER A . n 
A 1 112 ALA 112 413 413 ALA ALA A . n 
A 1 113 GLY 113 414 414 GLY GLY A . n 
A 1 114 SER 114 415 415 SER SER A . n 
A 1 115 PRO 115 416 416 PRO PRO A . n 
A 1 116 GLY 116 417 417 GLY GLY A . n 
A 1 117 PRO 117 418 418 PRO PRO A . n 
A 1 118 VAL 118 419 419 VAL VAL A . n 
A 1 119 THR 119 420 420 THR THR A . n 
A 1 120 ASN 120 421 421 ASN ASN A . n 
A 1 121 LYS 121 422 422 LYS LYS A . n 
A 1 122 ALA 122 423 423 ALA ALA A . n 
A 1 123 THR 123 424 424 THR THR A . n 
A 1 124 LYS 124 425 425 LYS LYS A . n 
A 1 125 ILE 125 426 426 ILE ILE A . n 
A 1 126 LEU 126 427 427 LEU LEU A . n 
A 1 127 ARG 127 428 428 ARG ARG A . n 
A 1 128 HIS 128 429 429 HIS HIS A . n 
A 1 129 PHE 129 430 430 PHE PHE A . n 
A 1 130 GLU 130 431 431 GLU GLU A . n 
A 1 131 ALA 131 432 432 ALA ALA A . n 
A 1 132 SER 132 433 433 SER SER A . n 
A 1 133 CYS 133 434 434 CYS CYS A . n 
A 1 134 ARG 134 435 ?   ?   ?   A . n 
A 1 135 GLN 135 436 ?   ?   ?   A . n 
A 1 136 ARG 136 437 ?   ?   ?   A . n 
A 1 137 PRO 137 438 ?   ?   ?   A . n 
# 
loop_
_pdbx_nonpoly_scheme.asym_id 
_pdbx_nonpoly_scheme.entity_id 
_pdbx_nonpoly_scheme.mon_id 
_pdbx_nonpoly_scheme.ndb_seq_num 
_pdbx_nonpoly_scheme.pdb_seq_num 
_pdbx_nonpoly_scheme.auth_seq_num 
_pdbx_nonpoly_scheme.pdb_mon_id 
_pdbx_nonpoly_scheme.auth_mon_id 
_pdbx_nonpoly_scheme.pdb_strand_id 
_pdbx_nonpoly_scheme.pdb_ins_code 
B 2 HOH 1  501 34 HOH HOH A . 
B 2 HOH 2  502 22 HOH HOH A . 
B 2 HOH 3  503 23 HOH HOH A . 
B 2 HOH 4  504 11 HOH HOH A . 
B 2 HOH 5  505 37 HOH HOH A . 
B 2 HOH 6  506 42 HOH HOH A . 
B 2 HOH 7  507 17 HOH HOH A . 
B 2 HOH 8  508 44 HOH HOH A . 
B 2 HOH 9  509 70 HOH HOH A . 
B 2 HOH 10 510 13 HOH HOH A . 
B 2 HOH 11 511 12 HOH HOH A . 
B 2 HOH 12 512 26 HOH HOH A . 
B 2 HOH 13 513 35 HOH HOH A . 
B 2 HOH 14 514 32 HOH HOH A . 
B 2 HOH 15 515 3  HOH HOH A . 
B 2 HOH 16 516 18 HOH HOH A . 
B 2 HOH 17 517 4  HOH HOH A . 
B 2 HOH 18 518 1  HOH HOH A . 
B 2 HOH 19 519 10 HOH HOH A . 
B 2 HOH 20 520 38 HOH HOH A . 
B 2 HOH 21 521 20 HOH HOH A . 
B 2 HOH 22 522 30 HOH HOH A . 
B 2 HOH 23 523 40 HOH HOH A . 
B 2 HOH 24 524 24 HOH HOH A . 
B 2 HOH 25 525 7  HOH HOH A . 
B 2 HOH 26 526 65 HOH HOH A . 
B 2 HOH 27 527 9  HOH HOH A . 
B 2 HOH 28 528 5  HOH HOH A . 
B 2 HOH 29 529 19 HOH HOH A . 
B 2 HOH 30 530 8  HOH HOH A . 
B 2 HOH 31 531 2  HOH HOH A . 
B 2 HOH 32 532 46 HOH HOH A . 
B 2 HOH 33 533 48 HOH HOH A . 
B 2 HOH 34 534 69 HOH HOH A . 
B 2 HOH 35 535 36 HOH HOH A . 
B 2 HOH 36 536 50 HOH HOH A . 
B 2 HOH 37 537 59 HOH HOH A . 
B 2 HOH 38 538 43 HOH HOH A . 
B 2 HOH 39 539 28 HOH HOH A . 
B 2 HOH 40 540 25 HOH HOH A . 
B 2 HOH 41 541 57 HOH HOH A . 
B 2 HOH 42 542 72 HOH HOH A . 
B 2 HOH 43 543 64 HOH HOH A . 
B 2 HOH 44 544 31 HOH HOH A . 
B 2 HOH 45 545 74 HOH HOH A . 
B 2 HOH 46 546 75 HOH HOH A . 
B 2 HOH 47 547 33 HOH HOH A . 
B 2 HOH 48 548 14 HOH HOH A . 
B 2 HOH 49 549 27 HOH HOH A . 
B 2 HOH 50 550 29 HOH HOH A . 
B 2 HOH 51 551 71 HOH HOH A . 
B 2 HOH 52 552 67 HOH HOH A . 
# 
loop_
_software.citation_id 
_software.classification 
_software.compiler_name 
_software.compiler_version 
_software.contact_author 
_software.contact_author_email 
_software.date 
_software.description 
_software.dependencies 
_software.hardware 
_software.language 
_software.location 
_software.mods 
_software.name 
_software.os 
_software.os_version 
_software.type 
_software.version 
_software.pdbx_ordinal 
? refinement       ? ? ? ? ? ? ? ? ? ? ? PHENIX   ? ? ? '(1.11.1_2575: ???)' 1 
? 'data reduction' ? ? ? ? ? ? ? ? ? ? ? HKL-2000 ? ? ? .                    2 
? 'data scaling'   ? ? ? ? ? ? ? ? ? ? ? HKL-2000 ? ? ? .                    3 
? phasing          ? ? ? ? ? ? ? ? ? ? ? PHASER   ? ? ? .                    4 
# 
_cell.angle_alpha                  90.00 
_cell.angle_alpha_esd              ? 
_cell.angle_beta                   90.00 
_cell.angle_beta_esd               ? 
_cell.angle_gamma                  120.00 
_cell.angle_gamma_esd              ? 
_cell.entry_id                     5WF2 
_cell.details                      ? 
_cell.formula_units_Z              ? 
_cell.length_a                     58.828 
_cell.length_a_esd                 ? 
_cell.length_b                     58.828 
_cell.length_b_esd                 ? 
_cell.length_c                     69.078 
_cell.length_c_esd                 ? 
_cell.volume                       ? 
_cell.volume_esd                   ? 
_cell.Z_PDB                        6 
_cell.reciprocal_angle_alpha       ? 
_cell.reciprocal_angle_beta        ? 
_cell.reciprocal_angle_gamma       ? 
_cell.reciprocal_angle_alpha_esd   ? 
_cell.reciprocal_angle_beta_esd    ? 
_cell.reciprocal_angle_gamma_esd   ? 
_cell.reciprocal_length_a          ? 
_cell.reciprocal_length_b          ? 
_cell.reciprocal_length_c          ? 
_cell.reciprocal_length_a_esd      ? 
_cell.reciprocal_length_b_esd      ? 
_cell.reciprocal_length_c_esd      ? 
_cell.pdbx_unique_axis             ? 
# 
_symmetry.entry_id                         5WF2 
_symmetry.cell_setting                     ? 
_symmetry.Int_Tables_number                170 
_symmetry.space_group_name_Hall            ? 
_symmetry.space_group_name_H-M             'P 65' 
_symmetry.pdbx_full_space_group_name_H-M   ? 
# 
_exptl.absorpt_coefficient_mu     ? 
_exptl.absorpt_correction_T_max   ? 
_exptl.absorpt_correction_T_min   ? 
_exptl.absorpt_correction_type    ? 
_exptl.absorpt_process_details    ? 
_exptl.entry_id                   5WF2 
_exptl.crystals_number            1 
_exptl.details                    ? 
_exptl.method                     'X-RAY DIFFRACTION' 
_exptl.method_details             ? 
# 
_exptl_crystal.colour                      ? 
_exptl_crystal.density_diffrn              ? 
_exptl_crystal.density_Matthews            2.39 
_exptl_crystal.density_method              ? 
_exptl_crystal.density_percent_sol         48.56 
_exptl_crystal.description                 ? 
_exptl_crystal.F_000                       ? 
_exptl_crystal.id                          1 
_exptl_crystal.preparation                 ? 
_exptl_crystal.size_max                    ? 
_exptl_crystal.size_mid                    ? 
_exptl_crystal.size_min                    ? 
_exptl_crystal.size_rad                    ? 
_exptl_crystal.colour_lustre               ? 
_exptl_crystal.colour_modifier             ? 
_exptl_crystal.colour_primary              ? 
_exptl_crystal.density_meas                ? 
_exptl_crystal.density_meas_esd            ? 
_exptl_crystal.density_meas_gt             ? 
_exptl_crystal.density_meas_lt             ? 
_exptl_crystal.density_meas_temp           ? 
_exptl_crystal.density_meas_temp_esd       ? 
_exptl_crystal.density_meas_temp_gt        ? 
_exptl_crystal.density_meas_temp_lt        ? 
_exptl_crystal.pdbx_crystal_image_url      ? 
_exptl_crystal.pdbx_crystal_image_format   ? 
_exptl_crystal.pdbx_mosaicity              ? 
_exptl_crystal.pdbx_mosaicity_esd          ? 
# 
_exptl_crystal_grow.apparatus       ? 
_exptl_crystal_grow.atmosphere      ? 
_exptl_crystal_grow.crystal_id      1 
_exptl_crystal_grow.details         ? 
_exptl_crystal_grow.method          'VAPOR DIFFUSION, SITTING DROP' 
_exptl_crystal_grow.method_ref      ? 
_exptl_crystal_grow.pH              ? 
_exptl_crystal_grow.pressure        ? 
_exptl_crystal_grow.pressure_esd    ? 
_exptl_crystal_grow.seeding         ? 
_exptl_crystal_grow.seeding_ref     ? 
_exptl_crystal_grow.temp            293.15 
_exptl_crystal_grow.temp_details    ? 
_exptl_crystal_grow.temp_esd        ? 
_exptl_crystal_grow.time            ? 
_exptl_crystal_grow.pdbx_details    '0.2 M Sodium tartrate dibasic dihydrate, 20% w/v Polyethylene glycol 3,350' 
_exptl_crystal_grow.pdbx_pH_range   ? 
# 
_diffrn.ambient_environment    ? 
_diffrn.ambient_temp           80 
_diffrn.ambient_temp_details   ? 
_diffrn.ambient_temp_esd       ? 
_diffrn.crystal_id             1 
_diffrn.crystal_support        ? 
_diffrn.crystal_treatment      ? 
_diffrn.details                ? 
_diffrn.id                     1 
_diffrn.ambient_pressure       ? 
_diffrn.ambient_pressure_esd   ? 
_diffrn.ambient_pressure_gt    ? 
_diffrn.ambient_pressure_lt    ? 
_diffrn.ambient_temp_gt        ? 
_diffrn.ambient_temp_lt        ? 
# 
_diffrn_detector.details                      ? 
_diffrn_detector.detector                     CCD 
_diffrn_detector.diffrn_id                    1 
_diffrn_detector.type                         'MARMOSAIC 300 mm CCD' 
_diffrn_detector.area_resol_mean              ? 
_diffrn_detector.dtime                        ? 
_diffrn_detector.pdbx_frames_total            ? 
_diffrn_detector.pdbx_collection_time_total   ? 
_diffrn_detector.pdbx_collection_date         2016-08-19 
# 
_diffrn_radiation.collimation                      ? 
_diffrn_radiation.diffrn_id                        1 
_diffrn_radiation.filter_edge                      ? 
_diffrn_radiation.inhomogeneity                    ? 
_diffrn_radiation.monochromator                    ? 
_diffrn_radiation.polarisn_norm                    ? 
_diffrn_radiation.polarisn_ratio                   ? 
_diffrn_radiation.probe                            ? 
_diffrn_radiation.type                             ? 
_diffrn_radiation.xray_symbol                      ? 
_diffrn_radiation.wavelength_id                    1 
_diffrn_radiation.pdbx_monochromatic_or_laue_m_l   M 
_diffrn_radiation.pdbx_wavelength_list             ? 
_diffrn_radiation.pdbx_wavelength                  ? 
_diffrn_radiation.pdbx_diffrn_protocol             'SINGLE WAVELENGTH' 
_diffrn_radiation.pdbx_analyzer                    ? 
_diffrn_radiation.pdbx_scattering_type             x-ray 
# 
_diffrn_radiation_wavelength.id           1 
_diffrn_radiation_wavelength.wavelength   0.97857 
_diffrn_radiation_wavelength.wt           1.0 
# 
_diffrn_source.current                     ? 
_diffrn_source.details                     ? 
_diffrn_source.diffrn_id                   1 
_diffrn_source.power                       ? 
_diffrn_source.size                        ? 
_diffrn_source.source                      SYNCHROTRON 
_diffrn_source.target                      ? 
_diffrn_source.type                        'APS BEAMLINE 21-ID-G' 
_diffrn_source.voltage                     ? 
_diffrn_source.take-off_angle              ? 
_diffrn_source.pdbx_wavelength_list        0.97857 
_diffrn_source.pdbx_wavelength             ? 
_diffrn_source.pdbx_synchrotron_beamline   21-ID-G 
_diffrn_source.pdbx_synchrotron_site       APS 
# 
_reflns.B_iso_Wilson_estimate            ? 
_reflns.entry_id                         5WF2 
_reflns.data_reduction_details           ? 
_reflns.data_reduction_method            ? 
_reflns.d_resolution_high                1.85 
_reflns.d_resolution_low                 50.00 
_reflns.details                          ? 
_reflns.limit_h_max                      ? 
_reflns.limit_h_min                      ? 
_reflns.limit_k_max                      ? 
_reflns.limit_k_min                      ? 
_reflns.limit_l_max                      ? 
_reflns.limit_l_min                      ? 
_reflns.number_all                       ? 
_reflns.number_obs                       11628 
_reflns.observed_criterion               ? 
_reflns.observed_criterion_F_max         ? 
_reflns.observed_criterion_F_min         ? 
_reflns.observed_criterion_I_max         ? 
_reflns.observed_criterion_I_min         ? 
_reflns.observed_criterion_sigma_F       ? 
_reflns.observed_criterion_sigma_I       ? 
_reflns.percent_possible_obs             99.96 
_reflns.R_free_details                   ? 
_reflns.Rmerge_F_all                     ? 
_reflns.Rmerge_F_obs                     ? 
_reflns.Friedel_coverage                 ? 
_reflns.number_gt                        ? 
_reflns.threshold_expression             ? 
_reflns.pdbx_redundancy                  15.4 
_reflns.pdbx_Rmerge_I_obs                ? 
_reflns.pdbx_Rmerge_I_all                ? 
_reflns.pdbx_Rsym_value                  ? 
_reflns.pdbx_netI_over_av_sigmaI         ? 
_reflns.pdbx_netI_over_sigmaI            25.88 
_reflns.pdbx_res_netI_over_av_sigmaI_2   ? 
_reflns.pdbx_res_netI_over_sigmaI_2      ? 
_reflns.pdbx_chi_squared                 ? 
_reflns.pdbx_scaling_rejects             ? 
_reflns.pdbx_d_res_high_opt              ? 
_reflns.pdbx_d_res_low_opt               ? 
_reflns.pdbx_d_res_opt_method            ? 
_reflns.phase_calculation_details        ? 
_reflns.pdbx_Rrim_I_all                  ? 
_reflns.pdbx_Rpim_I_all                  0.032 
_reflns.pdbx_d_opt                       ? 
_reflns.pdbx_number_measured_all         ? 
_reflns.pdbx_diffrn_id                   1 
_reflns.pdbx_ordinal                     1 
_reflns.pdbx_CC_half                     ? 
_reflns.pdbx_R_split                     ? 
# 
_reflns_shell.d_res_high                  1.85 
_reflns_shell.d_res_low                   1.88 
_reflns_shell.meanI_over_sigI_all         ? 
_reflns_shell.meanI_over_sigI_obs         2.69 
_reflns_shell.number_measured_all         ? 
_reflns_shell.number_measured_obs         ? 
_reflns_shell.number_possible             ? 
_reflns_shell.number_unique_all           1149 
_reflns_shell.number_unique_obs           ? 
_reflns_shell.percent_possible_all        100 
_reflns_shell.percent_possible_obs        ? 
_reflns_shell.Rmerge_F_all                ? 
_reflns_shell.Rmerge_F_obs                ? 
_reflns_shell.Rmerge_I_all                ? 
_reflns_shell.Rmerge_I_obs                ? 
_reflns_shell.meanI_over_sigI_gt          ? 
_reflns_shell.meanI_over_uI_all           ? 
_reflns_shell.meanI_over_uI_gt            ? 
_reflns_shell.number_measured_gt          ? 
_reflns_shell.number_unique_gt            ? 
_reflns_shell.percent_possible_gt         ? 
_reflns_shell.Rmerge_F_gt                 ? 
_reflns_shell.Rmerge_I_gt                 ? 
_reflns_shell.pdbx_redundancy             15.2 
_reflns_shell.pdbx_Rsym_value             ? 
_reflns_shell.pdbx_chi_squared            ? 
_reflns_shell.pdbx_netI_over_sigmaI_all   ? 
_reflns_shell.pdbx_netI_over_sigmaI_obs   ? 
_reflns_shell.pdbx_Rrim_I_all             ? 
_reflns_shell.pdbx_Rpim_I_all             0.311 
_reflns_shell.pdbx_rejects                ? 
_reflns_shell.pdbx_ordinal                1 
_reflns_shell.pdbx_diffrn_id              1 
_reflns_shell.pdbx_CC_half                ? 
_reflns_shell.pdbx_R_split                ? 
# 
_refine.aniso_B[1][1]                            ? 
_refine.aniso_B[1][2]                            ? 
_refine.aniso_B[1][3]                            ? 
_refine.aniso_B[2][2]                            ? 
_refine.aniso_B[2][3]                            ? 
_refine.aniso_B[3][3]                            ? 
_refine.B_iso_max                                ? 
_refine.B_iso_mean                               ? 
_refine.B_iso_min                                ? 
_refine.correlation_coeff_Fo_to_Fc               ? 
_refine.correlation_coeff_Fo_to_Fc_free          ? 
_refine.details                                  ? 
_refine.diff_density_max                         ? 
_refine.diff_density_max_esd                     ? 
_refine.diff_density_min                         ? 
_refine.diff_density_min_esd                     ? 
_refine.diff_density_rms                         ? 
_refine.diff_density_rms_esd                     ? 
_refine.entry_id                                 5WF2 
_refine.pdbx_refine_id                           'X-RAY DIFFRACTION' 
_refine.ls_abs_structure_details                 ? 
_refine.ls_abs_structure_Flack                   ? 
_refine.ls_abs_structure_Flack_esd               ? 
_refine.ls_abs_structure_Rogers                  ? 
_refine.ls_abs_structure_Rogers_esd              ? 
_refine.ls_d_res_high                            1.851 
_refine.ls_d_res_low                             41.001 
_refine.ls_extinction_coef                       ? 
_refine.ls_extinction_coef_esd                   ? 
_refine.ls_extinction_expression                 ? 
_refine.ls_extinction_method                     ? 
_refine.ls_goodness_of_fit_all                   ? 
_refine.ls_goodness_of_fit_all_esd               ? 
_refine.ls_goodness_of_fit_obs                   ? 
_refine.ls_goodness_of_fit_obs_esd               ? 
_refine.ls_hydrogen_treatment                    ? 
_refine.ls_matrix_type                           ? 
_refine.ls_number_constraints                    ? 
_refine.ls_number_parameters                     ? 
_refine.ls_number_reflns_all                     ? 
_refine.ls_number_reflns_obs                     11617 
_refine.ls_number_reflns_R_free                  533 
_refine.ls_number_reflns_R_work                  ? 
_refine.ls_number_restraints                     ? 
_refine.ls_percent_reflns_obs                    99.95 
_refine.ls_percent_reflns_R_free                 4.58 
_refine.ls_R_factor_all                          ? 
_refine.ls_R_factor_obs                          0.1906 
_refine.ls_R_factor_R_free                       0.2156 
_refine.ls_R_factor_R_free_error                 ? 
_refine.ls_R_factor_R_free_error_details         ? 
_refine.ls_R_factor_R_work                       0.1892 
_refine.ls_R_Fsqd_factor_obs                     ? 
_refine.ls_R_I_factor_obs                        ? 
_refine.ls_redundancy_reflns_all                 ? 
_refine.ls_redundancy_reflns_obs                 ? 
_refine.ls_restrained_S_all                      ? 
_refine.ls_restrained_S_obs                      ? 
_refine.ls_shift_over_esd_max                    ? 
_refine.ls_shift_over_esd_mean                   ? 
_refine.ls_structure_factor_coef                 ? 
_refine.ls_weighting_details                     ? 
_refine.ls_weighting_scheme                      ? 
_refine.ls_wR_factor_all                         ? 
_refine.ls_wR_factor_obs                         ? 
_refine.ls_wR_factor_R_free                      ? 
_refine.ls_wR_factor_R_work                      ? 
_refine.occupancy_max                            ? 
_refine.occupancy_min                            ? 
_refine.solvent_model_details                    'FLAT BULK SOLVENT MODEL' 
_refine.solvent_model_param_bsol                 ? 
_refine.solvent_model_param_ksol                 ? 
_refine.ls_R_factor_gt                           ? 
_refine.ls_goodness_of_fit_gt                    ? 
_refine.ls_goodness_of_fit_ref                   ? 
_refine.ls_shift_over_su_max                     ? 
_refine.ls_shift_over_su_max_lt                  ? 
_refine.ls_shift_over_su_mean                    ? 
_refine.ls_shift_over_su_mean_lt                 ? 
_refine.pdbx_ls_sigma_I                          ? 
_refine.pdbx_ls_sigma_F                          1.39 
_refine.pdbx_ls_sigma_Fsqd                       ? 
_refine.pdbx_data_cutoff_high_absF               ? 
_refine.pdbx_data_cutoff_high_rms_absF           ? 
_refine.pdbx_data_cutoff_low_absF                ? 
_refine.pdbx_isotropic_thermal_model             ? 
_refine.pdbx_ls_cross_valid_method               'FREE R-VALUE' 
_refine.pdbx_method_to_determine_struct          'MOLECULAR REPLACEMENT' 
_refine.pdbx_starting_model                      ? 
_refine.pdbx_stereochemistry_target_values       ML 
_refine.pdbx_R_Free_selection_details            ? 
_refine.pdbx_stereochem_target_val_spec_case     ? 
_refine.pdbx_overall_ESU_R                       ? 
_refine.pdbx_overall_ESU_R_Free                  ? 
_refine.pdbx_solvent_vdw_probe_radii             1.11 
_refine.pdbx_solvent_ion_probe_radii             ? 
_refine.pdbx_solvent_shrinkage_radii             0.90 
_refine.pdbx_real_space_R                        ? 
_refine.pdbx_density_correlation                 ? 
_refine.pdbx_pd_number_of_powder_patterns        ? 
_refine.pdbx_pd_number_of_points                 ? 
_refine.pdbx_pd_meas_number_of_points            ? 
_refine.pdbx_pd_proc_ls_prof_R_factor            ? 
_refine.pdbx_pd_proc_ls_prof_wR_factor           ? 
_refine.pdbx_pd_Marquardt_correlation_coeff      ? 
_refine.pdbx_pd_Fsqrd_R_factor                   ? 
_refine.pdbx_pd_ls_matrix_band_width             ? 
_refine.pdbx_overall_phase_error                 27.27 
_refine.pdbx_overall_SU_R_free_Cruickshank_DPI   ? 
_refine.pdbx_overall_SU_R_free_Blow_DPI          ? 
_refine.pdbx_overall_SU_R_Blow_DPI               ? 
_refine.pdbx_TLS_residual_ADP_flag               ? 
_refine.pdbx_diffrn_id                           1 
_refine.overall_SU_B                             ? 
_refine.overall_SU_ML                            0.17 
_refine.overall_SU_R_Cruickshank_DPI             ? 
_refine.overall_SU_R_free                        ? 
_refine.overall_FOM_free_R_set                   ? 
_refine.overall_FOM_work_R_set                   ? 
_refine.pdbx_average_fsc_overall                 ? 
_refine.pdbx_average_fsc_work                    ? 
_refine.pdbx_average_fsc_free                    ? 
# 
_refine_hist.pdbx_refine_id                   'X-RAY DIFFRACTION' 
_refine_hist.cycle_id                         LAST 
_refine_hist.pdbx_number_atoms_protein        873 
_refine_hist.pdbx_number_atoms_nucleic_acid   0 
_refine_hist.pdbx_number_atoms_ligand         0 
_refine_hist.number_atoms_solvent             52 
_refine_hist.number_atoms_total               925 
_refine_hist.d_res_high                       1.851 
_refine_hist.d_res_low                        41.001 
# 
loop_
_refine_ls_restr.pdbx_refine_id 
_refine_ls_restr.criterion 
_refine_ls_restr.dev_ideal 
_refine_ls_restr.dev_ideal_target 
_refine_ls_restr.number 
_refine_ls_restr.rejects 
_refine_ls_restr.type 
_refine_ls_restr.weight 
_refine_ls_restr.pdbx_restraint_function 
'X-RAY DIFFRACTION' ? 0.011  ? 889  ? f_bond_d           ? ? 
'X-RAY DIFFRACTION' ? 1.041  ? 1203 ? f_angle_d          ? ? 
'X-RAY DIFFRACTION' ? 13.799 ? 334  ? f_dihedral_angle_d ? ? 
'X-RAY DIFFRACTION' ? 0.056  ? 148  ? f_chiral_restr     ? ? 
'X-RAY DIFFRACTION' ? 0.007  ? 155  ? f_plane_restr      ? ? 
# 
loop_
_refine_ls_shell.pdbx_refine_id 
_refine_ls_shell.d_res_high 
_refine_ls_shell.d_res_low 
_refine_ls_shell.number_reflns_all 
_refine_ls_shell.number_reflns_obs 
_refine_ls_shell.number_reflns_R_free 
_refine_ls_shell.number_reflns_R_work 
_refine_ls_shell.percent_reflns_obs 
_refine_ls_shell.percent_reflns_R_free 
_refine_ls_shell.R_factor_all 
_refine_ls_shell.R_factor_obs 
_refine_ls_shell.R_factor_R_free 
_refine_ls_shell.R_factor_R_free_error 
_refine_ls_shell.R_factor_R_work 
_refine_ls_shell.redundancy_reflns_all 
_refine_ls_shell.redundancy_reflns_obs 
_refine_ls_shell.wR_factor_all 
_refine_ls_shell.wR_factor_obs 
_refine_ls_shell.wR_factor_R_free 
_refine_ls_shell.wR_factor_R_work 
_refine_ls_shell.pdbx_total_number_of_bins_used 
_refine_ls_shell.pdbx_phase_error 
_refine_ls_shell.pdbx_fsc_work 
_refine_ls_shell.pdbx_fsc_free 
'X-RAY DIFFRACTION' 1.8507 2.0369  . . 121 2773 100.00 . . . 0.2592 . 0.2230 . . . . . . . . . . 
'X-RAY DIFFRACTION' 2.0369 2.3317  . . 135 2754 100.00 . . . 0.2392 . 0.1948 . . . . . . . . . . 
'X-RAY DIFFRACTION' 2.3317 2.9375  . . 139 2782 100.00 . . . 0.2308 . 0.2092 . . . . . . . . . . 
'X-RAY DIFFRACTION' 2.9375 41.0115 . . 138 2786 100.00 . . . 0.1977 . 0.1747 . . . . . . . . . . 
# 
_struct.entry_id                     5WF2 
_struct.title                        'Tepsin VHS/ENTH-like Native' 
_struct.pdbx_model_details           ? 
_struct.pdbx_formula_weight          ? 
_struct.pdbx_formula_weight_method   ? 
_struct.pdbx_model_type_details      ? 
_struct.pdbx_CASP_flag               N 
# 
_struct_keywords.entry_id        5WF2 
_struct_keywords.text            'protein trafficking, PROTEIN TRANSPORT' 
_struct_keywords.pdbx_keywords   'PROTEIN TRANSPORT' 
# 
loop_
_struct_asym.id 
_struct_asym.pdbx_blank_PDB_chainid_flag 
_struct_asym.pdbx_modified 
_struct_asym.entity_id 
_struct_asym.details 
A N N 1 ? 
B N N 2 ? 
# 
_struct_ref.id                         1 
_struct_ref.db_name                    UNP 
_struct_ref.db_code                    F6SIY5_HORSE 
_struct_ref.pdbx_db_accession          F6SIY5 
_struct_ref.pdbx_db_isoform            ? 
_struct_ref.entity_id                  1 
_struct_ref.pdbx_seq_one_letter_code   
;SWAPSDLAERAEAMTLSDCQQELSLVQTVTRGSRAFLSREEAQHFVKECGLLNCEAVLELLICHLGGTSECVQMRALGAV
ASLGCTDLLPQEHILLLTRPRLQELSAGSPGPVTNKATKILRHFEASCRQRP
;
_struct_ref.pdbx_align_begin           278 
# 
_struct_ref_seq.align_id                      1 
_struct_ref_seq.ref_id                        1 
_struct_ref_seq.pdbx_PDB_id_code              5WF2 
_struct_ref_seq.pdbx_strand_id                A 
_struct_ref_seq.seq_align_beg                 6 
_struct_ref_seq.pdbx_seq_align_beg_ins_code   ? 
_struct_ref_seq.seq_align_end                 137 
_struct_ref_seq.pdbx_seq_align_end_ins_code   ? 
_struct_ref_seq.pdbx_db_accession             F6SIY5 
_struct_ref_seq.db_align_beg                  278 
_struct_ref_seq.pdbx_db_align_beg_ins_code    ? 
_struct_ref_seq.db_align_end                  409 
_struct_ref_seq.pdbx_db_align_end_ins_code    ? 
_struct_ref_seq.pdbx_auth_seq_align_beg       307 
_struct_ref_seq.pdbx_auth_seq_align_end       438 
# 
loop_
_struct_ref_seq_dif.align_id 
_struct_ref_seq_dif.pdbx_pdb_id_code 
_struct_ref_seq_dif.mon_id 
_struct_ref_seq_dif.pdbx_pdb_strand_id 
_struct_ref_seq_dif.seq_num 
_struct_ref_seq_dif.pdbx_pdb_ins_code 
_struct_ref_seq_dif.pdbx_seq_db_name 
_struct_ref_seq_dif.pdbx_seq_db_accession_code 
_struct_ref_seq_dif.db_mon_id 
_struct_ref_seq_dif.pdbx_seq_db_seq_num 
_struct_ref_seq_dif.details 
_struct_ref_seq_dif.pdbx_auth_seq_num 
_struct_ref_seq_dif.pdbx_ordinal 
1 5WF2 GLY A 1 ? UNP F6SIY5 ? ? 'expression tag' 302 1 
1 5WF2 PRO A 2 ? UNP F6SIY5 ? ? 'expression tag' 303 2 
1 5WF2 LEU A 3 ? UNP F6SIY5 ? ? 'expression tag' 304 3 
1 5WF2 GLY A 4 ? UNP F6SIY5 ? ? 'expression tag' 305 4 
1 5WF2 SER A 5 ? UNP F6SIY5 ? ? 'expression tag' 306 5 
# 
_pdbx_struct_assembly.id                   1 
_pdbx_struct_assembly.details              author_and_software_defined_assembly 
_pdbx_struct_assembly.method_details       PISA 
_pdbx_struct_assembly.oligomeric_details   monomeric 
_pdbx_struct_assembly.oligomeric_count     1 
# 
_pdbx_struct_assembly_gen.assembly_id       1 
_pdbx_struct_assembly_gen.oper_expression   1 
_pdbx_struct_assembly_gen.asym_id_list      A,B 
# 
_pdbx_struct_assembly_auth_evidence.id                     1 
_pdbx_struct_assembly_auth_evidence.assembly_id            1 
_pdbx_struct_assembly_auth_evidence.experimental_support   none 
_pdbx_struct_assembly_auth_evidence.details                ? 
# 
_pdbx_struct_oper_list.id                   1 
_pdbx_struct_oper_list.type                 'identity operation' 
_pdbx_struct_oper_list.name                 1_555 
_pdbx_struct_oper_list.symmetry_operation   x,y,z 
_pdbx_struct_oper_list.matrix[1][1]         1.0000000000 
_pdbx_struct_oper_list.matrix[1][2]         0.0000000000 
_pdbx_struct_oper_list.matrix[1][3]         0.0000000000 
_pdbx_struct_oper_list.vector[1]            0.0000000000 
_pdbx_struct_oper_list.matrix[2][1]         0.0000000000 
_pdbx_struct_oper_list.matrix[2][2]         1.0000000000 
_pdbx_struct_oper_list.matrix[2][3]         0.0000000000 
_pdbx_struct_oper_list.vector[2]            0.0000000000 
_pdbx_struct_oper_list.matrix[3][1]         0.0000000000 
_pdbx_struct_oper_list.matrix[3][2]         0.0000000000 
_pdbx_struct_oper_list.matrix[3][3]         1.0000000000 
_pdbx_struct_oper_list.vector[3]            0.0000000000 
# 
loop_
_struct_conf.conf_type_id 
_struct_conf.id 
_struct_conf.pdbx_PDB_helix_id 
_struct_conf.beg_label_comp_id 
_struct_conf.beg_label_asym_id 
_struct_conf.beg_label_seq_id 
_struct_conf.pdbx_beg_PDB_ins_code 
_struct_conf.end_label_comp_id 
_struct_conf.end_label_asym_id 
_struct_conf.end_label_seq_id 
_struct_conf.pdbx_end_PDB_ins_code 
_struct_conf.beg_auth_comp_id 
_struct_conf.beg_auth_asym_id 
_struct_conf.beg_auth_seq_id 
_struct_conf.end_auth_comp_id 
_struct_conf.end_auth_asym_id 
_struct_conf.end_auth_seq_id 
_struct_conf.pdbx_PDB_helix_class 
_struct_conf.details 
_struct_conf.pdbx_PDB_helix_length 
HELX_P HELX_P1 AA1 ALA A 18  ? SER A 22  ? ALA A 319 SER A 323 5 ? 5  
HELX_P HELX_P2 AA2 CYS A 24  ? ARG A 36  ? CYS A 325 ARG A 337 1 ? 13 
HELX_P HELX_P3 AA3 SER A 43  ? LEU A 57  ? SER A 344 LEU A 358 1 ? 15 
HELX_P HELX_P4 AA4 ASN A 58  ? HIS A 69  ? ASN A 359 HIS A 370 1 ? 12 
HELX_P HELX_P5 AA5 SER A 74  ? CYS A 90  ? SER A 375 CYS A 391 1 ? 17 
HELX_P HELX_P6 AA6 PRO A 95  ? ALA A 112 ? PRO A 396 ALA A 413 1 ? 18 
HELX_P HELX_P7 AA7 GLY A 116 ? CYS A 133 ? GLY A 417 CYS A 434 1 ? 18 
# 
_struct_conf_type.id          HELX_P 
_struct_conf_type.criteria    ? 
_struct_conf_type.reference   ? 
# 
loop_
_pdbx_validate_torsion.id 
_pdbx_validate_torsion.PDB_model_num 
_pdbx_validate_torsion.auth_comp_id 
_pdbx_validate_torsion.auth_asym_id 
_pdbx_validate_torsion.auth_seq_id 
_pdbx_validate_torsion.PDB_ins_code 
_pdbx_validate_torsion.label_alt_id 
_pdbx_validate_torsion.phi 
_pdbx_validate_torsion.psi 
1 1 CYS A 325 ? ? -107.58 49.08   
2 1 LEU A 358 ? ? -113.78 -168.34 
# 
loop_
_pdbx_unobs_or_zero_occ_residues.id 
_pdbx_unobs_or_zero_occ_residues.PDB_model_num 
_pdbx_unobs_or_zero_occ_residues.polymer_flag 
_pdbx_unobs_or_zero_occ_residues.occupancy_flag 
_pdbx_unobs_or_zero_occ_residues.auth_asym_id 
_pdbx_unobs_or_zero_occ_residues.auth_comp_id 
_pdbx_unobs_or_zero_occ_residues.auth_seq_id 
_pdbx_unobs_or_zero_occ_residues.PDB_ins_code 
_pdbx_unobs_or_zero_occ_residues.label_asym_id 
_pdbx_unobs_or_zero_occ_residues.label_comp_id 
_pdbx_unobs_or_zero_occ_residues.label_seq_id 
1  1 Y 1 A GLY 302 ? A GLY 1   
2  1 Y 1 A PRO 303 ? A PRO 2   
3  1 Y 1 A LEU 304 ? A LEU 3   
4  1 Y 1 A GLY 305 ? A GLY 4   
5  1 Y 1 A SER 306 ? A SER 5   
6  1 Y 1 A SER 307 ? A SER 6   
7  1 Y 1 A TRP 308 ? A TRP 7   
8  1 Y 1 A ALA 309 ? A ALA 8   
9  1 Y 1 A PRO 310 ? A PRO 9   
10 1 Y 1 A SER 311 ? A SER 10  
11 1 Y 1 A ASP 312 ? A ASP 11  
12 1 Y 1 A LEU 313 ? A LEU 12  
13 1 Y 1 A ALA 314 ? A ALA 13  
14 1 Y 1 A GLU 315 ? A GLU 14  
15 1 Y 1 A ARG 316 ? A ARG 15  
16 1 Y 1 A ALA 317 ? A ALA 16  
17 1 Y 1 A GLU 318 ? A GLU 17  
18 1 Y 1 A ARG 435 ? A ARG 134 
19 1 Y 1 A GLN 436 ? A GLN 135 
20 1 Y 1 A ARG 437 ? A ARG 136 
21 1 Y 1 A PRO 438 ? A PRO 137 
# 
loop_
_chem_comp_atom.comp_id 
_chem_comp_atom.atom_id 
_chem_comp_atom.type_symbol 
_chem_comp_atom.pdbx_aromatic_flag 
_chem_comp_atom.pdbx_stereo_config 
_chem_comp_atom.pdbx_ordinal 
ALA N    N N N 1   
ALA CA   C N S 2   
ALA C    C N N 3   
ALA O    O N N 4   
ALA CB   C N N 5   
ALA OXT  O N N 6   
ALA H    H N N 7   
ALA H2   H N N 8   
ALA HA   H N N 9   
ALA HB1  H N N 10  
ALA HB2  H N N 11  
ALA HB3  H N N 12  
ALA HXT  H N N 13  
ARG N    N N N 14  
ARG CA   C N S 15  
ARG C    C N N 16  
ARG O    O N N 17  
ARG CB   C N N 18  
ARG CG   C N N 19  
ARG CD   C N N 20  
ARG NE   N N N 21  
ARG CZ   C N N 22  
ARG NH1  N N N 23  
ARG NH2  N N N 24  
ARG OXT  O N N 25  
ARG H    H N N 26  
ARG H2   H N N 27  
ARG HA   H N N 28  
ARG HB2  H N N 29  
ARG HB3  H N N 30  
ARG HG2  H N N 31  
ARG HG3  H N N 32  
ARG HD2  H N N 33  
ARG HD3  H N N 34  
ARG HE   H N N 35  
ARG HH11 H N N 36  
ARG HH12 H N N 37  
ARG HH21 H N N 38  
ARG HH22 H N N 39  
ARG HXT  H N N 40  
ASN N    N N N 41  
ASN CA   C N S 42  
ASN C    C N N 43  
ASN O    O N N 44  
ASN CB   C N N 45  
ASN CG   C N N 46  
ASN OD1  O N N 47  
ASN ND2  N N N 48  
ASN OXT  O N N 49  
ASN H    H N N 50  
ASN H2   H N N 51  
ASN HA   H N N 52  
ASN HB2  H N N 53  
ASN HB3  H N N 54  
ASN HD21 H N N 55  
ASN HD22 H N N 56  
ASN HXT  H N N 57  
ASP N    N N N 58  
ASP CA   C N S 59  
ASP C    C N N 60  
ASP O    O N N 61  
ASP CB   C N N 62  
ASP CG   C N N 63  
ASP OD1  O N N 64  
ASP OD2  O N N 65  
ASP OXT  O N N 66  
ASP H    H N N 67  
ASP H2   H N N 68  
ASP HA   H N N 69  
ASP HB2  H N N 70  
ASP HB3  H N N 71  
ASP HD2  H N N 72  
ASP HXT  H N N 73  
CYS N    N N N 74  
CYS CA   C N R 75  
CYS C    C N N 76  
CYS O    O N N 77  
CYS CB   C N N 78  
CYS SG   S N N 79  
CYS OXT  O N N 80  
CYS H    H N N 81  
CYS H2   H N N 82  
CYS HA   H N N 83  
CYS HB2  H N N 84  
CYS HB3  H N N 85  
CYS HG   H N N 86  
CYS HXT  H N N 87  
GLN N    N N N 88  
GLN CA   C N S 89  
GLN C    C N N 90  
GLN O    O N N 91  
GLN CB   C N N 92  
GLN CG   C N N 93  
GLN CD   C N N 94  
GLN OE1  O N N 95  
GLN NE2  N N N 96  
GLN OXT  O N N 97  
GLN H    H N N 98  
GLN H2   H N N 99  
GLN HA   H N N 100 
GLN HB2  H N N 101 
GLN HB3  H N N 102 
GLN HG2  H N N 103 
GLN HG3  H N N 104 
GLN HE21 H N N 105 
GLN HE22 H N N 106 
GLN HXT  H N N 107 
GLU N    N N N 108 
GLU CA   C N S 109 
GLU C    C N N 110 
GLU O    O N N 111 
GLU CB   C N N 112 
GLU CG   C N N 113 
GLU CD   C N N 114 
GLU OE1  O N N 115 
GLU OE2  O N N 116 
GLU OXT  O N N 117 
GLU H    H N N 118 
GLU H2   H N N 119 
GLU HA   H N N 120 
GLU HB2  H N N 121 
GLU HB3  H N N 122 
GLU HG2  H N N 123 
GLU HG3  H N N 124 
GLU HE2  H N N 125 
GLU HXT  H N N 126 
GLY N    N N N 127 
GLY CA   C N N 128 
GLY C    C N N 129 
GLY O    O N N 130 
GLY OXT  O N N 131 
GLY H    H N N 132 
GLY H2   H N N 133 
GLY HA2  H N N 134 
GLY HA3  H N N 135 
GLY HXT  H N N 136 
HIS N    N N N 137 
HIS CA   C N S 138 
HIS C    C N N 139 
HIS O    O N N 140 
HIS CB   C N N 141 
HIS CG   C Y N 142 
HIS ND1  N Y N 143 
HIS CD2  C Y N 144 
HIS CE1  C Y N 145 
HIS NE2  N Y N 146 
HIS OXT  O N N 147 
HIS H    H N N 148 
HIS H2   H N N 149 
HIS HA   H N N 150 
HIS HB2  H N N 151 
HIS HB3  H N N 152 
HIS HD1  H N N 153 
HIS HD2  H N N 154 
HIS HE1  H N N 155 
HIS HE2  H N N 156 
HIS HXT  H N N 157 
HOH O    O N N 158 
HOH H1   H N N 159 
HOH H2   H N N 160 
ILE N    N N N 161 
ILE CA   C N S 162 
ILE C    C N N 163 
ILE O    O N N 164 
ILE CB   C N S 165 
ILE CG1  C N N 166 
ILE CG2  C N N 167 
ILE CD1  C N N 168 
ILE OXT  O N N 169 
ILE H    H N N 170 
ILE H2   H N N 171 
ILE HA   H N N 172 
ILE HB   H N N 173 
ILE HG12 H N N 174 
ILE HG13 H N N 175 
ILE HG21 H N N 176 
ILE HG22 H N N 177 
ILE HG23 H N N 178 
ILE HD11 H N N 179 
ILE HD12 H N N 180 
ILE HD13 H N N 181 
ILE HXT  H N N 182 
LEU N    N N N 183 
LEU CA   C N S 184 
LEU C    C N N 185 
LEU O    O N N 186 
LEU CB   C N N 187 
LEU CG   C N N 188 
LEU CD1  C N N 189 
LEU CD2  C N N 190 
LEU OXT  O N N 191 
LEU H    H N N 192 
LEU H2   H N N 193 
LEU HA   H N N 194 
LEU HB2  H N N 195 
LEU HB3  H N N 196 
LEU HG   H N N 197 
LEU HD11 H N N 198 
LEU HD12 H N N 199 
LEU HD13 H N N 200 
LEU HD21 H N N 201 
LEU HD22 H N N 202 
LEU HD23 H N N 203 
LEU HXT  H N N 204 
LYS N    N N N 205 
LYS CA   C N S 206 
LYS C    C N N 207 
LYS O    O N N 208 
LYS CB   C N N 209 
LYS CG   C N N 210 
LYS CD   C N N 211 
LYS CE   C N N 212 
LYS NZ   N N N 213 
LYS OXT  O N N 214 
LYS H    H N N 215 
LYS H2   H N N 216 
LYS HA   H N N 217 
LYS HB2  H N N 218 
LYS HB3  H N N 219 
LYS HG2  H N N 220 
LYS HG3  H N N 221 
LYS HD2  H N N 222 
LYS HD3  H N N 223 
LYS HE2  H N N 224 
LYS HE3  H N N 225 
LYS HZ1  H N N 226 
LYS HZ2  H N N 227 
LYS HZ3  H N N 228 
LYS HXT  H N N 229 
MET N    N N N 230 
MET CA   C N S 231 
MET C    C N N 232 
MET O    O N N 233 
MET CB   C N N 234 
MET CG   C N N 235 
MET SD   S N N 236 
MET CE   C N N 237 
MET OXT  O N N 238 
MET H    H N N 239 
MET H2   H N N 240 
MET HA   H N N 241 
MET HB2  H N N 242 
MET HB3  H N N 243 
MET HG2  H N N 244 
MET HG3  H N N 245 
MET HE1  H N N 246 
MET HE2  H N N 247 
MET HE3  H N N 248 
MET HXT  H N N 249 
PHE N    N N N 250 
PHE CA   C N S 251 
PHE C    C N N 252 
PHE O    O N N 253 
PHE CB   C N N 254 
PHE CG   C Y N 255 
PHE CD1  C Y N 256 
PHE CD2  C Y N 257 
PHE CE1  C Y N 258 
PHE CE2  C Y N 259 
PHE CZ   C Y N 260 
PHE OXT  O N N 261 
PHE H    H N N 262 
PHE H2   H N N 263 
PHE HA   H N N 264 
PHE HB2  H N N 265 
PHE HB3  H N N 266 
PHE HD1  H N N 267 
PHE HD2  H N N 268 
PHE HE1  H N N 269 
PHE HE2  H N N 270 
PHE HZ   H N N 271 
PHE HXT  H N N 272 
PRO N    N N N 273 
PRO CA   C N S 274 
PRO C    C N N 275 
PRO O    O N N 276 
PRO CB   C N N 277 
PRO CG   C N N 278 
PRO CD   C N N 279 
PRO OXT  O N N 280 
PRO H    H N N 281 
PRO HA   H N N 282 
PRO HB2  H N N 283 
PRO HB3  H N N 284 
PRO HG2  H N N 285 
PRO HG3  H N N 286 
PRO HD2  H N N 287 
PRO HD3  H N N 288 
PRO HXT  H N N 289 
SER N    N N N 290 
SER CA   C N S 291 
SER C    C N N 292 
SER O    O N N 293 
SER CB   C N N 294 
SER OG   O N N 295 
SER OXT  O N N 296 
SER H    H N N 297 
SER H2   H N N 298 
SER HA   H N N 299 
SER HB2  H N N 300 
SER HB3  H N N 301 
SER HG   H N N 302 
SER HXT  H N N 303 
THR N    N N N 304 
THR CA   C N S 305 
THR C    C N N 306 
THR O    O N N 307 
THR CB   C N R 308 
THR OG1  O N N 309 
THR CG2  C N N 310 
THR OXT  O N N 311 
THR H    H N N 312 
THR H2   H N N 313 
THR HA   H N N 314 
THR HB   H N N 315 
THR HG1  H N N 316 
THR HG21 H N N 317 
THR HG22 H N N 318 
THR HG23 H N N 319 
THR HXT  H N N 320 
TRP N    N N N 321 
TRP CA   C N S 322 
TRP C    C N N 323 
TRP O    O N N 324 
TRP CB   C N N 325 
TRP CG   C Y N 326 
TRP CD1  C Y N 327 
TRP CD2  C Y N 328 
TRP NE1  N Y N 329 
TRP CE2  C Y N 330 
TRP CE3  C Y N 331 
TRP CZ2  C Y N 332 
TRP CZ3  C Y N 333 
TRP CH2  C Y N 334 
TRP OXT  O N N 335 
TRP H    H N N 336 
TRP H2   H N N 337 
TRP HA   H N N 338 
TRP HB2  H N N 339 
TRP HB3  H N N 340 
TRP HD1  H N N 341 
TRP HE1  H N N 342 
TRP HE3  H N N 343 
TRP HZ2  H N N 344 
TRP HZ3  H N N 345 
TRP HH2  H N N 346 
TRP HXT  H N N 347 
VAL N    N N N 348 
VAL CA   C N S 349 
VAL C    C N N 350 
VAL O    O N N 351 
VAL CB   C N N 352 
VAL CG1  C N N 353 
VAL CG2  C N N 354 
VAL OXT  O N N 355 
VAL H    H N N 356 
VAL H2   H N N 357 
VAL HA   H N N 358 
VAL HB   H N N 359 
VAL HG11 H N N 360 
VAL HG12 H N N 361 
VAL HG13 H N N 362 
VAL HG21 H N N 363 
VAL HG22 H N N 364 
VAL HG23 H N N 365 
VAL HXT  H N N 366 
# 
loop_
_chem_comp_bond.comp_id 
_chem_comp_bond.atom_id_1 
_chem_comp_bond.atom_id_2 
_chem_comp_bond.value_order 
_chem_comp_bond.pdbx_aromatic_flag 
_chem_comp_bond.pdbx_stereo_config 
_chem_comp_bond.pdbx_ordinal 
ALA N   CA   sing N N 1   
ALA N   H    sing N N 2   
ALA N   H2   sing N N 3   
ALA CA  C    sing N N 4   
ALA CA  CB   sing N N 5   
ALA CA  HA   sing N N 6   
ALA C   O    doub N N 7   
ALA C   OXT  sing N N 8   
ALA CB  HB1  sing N N 9   
ALA CB  HB2  sing N N 10  
ALA CB  HB3  sing N N 11  
ALA OXT HXT  sing N N 12  
ARG N   CA   sing N N 13  
ARG N   H    sing N N 14  
ARG N   H2   sing N N 15  
ARG CA  C    sing N N 16  
ARG CA  CB   sing N N 17  
ARG CA  HA   sing N N 18  
ARG C   O    doub N N 19  
ARG C   OXT  sing N N 20  
ARG CB  CG   sing N N 21  
ARG CB  HB2  sing N N 22  
ARG CB  HB3  sing N N 23  
ARG CG  CD   sing N N 24  
ARG CG  HG2  sing N N 25  
ARG CG  HG3  sing N N 26  
ARG CD  NE   sing N N 27  
ARG CD  HD2  sing N N 28  
ARG CD  HD3  sing N N 29  
ARG NE  CZ   sing N N 30  
ARG NE  HE   sing N N 31  
ARG CZ  NH1  sing N N 32  
ARG CZ  NH2  doub N N 33  
ARG NH1 HH11 sing N N 34  
ARG NH1 HH12 sing N N 35  
ARG NH2 HH21 sing N N 36  
ARG NH2 HH22 sing N N 37  
ARG OXT HXT  sing N N 38  
ASN N   CA   sing N N 39  
ASN N   H    sing N N 40  
ASN N   H2   sing N N 41  
ASN CA  C    sing N N 42  
ASN CA  CB   sing N N 43  
ASN CA  HA   sing N N 44  
ASN C   O    doub N N 45  
ASN C   OXT  sing N N 46  
ASN CB  CG   sing N N 47  
ASN CB  HB2  sing N N 48  
ASN CB  HB3  sing N N 49  
ASN CG  OD1  doub N N 50  
ASN CG  ND2  sing N N 51  
ASN ND2 HD21 sing N N 52  
ASN ND2 HD22 sing N N 53  
ASN OXT HXT  sing N N 54  
ASP N   CA   sing N N 55  
ASP N   H    sing N N 56  
ASP N   H2   sing N N 57  
ASP CA  C    sing N N 58  
ASP CA  CB   sing N N 59  
ASP CA  HA   sing N N 60  
ASP C   O    doub N N 61  
ASP C   OXT  sing N N 62  
ASP CB  CG   sing N N 63  
ASP CB  HB2  sing N N 64  
ASP CB  HB3  sing N N 65  
ASP CG  OD1  doub N N 66  
ASP CG  OD2  sing N N 67  
ASP OD2 HD2  sing N N 68  
ASP OXT HXT  sing N N 69  
CYS N   CA   sing N N 70  
CYS N   H    sing N N 71  
CYS N   H2   sing N N 72  
CYS CA  C    sing N N 73  
CYS CA  CB   sing N N 74  
CYS CA  HA   sing N N 75  
CYS C   O    doub N N 76  
CYS C   OXT  sing N N 77  
CYS CB  SG   sing N N 78  
CYS CB  HB2  sing N N 79  
CYS CB  HB3  sing N N 80  
CYS SG  HG   sing N N 81  
CYS OXT HXT  sing N N 82  
GLN N   CA   sing N N 83  
GLN N   H    sing N N 84  
GLN N   H2   sing N N 85  
GLN CA  C    sing N N 86  
GLN CA  CB   sing N N 87  
GLN CA  HA   sing N N 88  
GLN C   O    doub N N 89  
GLN C   OXT  sing N N 90  
GLN CB  CG   sing N N 91  
GLN CB  HB2  sing N N 92  
GLN CB  HB3  sing N N 93  
GLN CG  CD   sing N N 94  
GLN CG  HG2  sing N N 95  
GLN CG  HG3  sing N N 96  
GLN CD  OE1  doub N N 97  
GLN CD  NE2  sing N N 98  
GLN NE2 HE21 sing N N 99  
GLN NE2 HE22 sing N N 100 
GLN OXT HXT  sing N N 101 
GLU N   CA   sing N N 102 
GLU N   H    sing N N 103 
GLU N   H2   sing N N 104 
GLU CA  C    sing N N 105 
GLU CA  CB   sing N N 106 
GLU CA  HA   sing N N 107 
GLU C   O    doub N N 108 
GLU C   OXT  sing N N 109 
GLU CB  CG   sing N N 110 
GLU CB  HB2  sing N N 111 
GLU CB  HB3  sing N N 112 
GLU CG  CD   sing N N 113 
GLU CG  HG2  sing N N 114 
GLU CG  HG3  sing N N 115 
GLU CD  OE1  doub N N 116 
GLU CD  OE2  sing N N 117 
GLU OE2 HE2  sing N N 118 
GLU OXT HXT  sing N N 119 
GLY N   CA   sing N N 120 
GLY N   H    sing N N 121 
GLY N   H2   sing N N 122 
GLY CA  C    sing N N 123 
GLY CA  HA2  sing N N 124 
GLY CA  HA3  sing N N 125 
GLY C   O    doub N N 126 
GLY C   OXT  sing N N 127 
GLY OXT HXT  sing N N 128 
HIS N   CA   sing N N 129 
HIS N   H    sing N N 130 
HIS N   H2   sing N N 131 
HIS CA  C    sing N N 132 
HIS CA  CB   sing N N 133 
HIS CA  HA   sing N N 134 
HIS C   O    doub N N 135 
HIS C   OXT  sing N N 136 
HIS CB  CG   sing N N 137 
HIS CB  HB2  sing N N 138 
HIS CB  HB3  sing N N 139 
HIS CG  ND1  sing Y N 140 
HIS CG  CD2  doub Y N 141 
HIS ND1 CE1  doub Y N 142 
HIS ND1 HD1  sing N N 143 
HIS CD2 NE2  sing Y N 144 
HIS CD2 HD2  sing N N 145 
HIS CE1 NE2  sing Y N 146 
HIS CE1 HE1  sing N N 147 
HIS NE2 HE2  sing N N 148 
HIS OXT HXT  sing N N 149 
HOH O   H1   sing N N 150 
HOH O   H2   sing N N 151 
ILE N   CA   sing N N 152 
ILE N   H    sing N N 153 
ILE N   H2   sing N N 154 
ILE CA  C    sing N N 155 
ILE CA  CB   sing N N 156 
ILE CA  HA   sing N N 157 
ILE C   O    doub N N 158 
ILE C   OXT  sing N N 159 
ILE CB  CG1  sing N N 160 
ILE CB  CG2  sing N N 161 
ILE CB  HB   sing N N 162 
ILE CG1 CD1  sing N N 163 
ILE CG1 HG12 sing N N 164 
ILE CG1 HG13 sing N N 165 
ILE CG2 HG21 sing N N 166 
ILE CG2 HG22 sing N N 167 
ILE CG2 HG23 sing N N 168 
ILE CD1 HD11 sing N N 169 
ILE CD1 HD12 sing N N 170 
ILE CD1 HD13 sing N N 171 
ILE OXT HXT  sing N N 172 
LEU N   CA   sing N N 173 
LEU N   H    sing N N 174 
LEU N   H2   sing N N 175 
LEU CA  C    sing N N 176 
LEU CA  CB   sing N N 177 
LEU CA  HA   sing N N 178 
LEU C   O    doub N N 179 
LEU C   OXT  sing N N 180 
LEU CB  CG   sing N N 181 
LEU CB  HB2  sing N N 182 
LEU CB  HB3  sing N N 183 
LEU CG  CD1  sing N N 184 
LEU CG  CD2  sing N N 185 
LEU CG  HG   sing N N 186 
LEU CD1 HD11 sing N N 187 
LEU CD1 HD12 sing N N 188 
LEU CD1 HD13 sing N N 189 
LEU CD2 HD21 sing N N 190 
LEU CD2 HD22 sing N N 191 
LEU CD2 HD23 sing N N 192 
LEU OXT HXT  sing N N 193 
LYS N   CA   sing N N 194 
LYS N   H    sing N N 195 
LYS N   H2   sing N N 196 
LYS CA  C    sing N N 197 
LYS CA  CB   sing N N 198 
LYS CA  HA   sing N N 199 
LYS C   O    doub N N 200 
LYS C   OXT  sing N N 201 
LYS CB  CG   sing N N 202 
LYS CB  HB2  sing N N 203 
LYS CB  HB3  sing N N 204 
LYS CG  CD   sing N N 205 
LYS CG  HG2  sing N N 206 
LYS CG  HG3  sing N N 207 
LYS CD  CE   sing N N 208 
LYS CD  HD2  sing N N 209 
LYS CD  HD3  sing N N 210 
LYS CE  NZ   sing N N 211 
LYS CE  HE2  sing N N 212 
LYS CE  HE3  sing N N 213 
LYS NZ  HZ1  sing N N 214 
LYS NZ  HZ2  sing N N 215 
LYS NZ  HZ3  sing N N 216 
LYS OXT HXT  sing N N 217 
MET N   CA   sing N N 218 
MET N   H    sing N N 219 
MET N   H2   sing N N 220 
MET CA  C    sing N N 221 
MET CA  CB   sing N N 222 
MET CA  HA   sing N N 223 
MET C   O    doub N N 224 
MET C   OXT  sing N N 225 
MET CB  CG   sing N N 226 
MET CB  HB2  sing N N 227 
MET CB  HB3  sing N N 228 
MET CG  SD   sing N N 229 
MET CG  HG2  sing N N 230 
MET CG  HG3  sing N N 231 
MET SD  CE   sing N N 232 
MET CE  HE1  sing N N 233 
MET CE  HE2  sing N N 234 
MET CE  HE3  sing N N 235 
MET OXT HXT  sing N N 236 
PHE N   CA   sing N N 237 
PHE N   H    sing N N 238 
PHE N   H2   sing N N 239 
PHE CA  C    sing N N 240 
PHE CA  CB   sing N N 241 
PHE CA  HA   sing N N 242 
PHE C   O    doub N N 243 
PHE C   OXT  sing N N 244 
PHE CB  CG   sing N N 245 
PHE CB  HB2  sing N N 246 
PHE CB  HB3  sing N N 247 
PHE CG  CD1  doub Y N 248 
PHE CG  CD2  sing Y N 249 
PHE CD1 CE1  sing Y N 250 
PHE CD1 HD1  sing N N 251 
PHE CD2 CE2  doub Y N 252 
PHE CD2 HD2  sing N N 253 
PHE CE1 CZ   doub Y N 254 
PHE CE1 HE1  sing N N 255 
PHE CE2 CZ   sing Y N 256 
PHE CE2 HE2  sing N N 257 
PHE CZ  HZ   sing N N 258 
PHE OXT HXT  sing N N 259 
PRO N   CA   sing N N 260 
PRO N   CD   sing N N 261 
PRO N   H    sing N N 262 
PRO CA  C    sing N N 263 
PRO CA  CB   sing N N 264 
PRO CA  HA   sing N N 265 
PRO C   O    doub N N 266 
PRO C   OXT  sing N N 267 
PRO CB  CG   sing N N 268 
PRO CB  HB2  sing N N 269 
PRO CB  HB3  sing N N 270 
PRO CG  CD   sing N N 271 
PRO CG  HG2  sing N N 272 
PRO CG  HG3  sing N N 273 
PRO CD  HD2  sing N N 274 
PRO CD  HD3  sing N N 275 
PRO OXT HXT  sing N N 276 
SER N   CA   sing N N 277 
SER N   H    sing N N 278 
SER N   H2   sing N N 279 
SER CA  C    sing N N 280 
SER CA  CB   sing N N 281 
SER CA  HA   sing N N 282 
SER C   O    doub N N 283 
SER C   OXT  sing N N 284 
SER CB  OG   sing N N 285 
SER CB  HB2  sing N N 286 
SER CB  HB3  sing N N 287 
SER OG  HG   sing N N 288 
SER OXT HXT  sing N N 289 
THR N   CA   sing N N 290 
THR N   H    sing N N 291 
THR N   H2   sing N N 292 
THR CA  C    sing N N 293 
THR CA  CB   sing N N 294 
THR CA  HA   sing N N 295 
THR C   O    doub N N 296 
THR C   OXT  sing N N 297 
THR CB  OG1  sing N N 298 
THR CB  CG2  sing N N 299 
THR CB  HB   sing N N 300 
THR OG1 HG1  sing N N 301 
THR CG2 HG21 sing N N 302 
THR CG2 HG22 sing N N 303 
THR CG2 HG23 sing N N 304 
THR OXT HXT  sing N N 305 
TRP N   CA   sing N N 306 
TRP N   H    sing N N 307 
TRP N   H2   sing N N 308 
TRP CA  C    sing N N 309 
TRP CA  CB   sing N N 310 
TRP CA  HA   sing N N 311 
TRP C   O    doub N N 312 
TRP C   OXT  sing N N 313 
TRP CB  CG   sing N N 314 
TRP CB  HB2  sing N N 315 
TRP CB  HB3  sing N N 316 
TRP CG  CD1  doub Y N 317 
TRP CG  CD2  sing Y N 318 
TRP CD1 NE1  sing Y N 319 
TRP CD1 HD1  sing N N 320 
TRP CD2 CE2  doub Y N 321 
TRP CD2 CE3  sing Y N 322 
TRP NE1 CE2  sing Y N 323 
TRP NE1 HE1  sing N N 324 
TRP CE2 CZ2  sing Y N 325 
TRP CE3 CZ3  doub Y N 326 
TRP CE3 HE3  sing N N 327 
TRP CZ2 CH2  doub Y N 328 
TRP CZ2 HZ2  sing N N 329 
TRP CZ3 CH2  sing Y N 330 
TRP CZ3 HZ3  sing N N 331 
TRP CH2 HH2  sing N N 332 
TRP OXT HXT  sing N N 333 
VAL N   CA   sing N N 334 
VAL N   H    sing N N 335 
VAL N   H2   sing N N 336 
VAL CA  C    sing N N 337 
VAL CA  CB   sing N N 338 
VAL CA  HA   sing N N 339 
VAL C   O    doub N N 340 
VAL C   OXT  sing N N 341 
VAL CB  CG1  sing N N 342 
VAL CB  CG2  sing N N 343 
VAL CB  HB   sing N N 344 
VAL CG1 HG11 sing N N 345 
VAL CG1 HG12 sing N N 346 
VAL CG1 HG13 sing N N 347 
VAL CG2 HG21 sing N N 348 
VAL CG2 HG22 sing N N 349 
VAL CG2 HG23 sing N N 350 
VAL OXT HXT  sing N N 351 
# 
loop_
_pdbx_audit_support.funding_organization 
_pdbx_audit_support.country 
_pdbx_audit_support.grant_number 
_pdbx_audit_support.ordinal 
'National Institutes of Health/National Institute of General Medical Sciences (NIH/NIGMS)' 'United States' R35GM119525    1 
'National Institutes of Health/National Institute of General Medical Sciences (NIH/NIGMS)' 'United States' T32GM008320-26 2 
# 
_atom_sites.entry_id                    5WF2 
_atom_sites.fract_transf_matrix[1][1]   0.01772607 
_atom_sites.fract_transf_matrix[1][2]   -0.00842974 
_atom_sites.fract_transf_matrix[1][3]   0.00007983 
_atom_sites.fract_transf_matrix[2][1]   0.00856727 
_atom_sites.fract_transf_matrix[2][2]   -0.00467460 
_atom_sites.fract_transf_matrix[2][3]   0.01702963 
_atom_sites.fract_transf_matrix[3][1]   -0.00621210 
_atom_sites.fract_transf_matrix[3][2]   -0.01306718 
_atom_sites.fract_transf_matrix[3][3]   -0.00046174 
_atom_sites.fract_transf_vector[1]      0.419374 
_atom_sites.fract_transf_vector[2]      0.181838 
_atom_sites.fract_transf_vector[3]      -0.011439 
# 
loop_
_atom_type.symbol 
C 
H 
N 
O 
S 
# 
loop_
_atom_site.group_PDB 
_atom_site.id 
_atom_site.type_symbol 
_atom_site.label_atom_id 
_atom_site.label_alt_id 
_atom_site.label_comp_id 
_atom_site.label_asym_id 
_atom_site.label_entity_id 
_atom_site.label_seq_id 
_atom_site.pdbx_PDB_ins_code 
_atom_site.Cartn_x 
_atom_site.Cartn_y 
_atom_site.Cartn_z 
_atom_site.occupancy 
_atom_site.B_iso_or_equiv 
_atom_site.pdbx_formal_charge 
_atom_site.auth_seq_id 
_atom_site.auth_comp_id 
_atom_site.auth_asym_id 
_atom_site.auth_atom_id 
_atom_site.pdbx_PDB_model_num 
ATOM   1    N N    . ALA A 1 18  ? 2.719   -12.717 -11.816 1.00 65.86  ? 319 ALA A N    1 
ATOM   2    C CA   . ALA A 1 18  ? 3.882   -11.839 -11.910 1.00 65.67  ? 319 ALA A CA   1 
ATOM   3    C C    . ALA A 1 18  ? 4.060   -11.321 -13.333 1.00 74.95  ? 319 ALA A C    1 
ATOM   4    O O    . ALA A 1 18  ? 4.383   -10.150 -13.527 1.00 72.31  ? 319 ALA A O    1 
ATOM   5    C CB   . ALA A 1 18  ? 5.138   -12.561 -11.456 1.00 71.17  ? 319 ALA A CB   1 
ATOM   6    H HA   . ALA A 1 18  ? 3.748   -11.075 -11.327 1.00 79.07  ? 319 ALA A HA   1 
ATOM   7    H HB1  . ALA A 1 18  ? 5.893   -11.957 -11.528 1.00 85.67  ? 319 ALA A HB1  1 
ATOM   8    H HB2  . ALA A 1 18  ? 5.025   -12.841 -10.534 1.00 85.67  ? 319 ALA A HB2  1 
ATOM   9    H HB3  . ALA A 1 18  ? 5.278   -13.336 -12.023 1.00 85.67  ? 319 ALA A HB3  1 
ATOM   10   N N    . MET A 1 19  ? 3.838   -12.199 -14.323 1.00 84.22  ? 320 MET A N    1 
ATOM   11   C CA   . MET A 1 19  ? 4.116   -11.862 -15.723 1.00 84.12  ? 320 MET A CA   1 
ATOM   12   C C    . MET A 1 19  ? 3.287   -10.673 -16.207 1.00 83.12  ? 320 MET A C    1 
ATOM   13   O O    . MET A 1 19  ? 3.751   -9.892  -17.054 1.00 75.34  ? 320 MET A O    1 
ATOM   14   C CB   . MET A 1 19  ? 3.850   -13.079 -16.612 1.00 82.58  ? 320 MET A CB   1 
ATOM   15   C CG   . MET A 1 19  ? 4.437   -12.973 -18.020 1.00 85.13  ? 320 MET A CG   1 
ATOM   16   S SD   . MET A 1 19  ? 4.617   -14.591 -18.821 1.00 106.85 ? 320 MET A SD   1 
ATOM   17   C CE   . MET A 1 19  ? 5.446   -14.131 -20.350 1.00 88.76  ? 320 MET A CE   1 
ATOM   18   H H    . MET A 1 19  ? 3.528   -12.993 -14.207 1.00 101.33 ? 320 MET A H    1 
ATOM   19   H HA   . MET A 1 19  ? 5.056   -11.638 -15.806 1.00 101.20 ? 320 MET A HA   1 
ATOM   20   H HB2  . MET A 1 19  ? 4.236   -13.862 -16.190 1.00 99.36  ? 320 MET A HB2  1 
ATOM   21   H HB3  . MET A 1 19  ? 2.891   -13.195 -16.700 1.00 99.36  ? 320 MET A HB3  1 
ATOM   22   H HG2  . MET A 1 19  ? 3.849   -12.430 -18.569 1.00 102.42 ? 320 MET A HG2  1 
ATOM   23   H HG3  . MET A 1 19  ? 5.314   -12.564 -17.968 1.00 102.42 ? 320 MET A HG3  1 
ATOM   24   H HE1  . MET A 1 19  ? 5.602   -14.930 -20.877 1.00 106.77 ? 320 MET A HE1  1 
ATOM   25   H HE2  . MET A 1 19  ? 4.882   -13.515 -20.840 1.00 106.77 ? 320 MET A HE2  1 
ATOM   26   H HE3  . MET A 1 19  ? 6.291   -13.707 -20.134 1.00 106.77 ? 320 MET A HE3  1 
ATOM   27   N N    . THR A 1 20  ? 2.062   -10.522 -15.697 1.00 80.83  ? 321 THR A N    1 
ATOM   28   C CA   . THR A 1 20  ? 1.251   -9.343  -15.972 1.00 74.61  ? 321 THR A CA   1 
ATOM   29   C C    . THR A 1 20  ? 1.804   -8.078  -15.319 1.00 67.67  ? 321 THR A C    1 
ATOM   30   O O    . THR A 1 20  ? 1.203   -7.014  -15.477 1.00 55.39  ? 321 THR A O    1 
ATOM   31   C CB   . THR A 1 20  ? -0.185  -9.580  -15.494 1.00 73.99  ? 321 THR A CB   1 
ATOM   32   O OG1  . THR A 1 20  ? -0.160  -10.142 -14.165 1.00 70.95  ? 321 THR A OG1  1 
ATOM   33   C CG2  . THR A 1 20  ? -0.936  -10.516 -16.475 1.00 64.45  ? 321 THR A CG2  1 
ATOM   34   H H    . THR A 1 20  ? 1.679   -11.097 -15.184 1.00 97.26  ? 321 THR A H    1 
ATOM   35   H HA   . THR A 1 20  ? 1.225   -9.196  -16.931 1.00 89.80  ? 321 THR A HA   1 
ATOM   36   H HB   . THR A 1 20  ? -0.655  -8.732  -15.470 1.00 89.05  ? 321 THR A HB   1 
ATOM   37   H HG1  . THR A 1 20  ? 0.255   -10.872 -14.169 1.00 85.40  ? 321 THR A HG1  1 
ATOM   38   H HG21 . THR A 1 20  ? -1.844  -10.662 -16.165 1.00 77.61  ? 321 THR A HG21 1 
ATOM   39   H HG22 . THR A 1 20  ? -0.965  -10.117 -17.358 1.00 77.61  ? 321 THR A HG22 1 
ATOM   40   H HG23 . THR A 1 20  ? -0.482  -11.372 -16.531 1.00 77.61  ? 321 THR A HG23 1 
ATOM   41   N N    . LEU A 1 21  ? 2.913   -8.166  -14.590 1.00 73.52  ? 322 LEU A N    1 
ATOM   42   C CA   . LEU A 1 21  ? 3.562   -7.000  -14.013 1.00 69.15  ? 322 LEU A CA   1 
ATOM   43   C C    . LEU A 1 21  ? 5.014   -6.847  -14.458 1.00 71.84  ? 322 LEU A C    1 
ATOM   44   O O    . LEU A 1 21  ? 5.677   -5.885  -14.041 1.00 65.67  ? 322 LEU A O    1 
ATOM   45   C CB   . LEU A 1 21  ? 3.480   -7.070  -12.481 1.00 64.27  ? 322 LEU A CB   1 
ATOM   46   C CG   . LEU A 1 21  ? 2.041   -7.201  -11.944 1.00 62.19  ? 322 LEU A CG   1 
ATOM   47   C CD1  . LEU A 1 21  ? 1.576   -8.666  -11.844 1.00 60.76  ? 322 LEU A CD1  1 
ATOM   48   C CD2  . LEU A 1 21  ? 1.906   -6.499  -10.598 1.00 55.86  ? 322 LEU A CD2  1 
ATOM   49   H H    . LEU A 1 21  ? 3.315   -8.906  -14.413 1.00 88.48  ? 322 LEU A H    1 
ATOM   50   H HA   . LEU A 1 21  ? 3.082   -6.207  -14.299 1.00 83.24  ? 322 LEU A HA   1 
ATOM   51   H HB2  . LEU A 1 21  ? 3.983   -7.841  -12.176 1.00 77.38  ? 322 LEU A HB2  1 
ATOM   52   H HB3  . LEU A 1 21  ? 3.863   -6.259  -12.110 1.00 77.38  ? 322 LEU A HB3  1 
ATOM   53   H HG   . LEU A 1 21  ? 1.445   -6.753  -12.564 1.00 74.89  ? 322 LEU A HG   1 
ATOM   54   H HD11 . LEU A 1 21  ? 0.668   -8.686  -11.503 1.00 73.17  ? 322 LEU A HD11 1 
ATOM   55   H HD12 . LEU A 1 21  ? 1.607   -9.068  -12.727 1.00 73.17  ? 322 LEU A HD12 1 
ATOM   56   H HD13 . LEU A 1 21  ? 2.167   -9.144  -11.242 1.00 73.17  ? 322 LEU A HD13 1 
ATOM   57   H HD21 . LEU A 1 21  ? 0.994   -6.597  -10.282 1.00 67.29  ? 322 LEU A HD21 1 
ATOM   58   H HD22 . LEU A 1 21  ? 2.519   -6.906  -9.967  1.00 67.29  ? 322 LEU A HD22 1 
ATOM   59   H HD23 . LEU A 1 21  ? 2.120   -5.559  -10.709 1.00 67.29  ? 322 LEU A HD23 1 
ATOM   60   N N    . SER A 1 22  ? 5.522   -7.741  -15.316 1.00 71.29  ? 323 SER A N    1 
ATOM   61   C CA   . SER A 1 22  ? 6.944   -7.694  -15.654 1.00 74.85  ? 323 SER A CA   1 
ATOM   62   C C    . SER A 1 22  ? 7.297   -6.397  -16.373 1.00 66.70  ? 323 SER A C    1 
ATOM   63   O O    . SER A 1 22  ? 8.396   -5.859  -16.180 1.00 63.67  ? 323 SER A O    1 
ATOM   64   C CB   . SER A 1 22  ? 7.336   -8.927  -16.484 1.00 77.93  ? 323 SER A CB   1 
ATOM   65   O OG   . SER A 1 22  ? 6.573   -9.042  -17.675 1.00 72.56  ? 323 SER A OG   1 
ATOM   66   H H    . SER A 1 22  ? 5.077   -8.366  -15.705 1.00 85.81  ? 323 SER A H    1 
ATOM   67   H HA   . SER A 1 22  ? 7.457   -7.722  -14.832 1.00 90.09  ? 323 SER A HA   1 
ATOM   68   H HB2  . SER A 1 22  ? 8.273   -8.856  -16.722 1.00 93.78  ? 323 SER A HB2  1 
ATOM   69   H HB3  . SER A 1 22  ? 7.194   -9.722  -15.947 1.00 93.78  ? 323 SER A HB3  1 
ATOM   70   H HG   . SER A 1 22  ? 5.757   -9.110  -17.488 1.00 87.34  ? 323 SER A HG   1 
ATOM   71   N N    . ASP A 1 23  ? 6.368   -5.856  -17.163 1.00 64.37  ? 324 ASP A N    1 
ATOM   72   C CA   . ASP A 1 23  ? 6.507   -4.548  -17.803 1.00 59.16  ? 324 ASP A CA   1 
ATOM   73   C C    . ASP A 1 23  ? 6.262   -3.387  -16.840 1.00 54.55  ? 324 ASP A C    1 
ATOM   74   O O    . ASP A 1 23  ? 6.190   -2.230  -17.283 1.00 50.21  ? 324 ASP A O    1 
ATOM   75   C CB   . ASP A 1 23  ? 5.529   -4.440  -18.970 1.00 64.61  ? 324 ASP A CB   1 
ATOM   76   C CG   . ASP A 1 23  ? 4.083   -4.432  -18.498 1.00 62.97  ? 324 ASP A CG   1 
ATOM   77   O OD1  . ASP A 1 23  ? 3.655   -5.460  -17.921 1.00 62.25  ? 324 ASP A OD1  1 
ATOM   78   O OD2  . ASP A 1 23  ? 3.393   -3.398  -18.679 1.00 56.10  ? 324 ASP A OD2  1 
ATOM   79   H H    . ASP A 1 23  ? 5.621   -6.243  -17.348 1.00 77.50  ? 324 ASP A H    1 
ATOM   80   H HA   . ASP A 1 23  ? 7.408   -4.462  -18.156 1.00 71.25  ? 324 ASP A HA   1 
ATOM   81   H HB2  . ASP A 1 23  ? 5.695   -3.613  -19.450 1.00 77.80  ? 324 ASP A HB2  1 
ATOM   82   H HB3  . ASP A 1 23  ? 5.650   -5.200  -19.560 1.00 77.80  ? 324 ASP A HB3  1 
ATOM   83   N N    . CYS A 1 24  ? 6.122   -3.673  -15.547 1.00 44.22  ? 325 CYS A N    1 
ATOM   84   C CA   . CYS A 1 24  ? 5.949   -2.644  -14.533 1.00 37.42  ? 325 CYS A CA   1 
ATOM   85   C C    . CYS A 1 24  ? 7.229   -2.514  -13.700 1.00 34.51  ? 325 CYS A C    1 
ATOM   86   O O    . CYS A 1 24  ? 7.187   -2.509  -12.468 1.00 29.07  ? 325 CYS A O    1 
ATOM   87   C CB   . CYS A 1 24  ? 4.720   -2.982  -13.677 1.00 32.49  ? 325 CYS A CB   1 
ATOM   88   S SG   . CYS A 1 24  ? 3.231   -3.002  -14.707 1.00 42.95  ? 325 CYS A SG   1 
ATOM   89   H H    . CYS A 1 24  ? 6.125   -4.472  -15.230 1.00 53.33  ? 325 CYS A H    1 
ATOM   90   H HA   . CYS A 1 24  ? 5.785   -1.792  -14.970 1.00 45.17  ? 325 CYS A HA   1 
ATOM   91   H HB2  . CYS A 1 24  ? 4.833   -3.860  -13.281 1.00 39.26  ? 325 CYS A HB2  1 
ATOM   92   H HB3  . CYS A 1 24  ? 4.610   -2.309  -12.987 1.00 39.26  ? 325 CYS A HB3  1 
ATOM   93   H HG   . CYS A 1 24  ? 2.284   -3.268  -14.020 1.00 51.80  ? 325 CYS A HG   1 
ATOM   94   N N    . GLN A 1 25  ? 8.390   -2.406  -14.365 1.00 32.67  ? 326 GLN A N    1 
ATOM   95   C CA   . GLN A 1 25  ? 9.644   -2.390  -13.623 1.00 29.75  ? 326 GLN A CA   1 
ATOM   96   C C    . GLN A 1 25  ? 9.832   -1.079  -12.864 1.00 30.33  ? 326 GLN A C    1 
ATOM   97   O O    . GLN A 1 25  ? 10.406  -1.064  -11.767 1.00 30.49  ? 326 GLN A O    1 
ATOM   98   C CB   . GLN A 1 25  ? 10.830  -2.656  -14.568 1.00 37.32  ? 326 GLN A CB   1 
ATOM   99   C CG   . GLN A 1 25  ? 12.182  -2.622  -13.825 1.00 47.83  ? 326 GLN A CG   1 
ATOM   100  C CD   . GLN A 1 25  ? 12.250  -3.597  -12.625 1.00 54.17  ? 326 GLN A CD   1 
ATOM   101  O OE1  . GLN A 1 25  ? 12.563  -3.188  -11.479 1.00 45.98  ? 326 GLN A OE1  1 
ATOM   102  N NE2  . GLN A 1 25  ? 11.968  -4.893  -12.888 1.00 42.12  ? 326 GLN A NE2  1 
ATOM   103  H H    . GLN A 1 25  ? 8.471   -2.342  -15.219 1.00 39.47  ? 326 GLN A H    1 
ATOM   104  H HA   . GLN A 1 25  ? 9.624   -3.106  -12.969 1.00 35.96  ? 326 GLN A HA   1 
ATOM   105  H HB2  . GLN A 1 25  ? 10.726  -3.533  -14.969 1.00 45.04  ? 326 GLN A HB2  1 
ATOM   106  H HB3  . GLN A 1 25  ? 10.847  -1.973  -15.258 1.00 45.04  ? 326 GLN A HB3  1 
ATOM   107  H HG2  . GLN A 1 25  ? 12.887  -2.866  -14.446 1.00 57.66  ? 326 GLN A HG2  1 
ATOM   108  H HG3  . GLN A 1 25  ? 12.334  -1.726  -13.489 1.00 57.66  ? 326 GLN A HG3  1 
ATOM   109  H HE21 . GLN A 1 25  ? 11.765  -5.135  -13.687 1.00 50.81  ? 326 GLN A HE21 1 
ATOM   110  H HE22 . GLN A 1 25  ? 11.992  -5.475  -12.255 1.00 50.81  ? 326 GLN A HE22 1 
ATOM   111  N N    . GLN A 1 26  ? 9.363   0.039   -13.416 1.00 26.91  ? 327 GLN A N    1 
ATOM   112  C CA   . GLN A 1 26  ? 9.481   1.297   -12.688 1.00 27.77  ? 327 GLN A CA   1 
ATOM   113  C C    . GLN A 1 26  ? 8.613   1.270   -11.442 1.00 25.24  ? 327 GLN A C    1 
ATOM   114  O O    . GLN A 1 26  ? 8.984   1.808   -10.387 1.00 22.62  ? 327 GLN A O    1 
ATOM   115  C CB   . GLN A 1 26  ? 9.068   2.463   -13.578 1.00 31.89  ? 327 GLN A CB   1 
ATOM   116  C CG   . GLN A 1 26  ? 9.974   2.700   -14.794 1.00 36.62  ? 327 GLN A CG   1 
ATOM   117  C CD   . GLN A 1 26  ? 9.403   3.760   -15.750 1.00 41.76  ? 327 GLN A CD   1 
ATOM   118  O OE1  . GLN A 1 26  ? 8.209   3.769   -16.036 1.00 34.69  ? 327 GLN A OE1  1 
ATOM   119  N NE2  . GLN A 1 26  ? 10.258  4.659   -16.246 1.00 34.10  ? 327 GLN A NE2  1 
ATOM   120  H H    . GLN A 1 26  ? 8.983   0.094   -14.186 1.00 32.56  ? 327 GLN A H    1 
ATOM   121  H HA   . GLN A 1 26  ? 10.403  1.429   -12.417 1.00 33.59  ? 327 GLN A HA   1 
ATOM   122  H HB2  . GLN A 1 26  ? 8.171   2.297   -13.909 1.00 38.53  ? 327 GLN A HB2  1 
ATOM   123  H HB3  . GLN A 1 26  ? 9.072   3.274   -13.045 1.00 38.53  ? 327 GLN A HB3  1 
ATOM   124  H HG2  . GLN A 1 26  ? 10.842  3.007   -14.487 1.00 44.20  ? 327 GLN A HG2  1 
ATOM   125  H HG3  . GLN A 1 26  ? 10.068  1.870   -15.286 1.00 44.20  ? 327 GLN A HG3  1 
ATOM   126  H HE21 . GLN A 1 26  ? 11.088  4.628   -16.026 1.00 41.19  ? 327 GLN A HE21 1 
ATOM   127  H HE22 . GLN A 1 26  ? 9.977   5.267   -16.784 1.00 41.19  ? 327 GLN A HE22 1 
ATOM   128  N N    . GLU A 1 27  ? 7.434   0.670   -11.562 1.00 26.91  ? 328 GLU A N    1 
ATOM   129  C CA   . GLU A 1 27  ? 6.559   0.560   -10.405 1.00 25.42  ? 328 GLU A CA   1 
ATOM   130  C C    . GLU A 1 27  ? 7.189   -0.328  -9.342  1.00 22.63  ? 328 GLU A C    1 
ATOM   131  O O    . GLU A 1 27  ? 7.136   -0.007  -8.147  1.00 24.45  ? 328 GLU A O    1 
ATOM   132  C CB   . GLU A 1 27  ? 5.178   0.070   -10.875 1.00 23.92  ? 328 GLU A CB   1 
ATOM   133  C CG   . GLU A 1 27  ? 4.397   1.093   -11.698 1.00 23.52  ? 328 GLU A CG   1 
ATOM   134  C CD   . GLU A 1 27  ? 4.756   1.183   -13.193 1.00 27.62  ? 328 GLU A CD   1 
ATOM   135  O OE1  . GLU A 1 27  ? 5.600   0.408   -13.690 1.00 30.30  ? 328 GLU A OE1  1 
ATOM   136  O OE2  . GLU A 1 27  ? 4.174   2.043   -13.884 1.00 29.72  ? 328 GLU A OE2  1 
ATOM   137  H H    . GLU A 1 27  ? 7.123   0.324   -12.286 1.00 32.55  ? 328 GLU A H    1 
ATOM   138  H HA   . GLU A 1 27  ? 6.442   1.442   -10.019 1.00 30.77  ? 328 GLU A HA   1 
ATOM   139  H HB2  . GLU A 1 27  ? 5.299   -0.721  -11.425 1.00 28.97  ? 328 GLU A HB2  1 
ATOM   140  H HB3  . GLU A 1 27  ? 4.644   -0.152  -10.096 1.00 28.97  ? 328 GLU A HB3  1 
ATOM   141  H HG2  . GLU A 1 27  ? 3.454   0.874   -11.641 1.00 28.48  ? 328 GLU A HG2  1 
ATOM   142  H HG3  . GLU A 1 27  ? 4.548   1.971   -11.312 1.00 28.48  ? 328 GLU A HG3  1 
ATOM   143  N N    . LEU A 1 28  ? 7.836   -1.417  -9.749  1.00 25.91  ? 329 LEU A N    1 
ATOM   144  C CA   . LEU A 1 28  ? 8.472   -2.292  -8.773  1.00 27.30  ? 329 LEU A CA   1 
ATOM   145  C C    . LEU A 1 28  ? 9.600   -1.576  -8.046  1.00 29.17  ? 329 LEU A C    1 
ATOM   146  O O    . LEU A 1 28  ? 9.708   -1.657  -6.821  1.00 30.65  ? 329 LEU A O    1 
ATOM   147  C CB   . LEU A 1 28  ? 8.981   -3.551  -9.449  1.00 27.32  ? 329 LEU A CB   1 
ATOM   148  C CG   . LEU A 1 28  ? 9.751   -4.479  -8.494  1.00 32.95  ? 329 LEU A CG   1 
ATOM   149  C CD1  . LEU A 1 28  ? 8.907   -4.948  -7.296  1.00 35.64  ? 329 LEU A CD1  1 
ATOM   150  C CD2  . LEU A 1 28  ? 10.261  -5.681  -9.237  1.00 34.25  ? 329 LEU A CD2  1 
ATOM   151  H H    . LEU A 1 28  ? 7.920   -1.666  -10.568 1.00 31.35  ? 329 LEU A H    1 
ATOM   152  H HA   . LEU A 1 28  ? 7.812   -2.556  -8.112  1.00 33.02  ? 329 LEU A HA   1 
ATOM   153  H HB2  . LEU A 1 28  ? 8.226   -4.046  -9.803  1.00 33.05  ? 329 LEU A HB2  1 
ATOM   154  H HB3  . LEU A 1 28  ? 9.580   -3.301  -10.170 1.00 33.05  ? 329 LEU A HB3  1 
ATOM   155  H HG   . LEU A 1 28  ? 10.517  -3.999  -8.146  1.00 39.81  ? 329 LEU A HG   1 
ATOM   156  H HD11 . LEU A 1 28  ? 9.448   -5.526  -6.736  1.00 43.03  ? 329 LEU A HD11 1 
ATOM   157  H HD12 . LEU A 1 28  ? 8.619   -4.172  -6.790  1.00 43.03  ? 329 LEU A HD12 1 
ATOM   158  H HD13 . LEU A 1 28  ? 8.134   -5.433  -7.625  1.00 43.03  ? 329 LEU A HD13 1 
ATOM   159  H HD21 . LEU A 1 28  ? 10.743  -6.252  -8.618  1.00 41.37  ? 329 LEU A HD21 1 
ATOM   160  H HD22 . LEU A 1 28  ? 9.509   -6.162  -9.615  1.00 41.37  ? 329 LEU A HD22 1 
ATOM   161  H HD23 . LEU A 1 28  ? 10.855  -5.385  -9.945  1.00 41.37  ? 329 LEU A HD23 1 
ATOM   162  N N    . SER A 1 29  ? 10.447  -0.865  -8.782  1.00 26.59  ? 330 SER A N    1 
ATOM   163  C CA   . SER A 1 29  ? 11.513  -0.093  -8.147  1.00 27.83  ? 330 SER A CA   1 
ATOM   164  C C    . SER A 1 29  ? 10.956  0.880   -7.131  1.00 29.70  ? 330 SER A C    1 
ATOM   165  O O    . SER A 1 29  ? 11.542  1.056   -6.055  1.00 27.07  ? 330 SER A O    1 
ATOM   166  C CB   . SER A 1 29  ? 12.312  0.674   -9.193  1.00 29.84  ? 330 SER A CB   1 
ATOM   167  O OG   . SER A 1 29  ? 12.802  -0.203  -10.201 1.00 35.95  ? 330 SER A OG   1 
ATOM   168  H H    . SER A 1 29  ? 10.429  -0.812  -9.640  1.00 32.17  ? 330 SER A H    1 
ATOM   169  H HA   . SER A 1 29  ? 12.117  -0.699  -7.688  1.00 33.66  ? 330 SER A HA   1 
ATOM   170  H HB2  . SER A 1 29  ? 11.737  1.338   -9.605  1.00 36.07  ? 330 SER A HB2  1 
ATOM   171  H HB3  . SER A 1 29  ? 13.064  1.109   -8.761  1.00 36.07  ? 330 SER A HB3  1 
ATOM   172  H HG   . SER A 1 29  ? 12.161  -0.587  -10.584 1.00 43.40  ? 330 SER A HG   1 
ATOM   173  N N    . LEU A 1 30  ? 9.837   1.545   -7.462  1.00 26.15  ? 331 LEU A N    1 
ATOM   174  C CA   . LEU A 1 30  ? 9.231   2.499   -6.532  1.00 27.18  ? 331 LEU A CA   1 
ATOM   175  C C    . LEU A 1 30  ? 8.804   1.807   -5.244  1.00 23.83  ? 331 LEU A C    1 
ATOM   176  O O    . LEU A 1 30  ? 9.053   2.305   -4.137  1.00 25.15  ? 331 LEU A O    1 
ATOM   177  C CB   . LEU A 1 30  ? 8.025   3.200   -7.180  1.00 23.03  ? 331 LEU A CB   1 
ATOM   178  C CG   . LEU A 1 30  ? 7.364   4.224   -6.250  1.00 28.58  ? 331 LEU A CG   1 
ATOM   179  C CD1  . LEU A 1 30  ? 8.307   5.391   -5.907  1.00 30.70  ? 331 LEU A CD1  1 
ATOM   180  C CD2  . LEU A 1 30  ? 6.038   4.735   -6.849  1.00 31.57  ? 331 LEU A CD2  1 
ATOM   181  H H    . LEU A 1 30  ? 9.419   1.460   -8.208  1.00 31.65  ? 331 LEU A H    1 
ATOM   182  H HA   . LEU A 1 30  ? 9.886   3.178   -6.305  1.00 32.88  ? 331 LEU A HA   1 
ATOM   183  H HB2  . LEU A 1 30  ? 8.322   3.666   -7.977  1.00 27.89  ? 331 LEU A HB2  1 
ATOM   184  H HB3  . LEU A 1 30  ? 7.360   2.533   -7.414  1.00 27.89  ? 331 LEU A HB3  1 
ATOM   185  H HG   . LEU A 1 30  ? 7.148   3.778   -5.416  1.00 34.56  ? 331 LEU A HG   1 
ATOM   186  H HD11 . LEU A 1 30  ? 7.844   6.008   -5.319  1.00 37.10  ? 331 LEU A HD11 1 
ATOM   187  H HD12 . LEU A 1 30  ? 9.096   5.040   -5.463  1.00 37.10  ? 331 LEU A HD12 1 
ATOM   188  H HD13 . LEU A 1 30  ? 8.562   5.843   -6.726  1.00 37.10  ? 331 LEU A HD13 1 
ATOM   189  H HD21 . LEU A 1 30  ? 5.645   5.380   -6.239  1.00 38.15  ? 331 LEU A HD21 1 
ATOM   190  H HD22 . LEU A 1 30  ? 6.219   5.155   -7.704  1.00 38.15  ? 331 LEU A HD22 1 
ATOM   191  H HD23 . LEU A 1 30  ? 5.437   3.984   -6.970  1.00 38.15  ? 331 LEU A HD23 1 
ATOM   192  N N    . VAL A 1 31  ? 8.132   0.666   -5.364  1.00 23.40  ? 332 VAL A N    1 
ATOM   193  C CA   . VAL A 1 31  ? 7.629   -0.028  -4.182  1.00 26.53  ? 332 VAL A CA   1 
ATOM   194  C C    . VAL A 1 31  ? 8.777   -0.569  -3.362  1.00 24.34  ? 332 VAL A C    1 
ATOM   195  O O    . VAL A 1 31  ? 8.732   -0.570  -2.126  1.00 25.98  ? 332 VAL A O    1 
ATOM   196  C CB   . VAL A 1 31  ? 6.677   -1.153  -4.607  1.00 25.81  ? 332 VAL A CB   1 
ATOM   197  C CG1  . VAL A 1 31  ? 6.373   -2.115  -3.461  1.00 28.88  ? 332 VAL A CG1  1 
ATOM   198  C CG2  . VAL A 1 31  ? 5.376   -0.547  -5.170  1.00 27.19  ? 332 VAL A CG2  1 
ATOM   199  H H    . VAL A 1 31  ? 7.955   0.277   -6.111  1.00 28.34  ? 332 VAL A H    1 
ATOM   200  H HA   . VAL A 1 31  ? 7.132   0.597   -3.633  1.00 32.10  ? 332 VAL A HA   1 
ATOM   201  H HB   . VAL A 1 31  ? 7.096   -1.663  -5.317  1.00 31.24  ? 332 VAL A HB   1 
ATOM   202  H HG11 . VAL A 1 31  ? 5.770   -2.805  -3.779  1.00 34.92  ? 332 VAL A HG11 1 
ATOM   203  H HG12 . VAL A 1 31  ? 7.204   -2.515  -3.156  1.00 34.92  ? 332 VAL A HG12 1 
ATOM   204  H HG13 . VAL A 1 31  ? 5.959   -1.621  -2.736  1.00 34.92  ? 332 VAL A HG13 1 
ATOM   205  H HG21 . VAL A 1 31  ? 4.782   -1.266  -5.437  1.00 32.90  ? 332 VAL A HG21 1 
ATOM   206  H HG22 . VAL A 1 31  ? 4.956   -0.007  -4.483  1.00 32.90  ? 332 VAL A HG22 1 
ATOM   207  H HG23 . VAL A 1 31  ? 5.593   0.005   -5.939  1.00 32.90  ? 332 VAL A HG23 1 
ATOM   208  N N    . GLN A 1 32  ? 9.826   -1.053  -4.037  1.00 30.45  ? 333 GLN A N    1 
ATOM   209  C CA   . GLN A 1 32  ? 10.998  -1.528  -3.304  1.00 30.75  ? 333 GLN A CA   1 
ATOM   210  C C    . GLN A 1 32  ? 11.651  -0.377  -2.548  1.00 30.33  ? 333 GLN A C    1 
ATOM   211  O O    . GLN A 1 32  ? 12.079  -0.545  -1.410  1.00 35.20  ? 333 GLN A O    1 
ATOM   212  C CB   . GLN A 1 32  ? 11.981  -2.215  -4.263  1.00 30.05  ? 333 GLN A CB   1 
ATOM   213  C CG   . GLN A 1 32  ? 11.531  -3.571  -4.777  1.00 34.90  ? 333 GLN A CG   1 
ATOM   214  C CD   . GLN A 1 32  ? 12.451  -4.165  -5.863  1.00 44.03  ? 333 GLN A CD   1 
ATOM   215  O OE1  . GLN A 1 32  ? 13.137  -3.440  -6.599  1.00 39.97  ? 333 GLN A OE1  1 
ATOM   216  N NE2  . GLN A 1 32  ? 12.433  -5.493  -5.974  1.00 43.00  ? 333 GLN A NE2  1 
ATOM   217  H H    . GLN A 1 32  ? 9.881   -1.116  -4.894  1.00 36.80  ? 333 GLN A H    1 
ATOM   218  H HA   . GLN A 1 32  ? 10.713  -2.187  -2.652  1.00 37.16  ? 333 GLN A HA   1 
ATOM   219  H HB2  . GLN A 1 32  ? 12.116  -1.641  -5.032  1.00 36.33  ? 333 GLN A HB2  1 
ATOM   220  H HB3  . GLN A 1 32  ? 12.825  -2.343  -3.801  1.00 36.33  ? 333 GLN A HB3  1 
ATOM   221  H HG2  . GLN A 1 32  ? 11.509  -4.194  -4.035  1.00 42.14  ? 333 GLN A HG2  1 
ATOM   222  H HG3  . GLN A 1 32  ? 10.643  -3.481  -5.157  1.00 42.14  ? 333 GLN A HG3  1 
ATOM   223  H HE21 . GLN A 1 32  ? 11.930  -5.961  -5.458  1.00 51.86  ? 333 GLN A HE21 1 
ATOM   224  H HE22 . GLN A 1 32  ? 12.926  -5.881  -6.563  1.00 51.86  ? 333 GLN A HE22 1 
ATOM   225  N N    . THR A 1 33  ? 11.676  0.820   -3.134  1.00 33.34  ? 334 THR A N    1 
ATOM   226  C CA   . THR A 1 33  ? 12.223  1.974   -2.429  1.00 33.17  ? 334 THR A CA   1 
ATOM   227  C C    . THR A 1 33  ? 11.390  2.309   -1.202  1.00 34.97  ? 334 THR A C    1 
ATOM   228  O O    . THR A 1 33  ? 11.917  2.463   -0.090  1.00 34.25  ? 334 THR A O    1 
ATOM   229  C CB   . THR A 1 33  ? 12.293  3.189   -3.367  1.00 38.29  ? 334 THR A CB   1 
ATOM   230  O OG1  . THR A 1 33  ? 13.416  3.062   -4.240  1.00 43.64  ? 334 THR A OG1  1 
ATOM   231  C CG2  . THR A 1 33  ? 12.436  4.507   -2.605  1.00 46.43  ? 334 THR A CG2  1 
ATOM   232  H H    . THR A 1 33  ? 11.388  0.987   -3.928  1.00 40.28  ? 334 THR A H    1 
ATOM   233  H HA   . THR A 1 33  ? 13.124  1.769   -2.134  1.00 40.06  ? 334 THR A HA   1 
ATOM   234  H HB   . THR A 1 33  ? 11.482  3.231   -3.897  1.00 46.21  ? 334 THR A HB   1 
ATOM   235  H HG1  . THR A 1 33  ? 13.457  3.724   -4.754  1.00 52.64  ? 334 THR A HG1  1 
ATOM   236  H HG21 . THR A 1 33  ? 12.478  5.248   -3.229  1.00 55.98  ? 334 THR A HG21 1 
ATOM   237  H HG22 . THR A 1 33  ? 11.677  4.633   -2.016  1.00 55.98  ? 334 THR A HG22 1 
ATOM   238  H HG23 . THR A 1 33  ? 13.249  4.496   -2.075  1.00 55.98  ? 334 THR A HG23 1 
ATOM   239  N N    . VAL A 1 34  ? 10.078  2.441   -1.383  1.00 30.93  ? 335 VAL A N    1 
ATOM   240  C CA   . VAL A 1 34  ? 9.272   2.967   -0.294  1.00 26.86  ? 335 VAL A CA   1 
ATOM   241  C C    . VAL A 1 34  ? 9.203   1.994   0.869   1.00 28.72  ? 335 VAL A C    1 
ATOM   242  O O    . VAL A 1 34  ? 9.012   2.417   2.022   1.00 30.97  ? 335 VAL A O    1 
ATOM   243  C CB   . VAL A 1 34  ? 7.880   3.351   -0.811  1.00 28.37  ? 335 VAL A CB   1 
ATOM   244  C CG1  . VAL A 1 34  ? 7.041   2.133   -1.039  1.00 30.48  ? 335 VAL A CG1  1 
ATOM   245  C CG2  . VAL A 1 34  ? 7.240   4.287   0.167   1.00 29.94  ? 335 VAL A CG2  1 
ATOM   246  H H    . VAL A 1 34  ? 9.646   2.239   -2.099  1.00 37.38  ? 335 VAL A H    1 
ATOM   247  H HA   . VAL A 1 34  ? 9.693   3.777   0.033   1.00 32.50  ? 335 VAL A HA   1 
ATOM   248  H HB   . VAL A 1 34  ? 7.973   3.817   -1.658  1.00 34.31  ? 335 VAL A HB   1 
ATOM   249  H HG11 . VAL A 1 34  ? 6.170   2.406   -1.365  1.00 36.84  ? 335 VAL A HG11 1 
ATOM   250  H HG12 . VAL A 1 34  ? 7.478   1.567   -1.695  1.00 36.84  ? 335 VAL A HG12 1 
ATOM   251  H HG13 . VAL A 1 34  ? 6.947   1.654   -0.201  1.00 36.84  ? 335 VAL A HG13 1 
ATOM   252  H HG21 . VAL A 1 34  ? 6.360   4.531   -0.160  1.00 36.19  ? 335 VAL A HG21 1 
ATOM   253  H HG22 . VAL A 1 34  ? 7.163   3.842   1.025   1.00 36.19  ? 335 VAL A HG22 1 
ATOM   254  H HG23 . VAL A 1 34  ? 7.793   5.079   0.252   1.00 36.19  ? 335 VAL A HG23 1 
ATOM   255  N N    . THR A 1 35  ? 9.358   0.690   0.615   1.00 23.70  ? 336 THR A N    1 
ATOM   256  C CA   . THR A 1 35  ? 9.222   -0.306  1.665   1.00 29.06  ? 336 THR A CA   1 
ATOM   257  C C    . THR A 1 35  ? 10.529  -0.643  2.371   1.00 34.82  ? 336 THR A C    1 
ATOM   258  O O    . THR A 1 35  ? 10.487  -1.323  3.389   1.00 33.34  ? 336 THR A O    1 
ATOM   259  C CB   . THR A 1 35  ? 8.610   -1.625  1.155   1.00 27.89  ? 336 THR A CB   1 
ATOM   260  O OG1  . THR A 1 35  ? 9.397   -2.225  0.119   1.00 29.90  ? 336 THR A OG1  1 
ATOM   261  C CG2  . THR A 1 35  ? 7.194   -1.412  0.658   1.00 27.99  ? 336 THR A CG2  1 
ATOM   262  H H    . THR A 1 35  ? 9.543   0.364   -0.159  1.00 28.71  ? 336 THR A H    1 
ATOM   263  H HA   . THR A 1 35  ? 8.619   0.047   2.337   1.00 35.14  ? 336 THR A HA   1 
ATOM   264  H HB   . THR A 1 35  ? 8.563   -2.246  1.899   1.00 33.73  ? 336 THR A HB   1 
ATOM   265  H HG1  . THR A 1 35  ? 9.459   -1.702  -0.535  1.00 36.15  ? 336 THR A HG1  1 
ATOM   266  H HG21 . THR A 1 35  ? 6.823   -2.250  0.341   1.00 33.85  ? 336 THR A HG21 1 
ATOM   267  H HG22 . THR A 1 35  ? 6.638   -1.073  1.377   1.00 33.85  ? 336 THR A HG22 1 
ATOM   268  H HG23 . THR A 1 35  ? 7.191   -0.770  -0.070  1.00 33.85  ? 336 THR A HG23 1 
ATOM   269  N N    . ARG A 1 36  ? 11.671  -0.199  1.879   1.00 37.98  ? 337 ARG A N    1 
ATOM   270  C CA   . ARG A 1 36  ? 12.907  -0.483  2.593   1.00 40.45  ? 337 ARG A CA   1 
ATOM   271  C C    . ARG A 1 36  ? 13.144  0.613   3.624   1.00 35.60  ? 337 ARG A C    1 
ATOM   272  O O    . ARG A 1 36  ? 12.790  1.778   3.427   1.00 42.01  ? 337 ARG A O    1 
ATOM   273  C CB   . ARG A 1 36  ? 14.091  -0.608  1.627   1.00 46.34  ? 337 ARG A CB   1 
ATOM   274  C CG   . ARG A 1 36  ? 14.637  0.718   1.055   1.00 48.69  ? 337 ARG A CG   1 
ATOM   275  C CD   . ARG A 1 36  ? 15.998  0.516   0.345   1.00 52.51  ? 337 ARG A CD   1 
ATOM   276  N NE   . ARG A 1 36  ? 15.956  -0.571  -0.640  1.00 55.58  ? 337 ARG A NE   1 
ATOM   277  C CZ   . ARG A 1 36  ? 15.873  -0.415  -1.963  1.00 55.78  ? 337 ARG A CZ   1 
ATOM   278  N NH1  . ARG A 1 36  ? 15.826  0.802   -2.514  1.00 60.07  ? 337 ARG A NH1  1 
ATOM   279  N NH2  . ARG A 1 36  ? 15.836  -1.492  -2.746  1.00 57.17  ? 337 ARG A NH2  1 
ATOM   280  H H    . ARG A 1 36  ? 11.761  0.256   1.155   1.00 45.84  ? 337 ARG A H    1 
ATOM   281  H HA   . ARG A 1 36  ? 12.814  -1.325  3.065   1.00 48.81  ? 337 ARG A HA   1 
ATOM   282  H HB2  . ARG A 1 36  ? 14.821  -1.045  2.093   1.00 55.87  ? 337 ARG A HB2  1 
ATOM   283  H HB3  . ARG A 1 36  ? 13.815  -1.156  0.876   1.00 55.87  ? 337 ARG A HB3  1 
ATOM   284  H HG2  . ARG A 1 36  ? 14.007  1.070   0.407   1.00 58.69  ? 337 ARG A HG2  1 
ATOM   285  H HG3  . ARG A 1 36  ? 14.763  1.350   1.779   1.00 58.69  ? 337 ARG A HG3  1 
ATOM   286  H HD2  . ARG A 1 36  ? 16.241  1.333   -0.117  1.00 63.27  ? 337 ARG A HD2  1 
ATOM   287  H HD3  . ARG A 1 36  ? 16.672  0.296   1.008   1.00 63.27  ? 337 ARG A HD3  1 
ATOM   288  H HE   . ARG A 1 36  ? 15.987  -1.377  -0.340  1.00 66.96  ? 337 ARG A HE   1 
ATOM   289  H HH11 . ARG A 1 36  ? 15.848  1.502   -2.015  1.00 72.35  ? 337 ARG A HH11 1 
ATOM   290  H HH12 . ARG A 1 36  ? 15.775  0.886   -3.368  1.00 72.35  ? 337 ARG A HH12 1 
ATOM   291  H HH21 . ARG A 1 36  ? 15.866  -2.278  -2.398  1.00 68.86  ? 337 ARG A HH21 1 
ATOM   292  H HH22 . ARG A 1 36  ? 15.785  -1.401  -3.600  1.00 68.86  ? 337 ARG A HH22 1 
ATOM   293  N N    . GLY A 1 37  ? 13.738  0.237   4.734   1.00 47.79  ? 338 GLY A N    1 
ATOM   294  C CA   . GLY A 1 37  ? 13.955  1.180   5.813   1.00 42.91  ? 338 GLY A CA   1 
ATOM   295  C C    . GLY A 1 37  ? 13.628  0.531   7.134   1.00 41.07  ? 338 GLY A C    1 
ATOM   296  O O    . GLY A 1 37  ? 12.930  -0.481  7.216   1.00 43.80  ? 338 GLY A O    1 
ATOM   297  H H    . GLY A 1 37  ? 14.026  -0.557  4.892   1.00 57.61  ? 338 GLY A H    1 
ATOM   298  H HA2  . GLY A 1 37  ? 14.882  1.466   5.822   1.00 51.75  ? 338 GLY A HA2  1 
ATOM   299  H HA3  . GLY A 1 37  ? 13.386  1.957   5.694   1.00 51.75  ? 338 GLY A HA3  1 
ATOM   300  N N    . SER A 1 38  ? 14.144  1.131   8.195   1.00 42.13  ? 339 SER A N    1 
ATOM   301  C CA   . SER A 1 38  ? 14.062  0.538   9.519   1.00 43.32  ? 339 SER A CA   1 
ATOM   302  C C    . SER A 1 38  ? 12.905  1.072   10.348  1.00 38.15  ? 339 SER A C    1 
ATOM   303  O O    . SER A 1 38  ? 12.586  0.484   11.387  1.00 42.05  ? 339 SER A O    1 
ATOM   304  C CB   . SER A 1 38  ? 15.372  0.791   10.264  1.00 45.41  ? 339 SER A CB   1 
ATOM   305  O OG   . SER A 1 38  ? 15.758  2.141   10.085  1.00 49.47  ? 339 SER A OG   1 
ATOM   306  H H    . SER A 1 38  ? 14.550  1.889   8.175   1.00 50.82  ? 339 SER A H    1 
ATOM   307  H HA   . SER A 1 38  ? 13.949  -0.421  9.429   1.00 52.24  ? 339 SER A HA   1 
ATOM   308  H HB2  . SER A 1 38  ? 15.241  0.618   11.209  1.00 54.76  ? 339 SER A HB2  1 
ATOM   309  H HB3  . SER A 1 38  ? 16.061  0.210   9.907   1.00 54.76  ? 339 SER A HB3  1 
ATOM   310  H HG   . SER A 1 38  ? 16.478  2.291   10.491  1.00 59.63  ? 339 SER A HG   1 
ATOM   311  N N    . ARG A 1 39  ? 12.288  2.172   9.933   1.00 38.54  ? 340 ARG A N    1 
ATOM   312  C CA   . ARG A 1 39  ? 11.141  2.739   10.634  1.00 37.91  ? 340 ARG A CA   1 
ATOM   313  C C    . ARG A 1 39  ? 9.843   2.230   10.006  1.00 33.32  ? 340 ARG A C    1 
ATOM   314  O O    . ARG A 1 39  ? 9.758   2.064   8.784   1.00 33.89  ? 340 ARG A O    1 
ATOM   315  C CB   . ARG A 1 39  ? 11.218  4.267   10.574  1.00 37.16  ? 340 ARG A CB   1 
ATOM   316  C CG   . ARG A 1 39  ? 10.140  5.016   11.344  1.00 49.39  ? 340 ARG A CG   1 
ATOM   317  C CD   . ARG A 1 39  ? 10.549  6.469   11.715  1.00 50.82  ? 340 ARG A CD   1 
ATOM   318  N NE   . ARG A 1 39  ? 11.505  6.526   12.823  1.00 55.07  ? 340 ARG A NE   1 
ATOM   319  C CZ   . ARG A 1 39  ? 11.901  7.646   13.428  1.00 53.49  ? 340 ARG A CZ   1 
ATOM   320  N NH1  . ARG A 1 39  ? 11.428  8.824   13.053  1.00 46.95  ? 340 ARG A NH1  1 
ATOM   321  N NH2  . ARG A 1 39  ? 12.780  7.586   14.421  1.00 55.78  ? 340 ARG A NH2  1 
ATOM   322  H H    . ARG A 1 39  ? 12.519  2.616   9.235   1.00 46.52  ? 340 ARG A H    1 
ATOM   323  H HA   . ARG A 1 39  ? 11.163  2.466   11.565  1.00 45.76  ? 340 ARG A HA   1 
ATOM   324  H HB2  . ARG A 1 39  ? 12.075  4.544   10.934  1.00 44.86  ? 340 ARG A HB2  1 
ATOM   325  H HB3  . ARG A 1 39  ? 11.154  4.540   9.645   1.00 44.86  ? 340 ARG A HB3  1 
ATOM   326  H HG2  . ARG A 1 39  ? 9.339   5.061   10.798  1.00 59.53  ? 340 ARG A HG2  1 
ATOM   327  H HG3  . ARG A 1 39  ? 9.953   4.539   12.167  1.00 59.53  ? 340 ARG A HG3  1 
ATOM   328  H HD2  . ARG A 1 39  ? 10.961  6.887   10.942  1.00 61.24  ? 340 ARG A HD2  1 
ATOM   329  H HD3  . ARG A 1 39  ? 9.757   6.962   11.976  1.00 61.24  ? 340 ARG A HD3  1 
ATOM   330  H HE   . ARG A 1 39  ? 11.833  5.783   13.104  1.00 66.34  ? 340 ARG A HE   1 
ATOM   331  H HH11 . ARG A 1 39  ? 10.860  8.874   12.410  1.00 56.61  ? 340 ARG A HH11 1 
ATOM   332  H HH12 . ARG A 1 39  ? 11.690  9.540   13.452  1.00 56.61  ? 340 ARG A HH12 1 
ATOM   333  H HH21 . ARG A 1 39  ? 13.092  6.825   14.673  1.00 67.19  ? 340 ARG A HH21 1 
ATOM   334  H HH22 . ARG A 1 39  ? 13.034  8.306   14.815  1.00 67.19  ? 340 ARG A HH22 1 
ATOM   335  N N    . ALA A 1 40  ? 8.846   1.948   10.855  1.00 30.47  ? 341 ALA A N    1 
ATOM   336  C CA   . ALA A 1 40  ? 7.569   1.405   10.397  1.00 32.65  ? 341 ALA A CA   1 
ATOM   337  C C    . ALA A 1 40  ? 6.638   2.453   9.803   1.00 34.36  ? 341 ALA A C    1 
ATOM   338  O O    . ALA A 1 40  ? 5.619   2.081   9.199   1.00 35.44  ? 341 ALA A O    1 
ATOM   339  C CB   . ALA A 1 40  ? 6.832   0.740   11.549  1.00 39.30  ? 341 ALA A CB   1 
ATOM   340  H H    . ALA A 1 40  ? 8.890   2.066   11.706  1.00 36.82  ? 341 ALA A H    1 
ATOM   341  H HA   . ALA A 1 40  ? 7.737   0.733   9.718   1.00 39.45  ? 341 ALA A HA   1 
ATOM   342  H HB1  . ALA A 1 40  ? 5.989   0.387   11.222  1.00 47.42  ? 341 ALA A HB1  1 
ATOM   343  H HB2  . ALA A 1 40  ? 7.379   0.018   11.898  1.00 47.42  ? 341 ALA A HB2  1 
ATOM   344  H HB3  . ALA A 1 40  ? 6.670   1.398   12.241  1.00 47.42  ? 341 ALA A HB3  1 
ATOM   345  N N    . PHE A 1 41  ? 6.960   3.730   9.962   1.00 25.11  ? 342 PHE A N    1 
ATOM   346  C CA   . PHE A 1 41  ? 6.183   4.844   9.438   1.00 29.74  ? 342 PHE A CA   1 
ATOM   347  C C    . PHE A 1 41  ? 6.994   5.600   8.392   1.00 33.11  ? 342 PHE A C    1 
ATOM   348  O O    . PHE A 1 41  ? 8.150   5.958   8.639   1.00 31.55  ? 342 PHE A O    1 
ATOM   349  C CB   . PHE A 1 41  ? 5.778   5.787   10.575  1.00 32.22  ? 342 PHE A CB   1 
ATOM   350  C CG   . PHE A 1 41  ? 5.157   5.081   11.721  1.00 29.75  ? 342 PHE A CG   1 
ATOM   351  C CD1  . PHE A 1 41  ? 3.918   4.464   11.581  1.00 37.66  ? 342 PHE A CD1  1 
ATOM   352  C CD2  . PHE A 1 41  ? 5.831   4.969   12.937  1.00 36.47  ? 342 PHE A CD2  1 
ATOM   353  C CE1  . PHE A 1 41  ? 3.345   3.783   12.631  1.00 35.43  ? 342 PHE A CE1  1 
ATOM   354  C CE2  . PHE A 1 41  ? 5.269   4.281   14.000  1.00 34.60  ? 342 PHE A CE2  1 
ATOM   355  C CZ   . PHE A 1 41  ? 4.023   3.686   13.846  1.00 33.07  ? 342 PHE A CZ   1 
ATOM   356  H H    . PHE A 1 41  ? 7.660   3.987   10.391  1.00 30.39  ? 342 PHE A H    1 
ATOM   357  H HA   . PHE A 1 41  ? 5.377   4.506   9.017   1.00 35.95  ? 342 PHE A HA   1 
ATOM   358  H HB2  . PHE A 1 41  ? 6.569   6.246   10.899  1.00 38.93  ? 342 PHE A HB2  1 
ATOM   359  H HB3  . PHE A 1 41  ? 5.137   6.431   10.236  1.00 38.93  ? 342 PHE A HB3  1 
ATOM   360  H HD1  . PHE A 1 41  ? 3.465   4.526   10.771  1.00 45.46  ? 342 PHE A HD1  1 
ATOM   361  H HD2  . PHE A 1 41  ? 6.667   5.366   13.037  1.00 44.03  ? 342 PHE A HD2  1 
ATOM   362  H HE1  . PHE A 1 41  ? 2.511   3.384   12.528  1.00 42.78  ? 342 PHE A HE1  1 
ATOM   363  H HE2  . PHE A 1 41  ? 5.720   4.221   14.811  1.00 41.78  ? 342 PHE A HE2  1 
ATOM   364  H HZ   . PHE A 1 41  ? 3.637   3.229   14.557  1.00 39.94  ? 342 PHE A HZ   1 
ATOM   365  N N    . LEU A 1 42  ? 6.379   5.865   7.237   1.00 28.98  ? 343 LEU A N    1 
ATOM   366  C CA   . LEU A 1 42  ? 6.981   6.733   6.243   1.00 30.48  ? 343 LEU A CA   1 
ATOM   367  C C    . LEU A 1 42  ? 7.142   8.144   6.816   1.00 28.42  ? 343 LEU A C    1 
ATOM   368  O O    . LEU A 1 42  ? 6.336   8.605   7.624   1.00 27.02  ? 343 LEU A O    1 
ATOM   369  C CB   . LEU A 1 42  ? 6.122   6.783   4.974   1.00 31.21  ? 343 LEU A CB   1 
ATOM   370  C CG   . LEU A 1 42  ? 5.624   5.492   4.299   1.00 28.34  ? 343 LEU A CG   1 
ATOM   371  C CD1  . LEU A 1 42  ? 4.946   5.854   2.983   1.00 29.94  ? 343 LEU A CD1  1 
ATOM   372  C CD2  . LEU A 1 42  ? 6.740   4.511   4.069   1.00 34.07  ? 343 LEU A CD2  1 
ATOM   373  H H    . LEU A 1 42  ? 5.611   5.552   7.012   1.00 35.04  ? 343 LEU A H    1 
ATOM   374  H HA   . LEU A 1 42  ? 7.860   6.396   6.006   1.00 36.85  ? 343 LEU A HA   1 
ATOM   375  H HB2  . LEU A 1 42  ? 5.329   7.301   5.185   1.00 37.72  ? 343 LEU A HB2  1 
ATOM   376  H HB3  . LEU A 1 42  ? 6.632   7.260   4.301   1.00 37.72  ? 343 LEU A HB3  1 
ATOM   377  H HG   . LEU A 1 42  ? 4.965   5.069   4.871   1.00 34.27  ? 343 LEU A HG   1 
ATOM   378  H HD11 . LEU A 1 42  ? 4.631   5.041   2.556   1.00 36.19  ? 343 LEU A HD11 1 
ATOM   379  H HD12 . LEU A 1 42  ? 4.197   6.443   3.166   1.00 36.19  ? 343 LEU A HD12 1 
ATOM   380  H HD13 . LEU A 1 42  ? 5.588   6.302   2.411   1.00 36.19  ? 343 LEU A HD13 1 
ATOM   381  H HD21 . LEU A 1 42  ? 6.379   3.717   3.644   1.00 41.14  ? 343 LEU A HD21 1 
ATOM   382  H HD22 . LEU A 1 42  ? 7.406   4.920   3.496   1.00 41.14  ? 343 LEU A HD22 1 
ATOM   383  H HD23 . LEU A 1 42  ? 7.136   4.278   4.924   1.00 41.14  ? 343 LEU A HD23 1 
ATOM   384  N N    . SER A 1 43  ? 8.221   8.816   6.429   1.00 29.69  ? 344 SER A N    1 
ATOM   385  C CA   . SER A 1 43  ? 8.331   10.233  6.727   1.00 33.12  ? 344 SER A CA   1 
ATOM   386  C C    . SER A 1 43  ? 7.435   11.041  5.800   1.00 33.10  ? 344 SER A C    1 
ATOM   387  O O    . SER A 1 43  ? 6.995   10.578  4.751   1.00 28.85  ? 344 SER A O    1 
ATOM   388  C CB   . SER A 1 43  ? 9.771   10.712  6.573   1.00 28.28  ? 344 SER A CB   1 
ATOM   389  O OG   . SER A 1 43  ? 10.131  10.762  5.199   1.00 29.64  ? 344 SER A OG   1 
ATOM   390  H H    . SER A 1 43  ? 8.887   8.482   6.001   1.00 35.89  ? 344 SER A H    1 
ATOM   391  H HA   . SER A 1 43  ? 8.050   10.394  7.642   1.00 40.01  ? 344 SER A HA   1 
ATOM   392  H HB2  . SER A 1 43  ? 9.852   11.601  6.954   1.00 34.20  ? 344 SER A HB2  1 
ATOM   393  H HB3  . SER A 1 43  ? 10.361  10.098  7.034   1.00 34.20  ? 344 SER A HB3  1 
ATOM   394  H HG   . SER A 1 43  ? 10.925  11.027  5.119   1.00 35.83  ? 344 SER A HG   1 
ATOM   395  N N    . ARG A 1 44  ? 7.214   12.289  6.187   1.00 33.45  ? 345 ARG A N    1 
ATOM   396  C CA   . ARG A 1 44  ? 6.446   13.208  5.363   1.00 35.81  ? 345 ARG A CA   1 
ATOM   397  C C    . ARG A 1 44  ? 7.074   13.337  3.984   1.00 36.13  ? 345 ARG A C    1 
ATOM   398  O O    . ARG A 1 44  ? 6.374   13.321  2.962   1.00 32.96  ? 345 ARG A O    1 
ATOM   399  C CB   . ARG A 1 44  ? 6.387   14.561  6.084   1.00 39.56  ? 345 ARG A CB   1 
ATOM   400  C CG   . ARG A 1 44  ? 5.604   15.629  5.389   1.00 45.40  ? 345 ARG A CG   1 
ATOM   401  C CD   . ARG A 1 44  ? 5.261   16.798  6.328   1.00 42.25  ? 345 ARG A CD   1 
ATOM   402  N NE   . ARG A 1 44  ? 4.111   17.531  5.794   1.00 52.11  ? 345 ARG A NE   1 
ATOM   403  C CZ   . ARG A 1 44  ? 4.186   18.586  4.979   1.00 54.61  ? 345 ARG A CZ   1 
ATOM   404  N NH1  . ARG A 1 44  ? 5.363   19.069  4.603   1.00 59.16  ? 345 ARG A NH1  1 
ATOM   405  N NH2  . ARG A 1 44  ? 3.074   19.168  4.534   1.00 56.37  ? 345 ARG A NH2  1 
ATOM   406  H H    . ARG A 1 44  ? 7.497   12.629  6.924   1.00 40.41  ? 345 ARG A H    1 
ATOM   407  H HA   . ARG A 1 44  ? 5.542   12.873  5.260   1.00 43.23  ? 345 ARG A HA   1 
ATOM   408  H HB2  . ARG A 1 44  ? 5.984   14.426  6.956   1.00 47.73  ? 345 ARG A HB2  1 
ATOM   409  H HB3  . ARG A 1 44  ? 7.293   14.890  6.195   1.00 47.73  ? 345 ARG A HB3  1 
ATOM   410  H HG2  . ARG A 1 44  ? 6.128   15.979  4.651   1.00 54.74  ? 345 ARG A HG2  1 
ATOM   411  H HG3  . ARG A 1 44  ? 4.773   15.252  5.061   1.00 54.74  ? 345 ARG A HG3  1 
ATOM   412  H HD2  . ARG A 1 44  ? 5.030   16.455  7.205   1.00 50.96  ? 345 ARG A HD2  1 
ATOM   413  H HD3  . ARG A 1 44  ? 6.016   17.404  6.384   1.00 50.96  ? 345 ARG A HD3  1 
ATOM   414  H HE   . ARG A 1 44  ? 3.327   17.260  6.021   1.00 62.80  ? 345 ARG A HE   1 
ATOM   415  H HH11 . ARG A 1 44  ? 6.088   18.698  4.879   1.00 71.25  ? 345 ARG A HH11 1 
ATOM   416  H HH12 . ARG A 1 44  ? 5.401   19.751  4.080   1.00 71.25  ? 345 ARG A HH12 1 
ATOM   417  H HH21 . ARG A 1 44  ? 2.305   18.868  4.775   1.00 67.90  ? 345 ARG A HH21 1 
ATOM   418  H HH22 . ARG A 1 44  ? 3.124   19.853  4.017   1.00 67.90  ? 345 ARG A HH22 1 
ATOM   419  N N    . GLU A 1 45  ? 8.408   13.398  3.944   1.00 34.86  ? 346 GLU A N    1 
ATOM   420  C CA   . GLU A 1 45  ? 9.140   13.540  2.697   1.00 35.90  ? 346 GLU A CA   1 
ATOM   421  C C    . GLU A 1 45  ? 8.989   12.298  1.844   1.00 30.60  ? 346 GLU A C    1 
ATOM   422  O O    . GLU A 1 45  ? 8.742   12.390  0.640   1.00 33.48  ? 346 GLU A O    1 
ATOM   423  C CB   . GLU A 1 45  ? 10.621  13.827  2.997   1.00 42.84  ? 346 GLU A CB   1 
ATOM   424  C CG   . GLU A 1 45  ? 10.856  14.935  4.086   1.00 55.49  ? 346 GLU A CG   1 
ATOM   425  C CD   . GLU A 1 45  ? 10.986  14.409  5.549   1.00 55.10  ? 346 GLU A CD   1 
ATOM   426  O OE1  . GLU A 1 45  ? 12.125  14.062  5.976   1.00 58.30  ? 346 GLU A OE1  1 
ATOM   427  O OE2  . GLU A 1 45  ? 9.959   14.354  6.278   1.00 37.51  ? 346 GLU A OE2  1 
ATOM   428  H H    . GLU A 1 45  ? 8.913   13.358  4.639   1.00 42.10  ? 346 GLU A H    1 
ATOM   429  H HA   . GLU A 1 45  ? 8.781   14.292  2.201   1.00 43.35  ? 346 GLU A HA   1 
ATOM   430  H HB2  . GLU A 1 45  ? 11.038  13.011  3.312   1.00 51.68  ? 346 GLU A HB2  1 
ATOM   431  H HB3  . GLU A 1 45  ? 11.052  14.121  2.179   1.00 51.68  ? 346 GLU A HB3  1 
ATOM   432  H HG2  . GLU A 1 45  ? 11.674  15.409  3.872   1.00 66.85  ? 346 GLU A HG2  1 
ATOM   433  H HG3  . GLU A 1 45  ? 10.107  15.552  4.064   1.00 66.85  ? 346 GLU A HG3  1 
ATOM   434  N N    . GLU A 1 46  ? 9.090   11.124  2.459   1.00 29.55  ? 347 GLU A N    1 
ATOM   435  C CA   . GLU A 1 46  ? 9.026   9.887   1.695   1.00 32.71  ? 347 GLU A CA   1 
ATOM   436  C C    . GLU A 1 46  ? 7.630   9.673   1.134   1.00 28.51  ? 347 GLU A C    1 
ATOM   437  O O    . GLU A 1 46  ? 7.472   9.239   -0.015  1.00 26.84  ? 347 GLU A O    1 
ATOM   438  C CB   . GLU A 1 46  ? 9.421   8.709   2.570   1.00 35.70  ? 347 GLU A CB   1 
ATOM   439  C CG   . GLU A 1 46  ? 10.897  8.626   2.932   1.00 36.08  ? 347 GLU A CG   1 
ATOM   440  C CD   . GLU A 1 46  ? 11.139  7.643   4.058   1.00 36.95  ? 347 GLU A CD   1 
ATOM   441  O OE1  . GLU A 1 46  ? 10.162  7.280   4.757   1.00 30.87  ? 347 GLU A OE1  1 
ATOM   442  O OE2  . GLU A 1 46  ? 12.295  7.222   4.255   1.00 36.62  ? 347 GLU A OE2  1 
ATOM   443  H H    . GLU A 1 46  ? 9.195   11.018  3.306   1.00 35.73  ? 347 GLU A H    1 
ATOM   444  H HA   . GLU A 1 46  ? 9.648   9.936   0.953   1.00 39.52  ? 347 GLU A HA   1 
ATOM   445  H HB2  . GLU A 1 46  ? 8.921   8.762   3.400   1.00 43.10  ? 347 GLU A HB2  1 
ATOM   446  H HB3  . GLU A 1 46  ? 9.189   7.890   2.105   1.00 43.10  ? 347 GLU A HB3  1 
ATOM   447  H HG2  . GLU A 1 46  ? 11.401  8.331   2.157   1.00 43.56  ? 347 GLU A HG2  1 
ATOM   448  H HG3  . GLU A 1 46  ? 11.206  9.500   3.219   1.00 43.56  ? 347 GLU A HG3  1 
ATOM   449  N N    . ALA A 1 47  ? 6.611   9.971   1.929   1.00 31.03  ? 348 ALA A N    1 
ATOM   450  C CA   . ALA A 1 47  ? 5.248   9.815   1.452   1.00 26.96  ? 348 ALA A CA   1 
ATOM   451  C C    . ALA A 1 47  ? 4.964   10.771  0.302   1.00 27.88  ? 348 ALA A C    1 
ATOM   452  O O    . ALA A 1 47  ? 4.363   10.385  -0.706  1.00 28.59  ? 348 ALA A O    1 
ATOM   453  C CB   . ALA A 1 47  ? 4.273   10.042  2.602   1.00 30.42  ? 348 ALA A CB   1 
ATOM   454  H H    . ALA A 1 47  ? 6.681   10.260  2.737   1.00 37.50  ? 348 ALA A H    1 
ATOM   455  H HA   . ALA A 1 47  ? 5.126   8.909   1.128   1.00 32.61  ? 348 ALA A HA   1 
ATOM   456  H HB1  . ALA A 1 47  ? 3.367   9.936   2.272   1.00 36.77  ? 348 ALA A HB1  1 
ATOM   457  H HB2  . ALA A 1 47  ? 4.451   9.392   3.298   1.00 36.77  ? 348 ALA A HB2  1 
ATOM   458  H HB3  . ALA A 1 47  ? 4.397   10.940  2.947   1.00 36.77  ? 348 ALA A HB3  1 
ATOM   459  N N    . GLN A 1 48  ? 5.383   12.031  0.423   1.00 29.24  ? 349 GLN A N    1 
ATOM   460  C CA   . GLN A 1 48  ? 5.135   12.984  -0.658  1.00 32.89  ? 349 GLN A CA   1 
ATOM   461  C C    . GLN A 1 48  ? 5.847   12.572  -1.942  1.00 29.80  ? 349 GLN A C    1 
ATOM   462  O O    . GLN A 1 48  ? 5.290   12.697  -3.042  1.00 29.32  ? 349 GLN A O    1 
ATOM   463  C CB   . GLN A 1 48  ? 5.565   14.383  -0.230  1.00 40.86  ? 349 GLN A CB   1 
ATOM   464  C CG   . GLN A 1 48  ? 4.666   14.953  0.850   1.00 44.20  ? 349 GLN A CG   1 
ATOM   465  C CD   . GLN A 1 48  ? 4.879   16.436  1.076   1.00 54.82  ? 349 GLN A CD   1 
ATOM   466  O OE1  . GLN A 1 48  ? 5.711   17.076  0.419   1.00 59.45  ? 349 GLN A OE1  1 
ATOM   467  N NE2  . GLN A 1 48  ? 4.116   16.994  2.008   1.00 57.93  ? 349 GLN A NE2  1 
ATOM   468  H H    . GLN A 1 48  ? 5.803   12.352  1.103   1.00 35.36  ? 349 GLN A H    1 
ATOM   469  H HA   . GLN A 1 48  ? 4.183   13.009  -0.840  1.00 39.73  ? 349 GLN A HA   1 
ATOM   470  H HB2  . GLN A 1 48  ? 6.469   14.345  0.119   1.00 49.30  ? 349 GLN A HB2  1 
ATOM   471  H HB3  . GLN A 1 48  ? 5.528   14.975  -0.997  1.00 49.30  ? 349 GLN A HB3  1 
ATOM   472  H HG2  . GLN A 1 48  ? 3.740   14.819  0.592   1.00 53.31  ? 349 GLN A HG2  1 
ATOM   473  H HG3  . GLN A 1 48  ? 4.847   14.494  1.685   1.00 53.31  ? 349 GLN A HG3  1 
ATOM   474  H HE21 . GLN A 1 48  ? 3.546   16.516  2.440   1.00 69.78  ? 349 GLN A HE21 1 
ATOM   475  H HE22 . GLN A 1 48  ? 4.192   17.833  2.181   1.00 69.78  ? 349 GLN A HE22 1 
ATOM   476  N N    . HIS A 1 49  ? 7.086   12.097  -1.819  1.00 29.16  ? 350 HIS A N    1 
ATOM   477  C CA   . HIS A 1 49  ? 7.816   11.578  -2.970  1.00 30.49  ? 350 HIS A CA   1 
ATOM   478  C C    . HIS A 1 49  ? 7.101   10.387  -3.585  1.00 30.82  ? 350 HIS A C    1 
ATOM   479  O O    . HIS A 1 49  ? 6.904   10.332  -4.801  1.00 32.61  ? 350 HIS A O    1 
ATOM   480  C CB   . HIS A 1 49  ? 9.234   11.187  -2.551  1.00 37.14  ? 350 HIS A CB   1 
ATOM   481  C CG   . HIS A 1 49  ? 9.944   10.318  -3.546  1.00 45.03  ? 350 HIS A CG   1 
ATOM   482  N ND1  . HIS A 1 49  ? 10.091  8.956   -3.370  1.00 51.01  ? 350 HIS A ND1  1 
ATOM   483  C CD2  . HIS A 1 49  ? 10.535  10.611  -4.728  1.00 47.40  ? 350 HIS A CD2  1 
ATOM   484  C CE1  . HIS A 1 49  ? 10.754  8.450   -4.397  1.00 50.04  ? 350 HIS A CE1  1 
ATOM   485  N NE2  . HIS A 1 49  ? 11.027  9.432   -5.238  1.00 48.21  ? 350 HIS A NE2  1 
ATOM   486  H H    . HIS A 1 49  ? 7.524   12.067  -1.079  1.00 35.26  ? 350 HIS A H    1 
ATOM   487  H HA   . HIS A 1 49  ? 7.880   12.273  -3.646  1.00 36.85  ? 350 HIS A HA   1 
ATOM   488  H HB2  . HIS A 1 49  ? 9.759   11.995  -2.436  1.00 44.83  ? 350 HIS A HB2  1 
ATOM   489  H HB3  . HIS A 1 49  ? 9.189   10.703  -1.713  1.00 44.83  ? 350 HIS A HB3  1 
ATOM   490  H HD2  . HIS A 1 49  ? 10.596  11.451  -5.122  1.00 57.15  ? 350 HIS A HD2  1 
ATOM   491  H HE1  . HIS A 1 49  ? 10.978  7.554   -4.512  1.00 60.31  ? 350 HIS A HE1  1 
ATOM   492  H HE2  . HIS A 1 49  ? 11.452  9.348   -5.981  1.00 58.11  ? 350 HIS A HE2  1 
ATOM   493  N N    . PHE A 1 50  ? 6.689   9.434   -2.749  1.00 30.75  ? 351 PHE A N    1 
ATOM   494  C CA   . PHE A 1 50  ? 5.986   8.259   -3.246  1.00 31.85  ? 351 PHE A CA   1 
ATOM   495  C C    . PHE A 1 50  ? 4.754   8.666   -4.047  1.00 24.97  ? 351 PHE A C    1 
ATOM   496  O O    . PHE A 1 50  ? 4.558   8.204   -5.181  1.00 25.86  ? 351 PHE A O    1 
ATOM   497  C CB   . PHE A 1 50  ? 5.592   7.339   -2.084  1.00 28.49  ? 351 PHE A CB   1 
ATOM   498  C CG   . PHE A 1 50  ? 4.762   6.154   -2.521  1.00 27.26  ? 351 PHE A CG   1 
ATOM   499  C CD1  . PHE A 1 50  ? 5.334   5.120   -3.225  1.00 32.73  ? 351 PHE A CD1  1 
ATOM   500  C CD2  . PHE A 1 50  ? 3.418   6.085   -2.213  1.00 32.64  ? 351 PHE A CD2  1 
ATOM   501  C CE1  . PHE A 1 50  ? 4.571   4.034   -3.636  1.00 31.70  ? 351 PHE A CE1  1 
ATOM   502  C CE2  . PHE A 1 50  ? 2.643   4.994   -2.621  1.00 31.48  ? 351 PHE A CE2  1 
ATOM   503  C CZ   . PHE A 1 50  ? 3.217   3.978   -3.326  1.00 28.51  ? 351 PHE A CZ   1 
ATOM   504  H H    . PHE A 1 50  ? 6.803   9.446   -1.896  1.00 37.16  ? 351 PHE A H    1 
ATOM   505  H HA   . PHE A 1 50  ? 6.576   7.764   -3.834  1.00 38.49  ? 351 PHE A HA   1 
ATOM   506  H HB2  . PHE A 1 50  ? 6.398   7.000   -1.664  1.00 34.45  ? 351 PHE A HB2  1 
ATOM   507  H HB3  . PHE A 1 50  ? 5.072   7.847   -1.442  1.00 34.45  ? 351 PHE A HB3  1 
ATOM   508  H HD1  . PHE A 1 50  ? 6.238   5.155   -3.440  1.00 39.54  ? 351 PHE A HD1  1 
ATOM   509  H HD2  . PHE A 1 50  ? 3.020   6.778   -1.737  1.00 39.43  ? 351 PHE A HD2  1 
ATOM   510  H HE1  . PHE A 1 50  ? 4.967   3.342   -4.114  1.00 38.31  ? 351 PHE A HE1  1 
ATOM   511  H HE2  . PHE A 1 50  ? 1.738   4.962   -2.410  1.00 38.04  ? 351 PHE A HE2  1 
ATOM   512  H HZ   . PHE A 1 50  ? 2.706   3.249   -3.594  1.00 34.47  ? 351 PHE A HZ   1 
ATOM   513  N N    . VAL A 1 51  ? 3.939   9.568   -3.491  1.00 26.31  ? 352 VAL A N    1 
ATOM   514  C CA   . VAL A 1 51  ? 2.719   10.012  -4.166  1.00 28.78  ? 352 VAL A CA   1 
ATOM   515  C C    . VAL A 1 51  ? 3.027   10.745  -5.475  1.00 27.61  ? 352 VAL A C    1 
ATOM   516  O O    . VAL A 1 51  ? 2.327   10.573  -6.484  1.00 28.20  ? 352 VAL A O    1 
ATOM   517  C CB   . VAL A 1 51  ? 1.912   10.878  -3.199  1.00 28.25  ? 352 VAL A CB   1 
ATOM   518  C CG1  . VAL A 1 51  ? 0.802   11.587  -3.919  1.00 41.04  ? 352 VAL A CG1  1 
ATOM   519  C CG2  . VAL A 1 51  ? 1.373   9.985   -2.134  1.00 34.65  ? 352 VAL A CG2  1 
ATOM   520  H H    . VAL A 1 51  ? 4.072   9.936   -2.725  1.00 31.83  ? 352 VAL A H    1 
ATOM   521  H HA   . VAL A 1 51  ? 2.183   9.233   -4.383  1.00 34.80  ? 352 VAL A HA   1 
ATOM   522  H HB   . VAL A 1 51  ? 2.492   11.538  -2.789  1.00 34.16  ? 352 VAL A HB   1 
ATOM   523  H HG11 . VAL A 1 51  ? 0.308   12.128  -3.283  1.00 49.51  ? 352 VAL A HG11 1 
ATOM   524  H HG12 . VAL A 1 51  ? 1.184   12.154  -4.608  1.00 49.51  ? 352 VAL A HG12 1 
ATOM   525  H HG13 . VAL A 1 51  ? 0.214   10.929  -4.321  1.00 49.51  ? 352 VAL A HG13 1 
ATOM   526  H HG21 . VAL A 1 51  ? 0.857   10.517  -1.509  1.00 41.84  ? 352 VAL A HG21 1 
ATOM   527  H HG22 . VAL A 1 51  ? 0.806   9.312   -2.544  1.00 41.84  ? 352 VAL A HG22 1 
ATOM   528  H HG23 . VAL A 1 51  ? 2.113   9.560   -1.675  1.00 41.84  ? 352 VAL A HG23 1 
ATOM   529  N N    . LYS A 1 52  ? 4.037   11.601  -5.473  1.00 27.27  ? 353 LYS A N    1 
ATOM   530  C CA   . LYS A 1 52  ? 4.430   12.298  -6.698  1.00 26.76  ? 353 LYS A CA   1 
ATOM   531  C C    . LYS A 1 52  ? 4.794   11.309  -7.793  1.00 28.36  ? 353 LYS A C    1 
ATOM   532  O O    . LYS A 1 52  ? 4.301   11.409  -8.927  1.00 28.80  ? 353 LYS A O    1 
ATOM   533  C CB   . LYS A 1 52  ? 5.603   13.232  -6.398  1.00 30.05  ? 353 LYS A CB   1 
ATOM   534  C CG   . LYS A 1 52  ? 6.222   13.844  -7.641  1.00 36.04  ? 353 LYS A CG   1 
ATOM   535  C CD   . LYS A 1 52  ? 6.924   15.139  -7.307  1.00 44.59  ? 353 LYS A CD   1 
ATOM   536  C CE   . LYS A 1 52  ? 7.916   15.526  -8.395  1.00 61.38  ? 353 LYS A CE   1 
ATOM   537  N NZ   . LYS A 1 52  ? 9.324   15.116  -8.060  1.00 66.09  ? 353 LYS A NZ   1 
ATOM   538  H H    . LYS A 1 52  ? 4.511   11.798  -4.783  1.00 32.99  ? 353 LYS A H    1 
ATOM   539  H HA   . LYS A 1 52  ? 3.687   12.837  -7.011  1.00 32.37  ? 353 LYS A HA   1 
ATOM   540  H HB2  . LYS A 1 52  ? 5.290   13.957  -5.834  1.00 36.33  ? 353 LYS A HB2  1 
ATOM   541  H HB3  . LYS A 1 52  ? 6.293   12.731  -5.937  1.00 36.33  ? 353 LYS A HB3  1 
ATOM   542  H HG2  . LYS A 1 52  ? 6.874   13.230  -8.013  1.00 43.51  ? 353 LYS A HG2  1 
ATOM   543  H HG3  . LYS A 1 52  ? 5.525   14.032  -8.291  1.00 43.51  ? 353 LYS A HG3  1 
ATOM   544  H HD2  . LYS A 1 52  ? 6.267   15.849  -7.228  1.00 53.77  ? 353 LYS A HD2  1 
ATOM   545  H HD3  . LYS A 1 52  ? 7.409   15.035  -6.474  1.00 53.77  ? 353 LYS A HD3  1 
ATOM   546  H HE2  . LYS A 1 52  ? 7.665   15.088  -9.223  1.00 73.92  ? 353 LYS A HE2  1 
ATOM   547  H HE3  . LYS A 1 52  ? 7.902   16.489  -8.509  1.00 73.92  ? 353 LYS A HE3  1 
ATOM   548  H HZ1  . LYS A 1 52  ? 9.874   15.357  -8.715  1.00 79.58  ? 353 LYS A HZ1  1 
ATOM   549  H HZ2  . LYS A 1 52  ? 9.583   15.509  -7.304  1.00 79.58  ? 353 LYS A HZ2  1 
ATOM   550  H HZ3  . LYS A 1 52  ? 9.366   14.233  -7.956  1.00 79.58  ? 353 LYS A HZ3  1 
ATOM   551  N N    . GLU A 1 53  ? 5.606   10.302  -7.449  1.00 26.66  ? 354 GLU A N    1 
ATOM   552  C CA   . GLU A 1 53  ? 6.014   9.310   -8.436  1.00 31.75  ? 354 GLU A CA   1 
ATOM   553  C C    . GLU A 1 53  ? 4.844   8.458   -8.888  1.00 29.52  ? 354 GLU A C    1 
ATOM   554  O O    . GLU A 1 53  ? 4.743   8.112   -10.066 1.00 32.81  ? 354 GLU A O    1 
ATOM   555  C CB   . GLU A 1 53  ? 7.109   8.417   -7.860  1.00 29.80  ? 354 GLU A CB   1 
ATOM   556  C CG   . GLU A 1 53  ? 8.458   9.083   -7.686  1.00 36.59  ? 354 GLU A CG   1 
ATOM   557  C CD   . GLU A 1 53  ? 8.981   9.710   -8.970  1.00 47.90  ? 354 GLU A CD   1 
ATOM   558  O OE1  . GLU A 1 53  ? 8.947   9.031   -10.018 1.00 54.32  ? 354 GLU A OE1  1 
ATOM   559  O OE2  . GLU A 1 53  ? 9.408   10.889  -8.926  1.00 54.13  ? 354 GLU A OE2  1 
ATOM   560  H H    . GLU A 1 53  ? 5.927   10.177  -6.661  1.00 32.25  ? 354 GLU A H    1 
ATOM   561  H HA   . GLU A 1 53  ? 6.374   9.766   -9.213  1.00 38.37  ? 354 GLU A HA   1 
ATOM   562  H HB2  . GLU A 1 53  ? 6.824   8.103   -6.988  1.00 36.03  ? 354 GLU A HB2  1 
ATOM   563  H HB3  . GLU A 1 53  ? 7.233   7.660   -8.454  1.00 36.03  ? 354 GLU A HB3  1 
ATOM   564  H HG2  . GLU A 1 53  ? 8.379   9.785   -7.021  1.00 44.18  ? 354 GLU A HG2  1 
ATOM   565  H HG3  . GLU A 1 53  ? 9.102   8.420   -7.393  1.00 44.18  ? 354 GLU A HG3  1 
ATOM   566  N N    . CYS A 1 54  ? 3.969   8.064   -7.960  1.00 31.31  ? 355 CYS A N    1 
ATOM   567  C CA   . CYS A 1 54  ? 2.751   7.360   -8.358  1.00 29.64  ? 355 CYS A CA   1 
ATOM   568  C C    . CYS A 1 54  ? 2.012   8.092   -9.466  1.00 30.17  ? 355 CYS A C    1 
ATOM   569  O O    . CYS A 1 54  ? 1.502   7.468   -10.400 1.00 34.16  ? 355 CYS A O    1 
ATOM   570  C CB   . CYS A 1 54  ? 1.811   7.199   -7.171  1.00 32.54  ? 355 CYS A CB   1 
ATOM   571  S SG   . CYS A 1 54  ? 2.276   5.872   -6.116  1.00 36.71  ? 355 CYS A SG   1 
ATOM   572  H H    . CYS A 1 54  ? 4.056   8.189   -7.113  1.00 37.84  ? 355 CYS A H    1 
ATOM   573  H HA   . CYS A 1 54  ? 2.985   6.476   -8.681  1.00 35.83  ? 355 CYS A HA   1 
ATOM   574  H HB2  . CYS A 1 54  ? 1.818   8.016   -6.648  1.00 39.31  ? 355 CYS A HB2  1 
ATOM   575  H HB3  . CYS A 1 54  ? 0.915   7.023   -7.498  1.00 39.31  ? 355 CYS A HB3  1 
ATOM   576  H HG   . CYS A 1 54  ? 1.495   5.804   -5.207  1.00 44.31  ? 355 CYS A HG   1 
ATOM   577  N N    . GLY A 1 55  ? 1.898   9.409   -9.345  1.00 29.51  ? 356 GLY A N    1 
ATOM   578  C CA   . GLY A 1 55  ? 1.228   10.206  -10.356 1.00 29.69  ? 356 GLY A CA   1 
ATOM   579  C C    . GLY A 1 55  ? 1.841   10.083  -11.721 1.00 28.98  ? 356 GLY A C    1 
ATOM   580  O O    . GLY A 1 55  ? 1.165   10.363  -12.715 1.00 32.68  ? 356 GLY A O    1 
ATOM   581  H H    . GLY A 1 55  ? 2.204   9.865   -8.682  1.00 35.68  ? 356 GLY A H    1 
ATOM   582  H HA2  . GLY A 1 55  ? 0.299   9.932   -10.414 1.00 35.89  ? 356 GLY A HA2  1 
ATOM   583  H HA3  . GLY A 1 55  ? 1.254   11.140  -10.095 1.00 35.89  ? 356 GLY A HA3  1 
ATOM   584  N N    . LEU A 1 56  ? 3.105   9.671   -11.803 1.00 30.53  ? 357 LEU A N    1 
ATOM   585  C CA   . LEU A 1 56  ? 3.786   9.580   -13.085 1.00 29.32  ? 357 LEU A CA   1 
ATOM   586  C C    . LEU A 1 56  ? 3.792   8.170   -13.649 1.00 31.45  ? 357 LEU A C    1 
ATOM   587  O O    . LEU A 1 56  ? 4.096   7.993   -14.832 1.00 35.02  ? 357 LEU A O    1 
ATOM   588  C CB   . LEU A 1 56  ? 5.235   10.100  -12.946 1.00 33.80  ? 357 LEU A CB   1 
ATOM   589  C CG   . LEU A 1 56  ? 5.338   11.568  -12.513 1.00 33.77  ? 357 LEU A CG   1 
ATOM   590  C CD1  . LEU A 1 56  ? 6.790   11.999  -12.186 1.00 39.38  ? 357 LEU A CD1  1 
ATOM   591  C CD2  . LEU A 1 56  ? 4.736   12.486  -13.567 1.00 33.16  ? 357 LEU A CD2  1 
ATOM   592  H H    . LEU A 1 56  ? 3.588   9.439   -11.130 1.00 36.90  ? 357 LEU A H    1 
ATOM   593  H HA   . LEU A 1 56  ? 3.327   10.151  -13.722 1.00 35.45  ? 357 LEU A HA   1 
ATOM   594  H HB2  . LEU A 1 56  ? 5.696   9.564   -12.282 1.00 40.82  ? 357 LEU A HB2  1 
ATOM   595  H HB3  . LEU A 1 56  ? 5.681   10.014  -13.803 1.00 40.82  ? 357 LEU A HB3  1 
ATOM   596  H HG   . LEU A 1 56  ? 4.817   11.682  -11.702 1.00 40.78  ? 357 LEU A HG   1 
ATOM   597  H HD11 . LEU A 1 56  ? 6.791   12.932  -11.920 1.00 47.52  ? 357 LEU A HD11 1 
ATOM   598  H HD12 . LEU A 1 56  ? 7.129   11.448  -11.463 1.00 47.52  ? 357 LEU A HD12 1 
ATOM   599  H HD13 . LEU A 1 56  ? 7.339   11.880  -12.977 1.00 47.52  ? 357 LEU A HD13 1 
ATOM   600  H HD21 . LEU A 1 56  ? 4.815   13.405  -13.266 1.00 40.05  ? 357 LEU A HD21 1 
ATOM   601  H HD22 . LEU A 1 56  ? 5.218   12.368  -14.400 1.00 40.05  ? 357 LEU A HD22 1 
ATOM   602  H HD23 . LEU A 1 56  ? 3.801   12.256  -13.689 1.00 40.05  ? 357 LEU A HD23 1 
ATOM   603  N N    . LEU A 1 57  ? 3.473   7.173   -12.837 1.00 29.60  ? 358 LEU A N    1 
ATOM   604  C CA   . LEU A 1 57  ? 3.501   5.780   -13.219 1.00 28.99  ? 358 LEU A CA   1 
ATOM   605  C C    . LEU A 1 57  ? 2.066   5.241   -13.206 1.00 27.82  ? 358 LEU A C    1 
ATOM   606  O O    . LEU A 1 57  ? 1.090   6.004   -13.120 1.00 30.60  ? 358 LEU A O    1 
ATOM   607  C CB   . LEU A 1 57  ? 4.433   5.019   -12.271 1.00 29.30  ? 358 LEU A CB   1 
ATOM   608  C CG   . LEU A 1 57  ? 5.880   5.539   -12.151 1.00 29.52  ? 358 LEU A CG   1 
ATOM   609  C CD1  . LEU A 1 57  ? 6.547   4.934   -10.960 1.00 30.31  ? 358 LEU A CD1  1 
ATOM   610  C CD2  . LEU A 1 57  ? 6.632   5.199   -13.421 1.00 33.90  ? 358 LEU A CD2  1 
ATOM   611  H H    . LEU A 1 57  ? 3.226   7.292   -12.022 1.00 35.78  ? 358 LEU A H    1 
ATOM   612  H HA   . LEU A 1 57  ? 3.848   5.699   -14.120 1.00 35.05  ? 358 LEU A HA   1 
ATOM   613  H HB2  . LEU A 1 57  ? 4.046   5.044   -11.383 1.00 35.43  ? 358 LEU A HB2  1 
ATOM   614  H HB3  . LEU A 1 57  ? 4.484   4.098   -12.573 1.00 35.43  ? 358 LEU A HB3  1 
ATOM   615  H HG   . LEU A 1 57  ? 5.871   6.503   -12.046 1.00 35.69  ? 358 LEU A HG   1 
ATOM   616  H HD11 . LEU A 1 57  ? 7.454   5.273   -10.901 1.00 36.63  ? 358 LEU A HD11 1 
ATOM   617  H HD12 . LEU A 1 57  ? 6.051   5.177   -10.163 1.00 36.63  ? 358 LEU A HD12 1 
ATOM   618  H HD13 . LEU A 1 57  ? 6.560   3.970   -11.061 1.00 36.63  ? 358 LEU A HD13 1 
ATOM   619  H HD21 . LEU A 1 57  ? 7.543   5.525   -13.344 1.00 40.94  ? 358 LEU A HD21 1 
ATOM   620  H HD22 . LEU A 1 57  ? 6.635   4.235   -13.537 1.00 40.94  ? 358 LEU A HD22 1 
ATOM   621  H HD23 . LEU A 1 57  ? 6.190   5.621   -14.173 1.00 40.94  ? 358 LEU A HD23 1 
ATOM   622  N N    . ASN A 1 58  ? 1.933   3.921   -13.298 1.00 25.03  ? 359 ASN A N    1 
ATOM   623  C CA   . ASN A 1 58  ? 0.621   3.281   -13.287 1.00 27.74  ? 359 ASN A CA   1 
ATOM   624  C C    . ASN A 1 58  ? 0.261   2.979   -11.835 1.00 25.85  ? 359 ASN A C    1 
ATOM   625  O O    . ASN A 1 58  ? 0.849   2.082   -11.228 1.00 22.75  ? 359 ASN A O    1 
ATOM   626  C CB   . ASN A 1 58  ? 0.653   2.014   -14.138 1.00 30.68  ? 359 ASN A CB   1 
ATOM   627  C CG   . ASN A 1 58  ? -0.733  1.422   -14.355 1.00 27.18  ? 359 ASN A CG   1 
ATOM   628  O OD1  . ASN A 1 58  ? -1.293  0.847   -13.454 1.00 28.14  ? 359 ASN A OD1  1 
ATOM   629  N ND2  . ASN A 1 58  ? -1.271  1.561   -15.559 1.00 28.08  ? 359 ASN A ND2  1 
ATOM   630  H H    . ASN A 1 58  ? 2.590   3.372   -13.370 1.00 30.30  ? 359 ASN A H    1 
ATOM   631  H HA   . ASN A 1 58  ? -0.043  3.886   -13.652 1.00 33.55  ? 359 ASN A HA   1 
ATOM   632  H HB2  . ASN A 1 58  ? 1.028   2.226   -15.007 1.00 37.08  ? 359 ASN A HB2  1 
ATOM   633  H HB3  . ASN A 1 58  ? 1.198   1.347   -13.693 1.00 37.08  ? 359 ASN A HB3  1 
ATOM   634  H HD21 . ASN A 1 58  ? -2.053  1.240   -15.720 1.00 33.95  ? 359 ASN A HD21 1 
ATOM   635  H HD22 . ASN A 1 58  ? -0.839  1.971   -16.179 1.00 33.95  ? 359 ASN A HD22 1 
ATOM   636  N N    . CYS A 1 59  ? -0.669  3.757   -11.291 1.00 23.77  ? 360 CYS A N    1 
ATOM   637  C CA   . CYS A 1 59  ? -1.090  3.621   -9.902  1.00 27.13  ? 360 CYS A CA   1 
ATOM   638  C C    . CYS A 1 59  ? -1.601  2.230   -9.549  1.00 24.10  ? 360 CYS A C    1 
ATOM   639  O O    . CYS A 1 59  ? -1.249  1.684   -8.504  1.00 23.90  ? 360 CYS A O    1 
ATOM   640  C CB   . CYS A 1 59  ? -2.172  4.655   -9.583  1.00 32.09  ? 360 CYS A CB   1 
ATOM   641  S SG   . CYS A 1 59  ? -1.532  6.273   -9.094  1.00 60.96  ? 360 CYS A SG   1 
ATOM   642  H H    . CYS A 1 59  ? -1.079  4.383   -11.714 1.00 28.79  ? 360 CYS A H    1 
ATOM   643  H HA   . CYS A 1 59  ? -0.321  3.808   -9.324  1.00 32.82  ? 360 CYS A HA   1 
ATOM   644  H HB2  . CYS A 1 59  ? -2.724  4.782   -10.372 1.00 38.77  ? 360 CYS A HB2  1 
ATOM   645  H HB3  . CYS A 1 59  ? -2.717  4.320   -8.853  1.00 38.77  ? 360 CYS A HB3  1 
ATOM   646  H HG   . CYS A 1 59  ? -0.579  6.645   -9.960  1.00 73.42  ? 360 CYS A HG   1 
ATOM   647  N N    . GLU A 1 60  ? -2.430  1.654   -10.413 1.00 22.48  ? 361 GLU A N    1 
ATOM   648  C CA   . GLU A 1 60  ? -2.986  0.342   -10.130 1.00 22.44  ? 361 GLU A CA   1 
ATOM   649  C C    . GLU A 1 60  ? -1.884  -0.701  -10.013 1.00 28.40  ? 361 GLU A C    1 
ATOM   650  O O    . GLU A 1 60  ? -1.897  -1.539  -9.104  1.00 21.94  ? 361 GLU A O    1 
ATOM   651  C CB   . GLU A 1 60  ? -4.011  -0.047  -11.205 1.00 30.87  ? 361 GLU A CB   1 
ATOM   652  C CG   . GLU A 1 60  ? -4.513  -1.419  -10.981 1.00 34.21  ? 361 GLU A CG   1 
ATOM   653  C CD   . GLU A 1 60  ? -5.690  -1.802  -11.850 1.00 41.77  ? 361 GLU A CD   1 
ATOM   654  O OE1  . GLU A 1 60  ? -6.164  -0.950  -12.648 1.00 36.83  ? 361 GLU A OE1  1 
ATOM   655  O OE2  . GLU A 1 60  ? -6.100  -2.978  -11.717 1.00 38.64  ? 361 GLU A OE2  1 
ATOM   656  H H    . GLU A 1 60  ? -2.681  2.003   -11.157 1.00 27.24  ? 361 GLU A H    1 
ATOM   657  H HA   . GLU A 1 60  ? -3.449  0.378   -9.280  1.00 27.19  ? 361 GLU A HA   1 
ATOM   658  H HB2  . GLU A 1 60  ? -4.764  0.563   -11.168 1.00 37.31  ? 361 GLU A HB2  1 
ATOM   659  H HB3  . GLU A 1 60  ? -3.591  -0.014  -12.079 1.00 37.31  ? 361 GLU A HB3  1 
ATOM   660  H HG2  . GLU A 1 60  ? -3.796  -2.046  -11.165 1.00 41.31  ? 361 GLU A HG2  1 
ATOM   661  H HG3  . GLU A 1 60  ? -4.790  -1.502  -10.055 1.00 41.31  ? 361 GLU A HG3  1 
ATOM   662  N N    . ALA A 1 61  ? -0.892  -0.652  -10.899 1.00 24.32  ? 362 ALA A N    1 
ATOM   663  C CA   . ALA A 1 61  ? 0.194   -1.612  -10.813 1.00 24.61  ? 362 ALA A CA   1 
ATOM   664  C C    . ALA A 1 61  ? 1.006   -1.412  -9.538  1.00 23.53  ? 362 ALA A C    1 
ATOM   665  O O    . ALA A 1 61  ? 1.418   -2.382  -8.908  1.00 24.45  ? 362 ALA A O    1 
ATOM   666  C CB   . ALA A 1 61  ? 1.094   -1.492  -12.049 1.00 26.69  ? 362 ALA A CB   1 
ATOM   667  H H    . ALA A 1 61  ? -0.827  -0.086  -11.544 1.00 29.45  ? 362 ALA A H    1 
ATOM   668  H HA   . ALA A 1 61  ? -0.175  -2.508  -10.796 1.00 29.79  ? 362 ALA A HA   1 
ATOM   669  H HB1  . ALA A 1 61  ? 1.815   -2.137  -11.978 1.00 32.29  ? 362 ALA A HB1  1 
ATOM   670  H HB2  . ALA A 1 61  ? 0.565   -1.671  -12.842 1.00 32.29  ? 362 ALA A HB2  1 
ATOM   671  H HB3  . ALA A 1 61  ? 1.457   -0.593  -12.089 1.00 32.29  ? 362 ALA A HB3  1 
ATOM   672  N N    . VAL A 1 62  ? 1.249   -0.164  -9.150  1.00 20.83  ? 363 VAL A N    1 
ATOM   673  C CA   . VAL A 1 62  ? 1.900   0.116   -7.857  1.00 22.64  ? 363 VAL A CA   1 
ATOM   674  C C    . VAL A 1 62  ? 1.140   -0.539  -6.704  1.00 23.41  ? 363 VAL A C    1 
ATOM   675  O O    . VAL A 1 62  ? 1.731   -1.166  -5.806  1.00 21.51  ? 363 VAL A O    1 
ATOM   676  C CB   . VAL A 1 62  ? 2.013   1.634   -7.638  1.00 23.00  ? 363 VAL A CB   1 
ATOM   677  C CG1  . VAL A 1 62  ? 2.474   1.910   -6.199  1.00 25.18  ? 363 VAL A CG1  1 
ATOM   678  C CG2  . VAL A 1 62  ? 2.987   2.270   -8.624  1.00 24.49  ? 363 VAL A CG2  1 
ATOM   679  H H    . VAL A 1 62  ? 1.051   0.536   -9.607  1.00 25.26  ? 363 VAL A H    1 
ATOM   680  H HA   . VAL A 1 62  ? 2.798   -0.251  -7.870  1.00 27.43  ? 363 VAL A HA   1 
ATOM   681  H HB   . VAL A 1 62  ? 1.142   2.042   -7.763  1.00 27.86  ? 363 VAL A HB   1 
ATOM   682  H HG11 . VAL A 1 62  ? 2.543   2.868   -6.068  1.00 30.48  ? 363 VAL A HG11 1 
ATOM   683  H HG12 . VAL A 1 62  ? 1.824   1.537   -5.583  1.00 30.48  ? 363 VAL A HG12 1 
ATOM   684  H HG13 . VAL A 1 62  ? 3.339   1.494   -6.060  1.00 30.48  ? 363 VAL A HG13 1 
ATOM   685  H HG21 . VAL A 1 62  ? 3.030   3.224   -8.454  1.00 29.65  ? 363 VAL A HG21 1 
ATOM   686  H HG22 . VAL A 1 62  ? 3.863   1.871   -8.504  1.00 29.65  ? 363 VAL A HG22 1 
ATOM   687  H HG23 . VAL A 1 62  ? 2.672   2.108   -9.528  1.00 29.65  ? 363 VAL A HG23 1 
ATOM   688  N N    . LEU A 1 63  ? -0.179  -0.361  -6.687  1.00 22.62  ? 364 LEU A N    1 
ATOM   689  C CA   A LEU A 1 63  ? -0.993  -0.946  -5.635  0.57 22.62  ? 364 LEU A CA   1 
ATOM   690  C CA   B LEU A 1 63  ? -1.009  -0.958  -5.649  0.43 22.59  ? 364 LEU A CA   1 
ATOM   691  C C    . LEU A 1 63  ? -0.928  -2.475  -5.676  1.00 22.91  ? 364 LEU A C    1 
ATOM   692  O O    . LEU A 1 63  ? -0.834  -3.124  -4.630  1.00 25.03  ? 364 LEU A O    1 
ATOM   693  C CB   A LEU A 1 63  ? -2.435  -0.435  -5.757  0.57 23.73  ? 364 LEU A CB   1 
ATOM   694  C CB   B LEU A 1 63  ? -2.462  -0.522  -5.817  0.43 23.73  ? 364 LEU A CB   1 
ATOM   695  C CG   A LEU A 1 63  ? -3.393  -0.569  -4.562  0.57 20.21  ? 364 LEU A CG   1 
ATOM   696  C CG   B LEU A 1 63  ? -2.859  0.809   -5.205  0.43 21.76  ? 364 LEU A CG   1 
ATOM   697  C CD1  A LEU A 1 63  ? -2.807  0.119   -3.360  0.57 26.32  ? 364 LEU A CD1  1 
ATOM   698  C CD1  B LEU A 1 63  ? -4.304  1.154   -5.567  0.43 24.39  ? 364 LEU A CD1  1 
ATOM   699  C CD2  A LEU A 1 63  ? -4.772  0.031   -4.860  0.57 26.58  ? 364 LEU A CD2  1 
ATOM   700  C CD2  B LEU A 1 63  ? -2.675  0.748   -3.717  0.43 23.45  ? 364 LEU A CD2  1 
ATOM   701  H H    A LEU A 1 63  ? -0.621  0.091   -7.270  0.57 27.41  ? 364 LEU A H    1 
ATOM   702  H H    B LEU A 1 63  ? -0.616  0.100   -7.267  0.43 27.41  ? 364 LEU A H    1 
ATOM   703  H HA   A LEU A 1 63  ? -0.648  -0.659  -4.776  0.57 27.41  ? 364 LEU A HA   1 
ATOM   704  H HA   B LEU A 1 63  ? -0.700  -0.654  -4.781  0.43 27.37  ? 364 LEU A HA   1 
ATOM   705  H HB2  A LEU A 1 63  ? -2.392  0.510   -5.972  0.57 28.73  ? 364 LEU A HB2  1 
ATOM   706  H HB2  B LEU A 1 63  ? -2.653  -0.466  -6.766  0.43 28.74  ? 364 LEU A HB2  1 
ATOM   707  H HB3  A LEU A 1 63  ? -2.851  -0.905  -6.497  0.57 28.73  ? 364 LEU A HB3  1 
ATOM   708  H HB3  B LEU A 1 63  ? -3.029  -1.199  -5.417  0.43 28.74  ? 364 LEU A HB3  1 
ATOM   709  H HG   A LEU A 1 63  ? -3.509  -1.509  -4.349  0.57 24.52  ? 364 LEU A HG   1 
ATOM   710  H HG   B LEU A 1 63  ? -2.282  1.507   -5.554  0.43 26.37  ? 364 LEU A HG   1 
ATOM   711  H HD11 A LEU A 1 63  ? -3.419  0.027   -2.613  0.57 31.85  ? 364 LEU A HD11 1 
ATOM   712  H HD11 B LEU A 1 63  ? -4.535  2.007   -5.166  0.43 29.53  ? 364 LEU A HD11 1 
ATOM   713  H HD12 A LEU A 1 63  ? -1.956  -0.294  -3.142  0.57 31.85  ? 364 LEU A HD12 1 
ATOM   714  H HD12 B LEU A 1 63  ? -4.383  1.210   -6.531  0.43 29.53  ? 364 LEU A HD12 1 
ATOM   715  H HD13 A LEU A 1 63  ? -2.675  1.057   -3.566  0.57 31.85  ? 364 LEU A HD13 1 
ATOM   716  H HD13 B LEU A 1 63  ? -4.888  0.459   -5.226  0.43 29.53  ? 364 LEU A HD13 1 
ATOM   717  H HD21 A LEU A 1 63  ? -5.338  -0.078  -4.080  0.57 32.16  ? 364 LEU A HD21 1 
ATOM   718  H HD21 B LEU A 1 63  ? -2.930  1.601   -3.332  0.43 28.41  ? 364 LEU A HD21 1 
ATOM   719  H HD22 A LEU A 1 63  ? -4.669  0.973   -5.066  0.57 32.16  ? 364 LEU A HD22 1 
ATOM   720  H HD22 B LEU A 1 63  ? -3.237  0.043   -3.359  0.43 28.41  ? 364 LEU A HD22 1 
ATOM   721  H HD23 A LEU A 1 63  ? -5.161  -0.433  -5.618  0.57 32.16  ? 364 LEU A HD23 1 
ATOM   722  H HD23 B LEU A 1 63  ? -1.743  0.562   -3.522  0.43 28.41  ? 364 LEU A HD23 1 
ATOM   723  N N    . GLU A 1 64  ? -0.999  -3.077  -6.858  1.00 22.92  ? 365 GLU A N    1 
ATOM   724  C CA   . GLU A 1 64  ? -0.873  -4.522  -6.881  1.00 24.46  ? 365 GLU A CA   1 
ATOM   725  C C    . GLU A 1 64  ? 0.489   -4.968  -6.353  1.00 28.55  ? 365 GLU A C    1 
ATOM   726  O O    . GLU A 1 64  ? 0.585   -6.010  -5.689  1.00 26.64  ? 365 GLU A O    1 
ATOM   727  C CB   . GLU A 1 64  ? -1.148  -5.059  -8.286  1.00 22.96  ? 365 GLU A CB   1 
ATOM   728  C CG   . GLU A 1 64  ? -2.602  -4.924  -8.739  1.00 28.27  ? 365 GLU A CG   1 
ATOM   729  C CD   . GLU A 1 64  ? -3.542  -5.927  -8.099  1.00 34.15  ? 365 GLU A CD   1 
ATOM   730  O OE1  . GLU A 1 64  ? -3.068  -6.959  -7.577  1.00 40.13  ? 365 GLU A OE1  1 
ATOM   731  O OE2  . GLU A 1 64  ? -4.763  -5.671  -8.149  1.00 40.69  ? 365 GLU A OE2  1 
ATOM   732  H H    . GLU A 1 64  ? -1.111  -2.695  -7.620  1.00 27.77  ? 365 GLU A H    1 
ATOM   733  H HA   . GLU A 1 64  ? -1.547  -4.896  -6.292  1.00 29.62  ? 365 GLU A HA   1 
ATOM   734  H HB2  . GLU A 1 64  ? -0.596  -4.571  -8.918  1.00 27.82  ? 365 GLU A HB2  1 
ATOM   735  H HB3  . GLU A 1 64  ? -0.918  -6.000  -8.310  1.00 27.82  ? 365 GLU A HB3  1 
ATOM   736  H HG2  . GLU A 1 64  ? -2.919  -4.036  -8.514  1.00 34.18  ? 365 GLU A HG2  1 
ATOM   737  H HG3  . GLU A 1 64  ? -2.642  -5.053  -9.700  1.00 34.18  ? 365 GLU A HG3  1 
ATOM   738  N N    . LEU A 1 65  ? 1.546   -4.187  -6.585  1.00 29.70  ? 366 LEU A N    1 
ATOM   739  C CA   . LEU A 1 65  ? 2.864   -4.563  -6.081  1.00 22.00  ? 366 LEU A CA   1 
ATOM   740  C C    . LEU A 1 65  ? 2.978   -4.322  -4.585  1.00 27.13  ? 366 LEU A C    1 
ATOM   741  O O    . LEU A 1 65  ? 3.604   -5.119  -3.859  1.00 26.45  ? 366 LEU A O    1 
ATOM   742  C CB   . LEU A 1 65  ? 3.951   -3.814  -6.858  1.00 24.00  ? 366 LEU A CB   1 
ATOM   743  C CG   . LEU A 1 65  ? 4.047   -4.306  -8.312  1.00 27.66  ? 366 LEU A CG   1 
ATOM   744  C CD1  . LEU A 1 65  ? 4.777   -3.347  -9.206  1.00 31.53  ? 366 LEU A CD1  1 
ATOM   745  C CD2  . LEU A 1 65  ? 4.702   -5.591  -8.333  1.00 35.16  ? 366 LEU A CD2  1 
ATOM   746  H H    . LEU A 1 65  ? 1.527   -3.448  -7.025  1.00 35.90  ? 366 LEU A H    1 
ATOM   747  H HA   . LEU A 1 65  ? 2.994   -5.513  -6.237  1.00 26.66  ? 366 LEU A HA   1 
ATOM   748  H HB2  . LEU A 1 65  ? 3.739   -2.867  -6.872  1.00 29.06  ? 366 LEU A HB2  1 
ATOM   749  H HB3  . LEU A 1 65  ? 4.809   -3.960  -6.431  1.00 29.06  ? 366 LEU A HB3  1 
ATOM   750  H HG   . LEU A 1 65  ? 3.151   -4.421  -8.665  1.00 33.46  ? 366 LEU A HG   1 
ATOM   751  H HD11 . LEU A 1 65  ? 4.804   -3.713  -10.105 1.00 38.10  ? 366 LEU A HD11 1 
ATOM   752  H HD12 . LEU A 1 65  ? 4.309   -2.498  -9.209  1.00 38.10  ? 366 LEU A HD12 1 
ATOM   753  H HD13 . LEU A 1 65  ? 5.680   -3.227  -8.871  1.00 38.10  ? 366 LEU A HD13 1 
ATOM   754  H HD21 . LEU A 1 65  ? 4.762   -5.899  -9.251  1.00 42.46  ? 366 LEU A HD21 1 
ATOM   755  H HD22 . LEU A 1 65  ? 5.591   -5.498  -7.956  1.00 42.46  ? 366 LEU A HD22 1 
ATOM   756  H HD23 . LEU A 1 65  ? 4.183   -6.218  -7.806  1.00 42.46  ? 366 LEU A HD23 1 
ATOM   757  N N    . LEU A 1 66  ? 2.316   -3.288  -4.083  1.00 23.70  ? 367 LEU A N    1 
ATOM   758  C CA   . LEU A 1 66  ? 2.258   -3.108  -2.641  1.00 20.52  ? 367 LEU A CA   1 
ATOM   759  C C    . LEU A 1 66  ? 1.549   -4.272  -1.996  1.00 23.01  ? 367 LEU A C    1 
ATOM   760  O O    . LEU A 1 66  ? 1.976   -4.763  -0.959  1.00 22.79  ? 367 LEU A O    1 
ATOM   761  C CB   . LEU A 1 66  ? 1.550   -1.797  -2.290  1.00 20.53  ? 367 LEU A CB   1 
ATOM   762  C CG   . LEU A 1 66  ? 2.362   -0.521  -2.521  1.00 19.30  ? 367 LEU A CG   1 
ATOM   763  C CD1  . LEU A 1 66  ? 1.420   0.675   -2.498  1.00 22.37  ? 367 LEU A CD1  1 
ATOM   764  C CD2  . LEU A 1 66  ? 3.463   -0.398  -1.486  1.00 24.39  ? 367 LEU A CD2  1 
ATOM   765  H H    . LEU A 1 66  ? 1.903   -2.691  -4.542  1.00 28.70  ? 367 LEU A H    1 
ATOM   766  H HA   . LEU A 1 66  ? 3.161   -3.069  -2.286  1.00 24.89  ? 367 LEU A HA   1 
ATOM   767  H HB2  . LEU A 1 66  ? 0.746   -1.731  -2.827  1.00 24.90  ? 367 LEU A HB2  1 
ATOM   768  H HB3  . LEU A 1 66  ? 1.310   -1.821  -1.351  1.00 24.90  ? 367 LEU A HB3  1 
ATOM   769  H HG   . LEU A 1 66  ? 2.775   -0.561  -3.398  1.00 23.43  ? 367 LEU A HG   1 
ATOM   770  H HD11 . LEU A 1 66  ? 1.933   1.485   -2.645  1.00 27.11  ? 367 LEU A HD11 1 
ATOM   771  H HD12 . LEU A 1 66  ? 0.758   0.570   -3.200  1.00 27.11  ? 367 LEU A HD12 1 
ATOM   772  H HD13 . LEU A 1 66  ? 0.980   0.714   -1.633  1.00 27.11  ? 367 LEU A HD13 1 
ATOM   773  H HD21 . LEU A 1 66  ? 3.963   0.416   -1.653  1.00 29.54  ? 367 LEU A HD21 1 
ATOM   774  H HD22 . LEU A 1 66  ? 3.063   -0.366  -0.603  1.00 29.54  ? 367 LEU A HD22 1 
ATOM   775  H HD23 . LEU A 1 66  ? 4.050   -1.167  -1.558  1.00 29.54  ? 367 LEU A HD23 1 
ATOM   776  N N    . ILE A 1 67  ? 0.449   -4.727  -2.595  1.00 24.61  ? 368 ILE A N    1 
ATOM   777  C CA   . ILE A 1 67  ? -0.265  -5.867  -2.033  1.00 24.52  ? 368 ILE A CA   1 
ATOM   778  C C    . ILE A 1 67  ? 0.645   -7.084  -1.988  1.00 25.87  ? 368 ILE A C    1 
ATOM   779  O O    . ILE A 1 67  ? 0.640   -7.831  -1.012  1.00 28.06  ? 368 ILE A O    1 
ATOM   780  C CB   . ILE A 1 67  ? -1.560  -6.141  -2.820  1.00 25.44  ? 368 ILE A CB   1 
ATOM   781  C CG1  . ILE A 1 67  ? -2.526  -4.963  -2.625  1.00 28.30  ? 368 ILE A CG1  1 
ATOM   782  C CG2  . ILE A 1 67  ? -2.200  -7.465  -2.332  1.00 29.54  ? 368 ILE A CG2  1 
ATOM   783  C CD1  . ILE A 1 67  ? -3.752  -4.960  -3.514  1.00 33.31  ? 368 ILE A CD1  1 
ATOM   784  H H    . ILE A 1 67  ? 0.103   -4.402  -3.313  1.00 29.79  ? 368 ILE A H    1 
ATOM   785  H HA   . ILE A 1 67  ? -0.515  -5.654  -1.120  1.00 29.69  ? 368 ILE A HA   1 
ATOM   786  H HB   . ILE A 1 67  ? -1.347  -6.222  -3.762  1.00 30.79  ? 368 ILE A HB   1 
ATOM   787  H HG12 . ILE A 1 67  ? -2.835  -4.970  -1.705  1.00 34.23  ? 368 ILE A HG12 1 
ATOM   788  H HG13 . ILE A 1 67  ? -2.042  -4.141  -2.797  1.00 34.23  ? 368 ILE A HG13 1 
ATOM   789  H HG21 . ILE A 1 67  ? -3.015  -7.626  -2.835  1.00 35.71  ? 368 ILE A HG21 1 
ATOM   790  H HG22 . ILE A 1 67  ? -1.574  -8.191  -2.476  1.00 35.71  ? 368 ILE A HG22 1 
ATOM   791  H HG23 . ILE A 1 67  ? -2.405  -7.388  -1.387  1.00 35.71  ? 368 ILE A HG23 1 
ATOM   792  H HD11 . ILE A 1 67  ? -4.288  -4.178  -3.308  1.00 40.23  ? 368 ILE A HD11 1 
ATOM   793  H HD12 . ILE A 1 67  ? -3.470  -4.934  -4.441  1.00 40.23  ? 368 ILE A HD12 1 
ATOM   794  H HD13 . ILE A 1 67  ? -4.266  -5.766  -3.347  1.00 40.23  ? 368 ILE A HD13 1 
ATOM   795  N N    . CYS A 1 68  ? 1.443   -7.299  -3.032  1.00 30.01  ? 369 CYS A N    1 
ATOM   796  C CA   . CYS A 1 68  ? 2.425   -8.384  -3.003  1.00 29.05  ? 369 CYS A CA   1 
ATOM   797  C C    . CYS A 1 68  ? 3.334   -8.280  -1.792  1.00 32.85  ? 369 CYS A C    1 
ATOM   798  O O    . CYS A 1 68  ? 3.609   -9.287  -1.132  1.00 38.00  ? 369 CYS A O    1 
ATOM   799  C CB   . CYS A 1 68  ? 3.236   -8.393  -4.301  1.00 33.34  ? 369 CYS A CB   1 
ATOM   800  S SG   . CYS A 1 68  ? 2.258   -8.911  -5.690  1.00 42.97  ? 369 CYS A SG   1 
ATOM   801  H H    . CYS A 1 68  ? 1.438   -6.840  -3.759  1.00 36.27  ? 369 CYS A H    1 
ATOM   802  H HA   . CYS A 1 68  ? 1.952   -9.229  -2.944  1.00 35.12  ? 369 CYS A HA   1 
ATOM   803  H HB2  . CYS A 1 68  ? 3.564   -7.499  -4.478  1.00 40.27  ? 369 CYS A HB2  1 
ATOM   804  H HB3  . CYS A 1 68  ? 3.979   -9.010  -4.207  1.00 40.27  ? 369 CYS A HB3  1 
ATOM   805  H HG   . CYS A 1 68  ? 1.337   -8.152  -5.824  1.00 51.83  ? 369 CYS A HG   1 
ATOM   806  N N    . HIS A 1 69  ? 3.797   -7.079  -1.459  1.00 29.27  ? 370 HIS A N    1 
ATOM   807  C CA   . HIS A 1 69  ? 4.659   -6.923  -0.299  1.00 27.33  ? 370 HIS A CA   1 
ATOM   808  C C    . HIS A 1 69  ? 3.932   -7.034  1.034   1.00 28.59  ? 370 HIS A C    1 
ATOM   809  O O    . HIS A 1 69  ? 4.583   -6.900  2.074   1.00 34.38  ? 370 HIS A O    1 
ATOM   810  C CB   . HIS A 1 69  ? 5.392   -5.584  -0.360  1.00 30.98  ? 370 HIS A CB   1 
ATOM   811  C CG   . HIS A 1 69  ? 6.500   -5.564  -1.360  1.00 33.15  ? 370 HIS A CG   1 
ATOM   812  N ND1  . HIS A 1 69  ? 6.283   -5.534  -2.723  1.00 33.36  ? 370 HIS A ND1  1 
ATOM   813  C CD2  . HIS A 1 69  ? 7.842   -5.583  -1.193  1.00 40.44  ? 370 HIS A CD2  1 
ATOM   814  C CE1  . HIS A 1 69  ? 7.444   -5.535  -3.351  1.00 39.77  ? 370 HIS A CE1  1 
ATOM   815  N NE2  . HIS A 1 69  ? 8.407   -5.567  -2.445  1.00 32.36  ? 370 HIS A NE2  1 
ATOM   816  H H    . HIS A 1 69  ? 3.629   -6.350  -1.883  1.00 35.39  ? 370 HIS A H    1 
ATOM   817  H HA   . HIS A 1 69  ? 5.331   -7.623  -0.321  1.00 33.06  ? 370 HIS A HA   1 
ATOM   818  H HB2  . HIS A 1 69  ? 4.759   -4.890  -0.601  1.00 37.43  ? 370 HIS A HB2  1 
ATOM   819  H HB3  . HIS A 1 69  ? 5.773   -5.394  0.511   1.00 37.43  ? 370 HIS A HB3  1 
ATOM   820  H HD1  . HIS A 1 69  ? 5.511   -5.519  -3.104  1.00 40.30  ? 370 HIS A HD1  1 
ATOM   821  H HD2  . HIS A 1 69  ? 8.297   -5.607  -0.382  1.00 48.79  ? 370 HIS A HD2  1 
ATOM   822  H HE1  . HIS A 1 69  ? 7.564   -5.515  -4.273  1.00 47.98  ? 370 HIS A HE1  1 
ATOM   823  N N    . LEU A 1 70  ? 2.625   -7.246  1.058   1.00 28.98  ? 371 LEU A N    1 
ATOM   824  C CA   . LEU A 1 70  ? 1.941   -7.450  2.324   1.00 27.54  ? 371 LEU A CA   1 
ATOM   825  C C    . LEU A 1 70  ? 2.003   -8.892  2.774   1.00 31.53  ? 371 LEU A C    1 
ATOM   826  O O    . LEU A 1 70  ? 1.573   -9.180  3.882   1.00 33.43  ? 371 LEU A O    1 
ATOM   827  C CB   . LEU A 1 70  ? 0.468   -7.022  2.241   1.00 23.09  ? 371 LEU A CB   1 
ATOM   828  C CG   . LEU A 1 70  ? 0.301   -5.517  2.072   1.00 25.64  ? 371 LEU A CG   1 
ATOM   829  C CD1  . LEU A 1 70  ? -1.151  -5.183  1.923   1.00 25.10  ? 371 LEU A CD1  1 
ATOM   830  C CD2  . LEU A 1 70  ? 0.792   -4.794  3.278   1.00 28.92  ? 371 LEU A CD2  1 
ATOM   831  H H    . LEU A 1 70  ? 2.118   -7.276  0.365   1.00 35.03  ? 371 LEU A H    1 
ATOM   832  H HA   . LEU A 1 70  ? 2.370   -6.907  3.003   1.00 33.32  ? 371 LEU A HA   1 
ATOM   833  H HB2  . LEU A 1 70  ? 0.055   -7.458  1.478   1.00 27.97  ? 371 LEU A HB2  1 
ATOM   834  H HB3  . LEU A 1 70  ? 0.017   -7.285  3.058   1.00 27.97  ? 371 LEU A HB3  1 
ATOM   835  H HG   . LEU A 1 70  ? 0.785   -5.208  1.291   1.00 31.03  ? 371 LEU A HG   1 
ATOM   836  H HD11 . LEU A 1 70  ? -1.243  -4.224  1.817   1.00 30.39  ? 371 LEU A HD11 1 
ATOM   837  H HD12 . LEU A 1 70  ? -1.501  -5.638  1.142   1.00 30.39  ? 371 LEU A HD12 1 
ATOM   838  H HD13 . LEU A 1 70  ? -1.625  -5.475  2.718   1.00 30.39  ? 371 LEU A HD13 1 
ATOM   839  H HD21 . LEU A 1 70  ? 0.674   -3.842  3.145   1.00 34.96  ? 371 LEU A HD21 1 
ATOM   840  H HD22 . LEU A 1 70  ? 0.283   -5.087  4.050   1.00 34.96  ? 371 LEU A HD22 1 
ATOM   841  H HD23 . LEU A 1 70  ? 1.732   -4.998  3.406   1.00 34.96  ? 371 LEU A HD23 1 
ATOM   842  N N    . GLY A 1 71  ? 2.540   -9.777  1.957   1.00 36.15  ? 372 GLY A N    1 
ATOM   843  C CA   . GLY A 1 71  ? 2.686   -11.172 2.335   1.00 41.68  ? 372 GLY A CA   1 
ATOM   844  C C    . GLY A 1 71  ? 4.082   -11.667 2.030   1.00 46.44  ? 372 GLY A C    1 
ATOM   845  O O    . GLY A 1 71  ? 4.707   -11.247 1.051   1.00 42.64  ? 372 GLY A O    1 
ATOM   846  H H    . GLY A 1 71  ? 2.831   -9.595  1.168   1.00 43.64  ? 372 GLY A H    1 
ATOM   847  H HA2  . GLY A 1 71  ? 2.520   -11.273 3.285   1.00 50.27  ? 372 GLY A HA2  1 
ATOM   848  H HA3  . GLY A 1 71  ? 2.049   -11.714 1.845   1.00 50.27  ? 372 GLY A HA3  1 
ATOM   849  N N    . GLY A 1 72  ? 4.565   -12.564 2.882   1.00 53.51  ? 373 GLY A N    1 
ATOM   850  C CA   . GLY A 1 72  ? 5.885   -13.131 2.677   1.00 53.80  ? 373 GLY A CA   1 
ATOM   851  C C    . GLY A 1 72  ? 7.007   -12.191 3.017   1.00 52.25  ? 373 GLY A C    1 
ATOM   852  O O    . GLY A 1 72  ? 8.121   -12.350 2.502   1.00 54.90  ? 373 GLY A O    1 
ATOM   853  H H    . GLY A 1 72  ? 4.152   -12.856 3.577   1.00 64.48  ? 373 GLY A H    1 
ATOM   854  H HA2  . GLY A 1 72  ? 5.978   -13.926 3.226   1.00 64.82  ? 373 GLY A HA2  1 
ATOM   855  H HA3  . GLY A 1 72  ? 5.979   -13.392 1.748   1.00 64.82  ? 373 GLY A HA3  1 
ATOM   856  N N    . THR A 1 73  ? 6.751   -11.205 3.872   1.00 51.07  ? 374 THR A N    1 
ATOM   857  C CA   . THR A 1 73  ? 7.783   -10.254 4.238   1.00 40.27  ? 374 THR A CA   1 
ATOM   858  C C    . THR A 1 73  ? 7.846   -10.149 5.754   1.00 51.64  ? 374 THR A C    1 
ATOM   859  O O    . THR A 1 73  ? 7.206   -10.926 6.474   1.00 59.66  ? 374 THR A O    1 
ATOM   860  C CB   . THR A 1 73  ? 7.515   -8.876  3.598   1.00 53.76  ? 374 THR A CB   1 
ATOM   861  O OG1  . THR A 1 73  ? 6.284   -8.339  4.094   1.00 48.06  ? 374 THR A OG1  1 
ATOM   862  C CG2  . THR A 1 73  ? 7.407   -8.973  2.082   1.00 44.02  ? 374 THR A CG2  1 
ATOM   863  H H    . THR A 1 73  ? 5.990   -11.070 4.249   1.00 61.54  ? 374 THR A H    1 
ATOM   864  H HA   . THR A 1 73  ? 8.642   -10.575 3.920   1.00 48.58  ? 374 THR A HA   1 
ATOM   865  H HB   . THR A 1 73  ? 8.241   -8.271  3.816   1.00 64.78  ? 374 THR A HB   1 
ATOM   866  H HG1  . THR A 1 73  ? 6.137   -7.589  3.746   1.00 57.93  ? 374 THR A HG1  1 
ATOM   867  H HG21 . THR A 1 73  ? 7.238   -8.096  1.705   1.00 53.08  ? 374 THR A HG21 1 
ATOM   868  H HG22 . THR A 1 73  ? 8.234   -9.321  1.713   1.00 53.08  ? 374 THR A HG22 1 
ATOM   869  H HG23 . THR A 1 73  ? 6.678   -9.566  1.839   1.00 53.08  ? 374 THR A HG23 1 
ATOM   870  N N    . SER A 1 74  ? 8.626   -9.192  6.230   1.00 43.07  ? 375 SER A N    1 
ATOM   871  C CA   . SER A 1 74  ? 8.746   -8.866  7.635   1.00 40.96  ? 375 SER A CA   1 
ATOM   872  C C    . SER A 1 74  ? 7.668   -7.879  8.082   1.00 41.83  ? 375 SER A C    1 
ATOM   873  O O    . SER A 1 74  ? 6.971   -7.259  7.280   1.00 40.29  ? 375 SER A O    1 
ATOM   874  C CB   . SER A 1 74  ? 10.107  -8.252  7.880   1.00 42.26  ? 375 SER A CB   1 
ATOM   875  O OG   . SER A 1 74  ? 10.082  -6.902  7.437   1.00 43.13  ? 375 SER A OG   1 
ATOM   876  H H    . SER A 1 74  ? 9.118   -8.695  5.731   1.00 51.94  ? 375 SER A H    1 
ATOM   877  H HA   . SER A 1 74  ? 8.668   -9.674  8.165   1.00 49.42  ? 375 SER A HA   1 
ATOM   878  H HB2  . SER A 1 74  ? 10.306  -8.277  8.829   1.00 50.98  ? 375 SER A HB2  1 
ATOM   879  H HB3  . SER A 1 74  ? 10.778  -8.744  7.381   1.00 50.98  ? 375 SER A HB3  1 
ATOM   880  H HG   . SER A 1 74  ? 10.831  -6.543  7.565   1.00 52.02  ? 375 SER A HG   1 
ATOM   881  N N    . GLU A 1 75  ? 7.591   -7.687  9.393   1.00 37.04  ? 376 GLU A N    1 
ATOM   882  C CA   . GLU A 1 75  ? 6.624   -6.767  9.966   1.00 38.30  ? 376 GLU A CA   1 
ATOM   883  C C    . GLU A 1 75  ? 6.878   -5.338  9.505   1.00 36.91  ? 376 GLU A C    1 
ATOM   884  O O    . GLU A 1 75  ? 5.926   -4.594  9.233   1.00 33.81  ? 376 GLU A O    1 
ATOM   885  C CB   . GLU A 1 75  ? 6.672   -6.864  11.492  1.00 36.15  ? 376 GLU A CB   1 
ATOM   886  C CG   . GLU A 1 75  ? 5.657   -6.040  12.212  1.00 41.34  ? 376 GLU A CG   1 
ATOM   887  C CD   . GLU A 1 75  ? 5.795   -6.112  13.719  1.00 56.20  ? 376 GLU A CD   1 
ATOM   888  O OE1  . GLU A 1 75  ? 6.827   -5.634  14.236  1.00 59.76  ? 376 GLU A OE1  1 
ATOM   889  O OE2  . GLU A 1 75  ? 4.868   -6.643  14.384  1.00 44.15  ? 376 GLU A OE2  1 
ATOM   890  H H    . GLU A 1 75  ? 8.090   -8.081  9.972   1.00 44.71  ? 376 GLU A H    1 
ATOM   891  H HA   . GLU A 1 75  ? 5.734   -7.023  9.678   1.00 46.22  ? 376 GLU A HA   1 
ATOM   892  H HB2  . GLU A 1 75  ? 6.532   -7.789  11.747  1.00 43.64  ? 376 GLU A HB2  1 
ATOM   893  H HB3  . GLU A 1 75  ? 7.548   -6.574  11.792  1.00 43.64  ? 376 GLU A HB3  1 
ATOM   894  H HG2  . GLU A 1 75  ? 5.758   -5.113  11.946  1.00 49.88  ? 376 GLU A HG2  1 
ATOM   895  H HG3  . GLU A 1 75  ? 4.771   -6.356  11.977  1.00 49.88  ? 376 GLU A HG3  1 
ATOM   896  N N    . CYS A 1 76  ? 8.155   -4.927  9.407   1.00 34.99  ? 377 CYS A N    1 
ATOM   897  C CA   . CYS A 1 76  ? 8.436   -3.540  9.045   1.00 34.64  ? 377 CYS A CA   1 
ATOM   898  C C    . CYS A 1 76  ? 8.074   -3.280  7.590   1.00 32.69  ? 377 CYS A C    1 
ATOM   899  O O    . CYS A 1 76  ? 7.525   -2.224  7.261   1.00 36.62  ? 377 CYS A O    1 
ATOM   900  C CB   . CYS A 1 76  ? 9.906   -3.181  9.302   1.00 38.08  ? 377 CYS A CB   1 
ATOM   901  S SG   . CYS A 1 76  ? 10.207  -1.417  9.296   1.00 40.97  ? 377 CYS A SG   1 
ATOM   902  H H    . CYS A 1 76  ? 8.848   -5.418  9.543   1.00 42.26  ? 377 CYS A H    1 
ATOM   903  H HA   . CYS A 1 76  ? 7.889   -2.958  9.594   1.00 41.83  ? 377 CYS A HA   1 
ATOM   904  H HB2  . CYS A 1 76  ? 10.168  -3.526  10.170  1.00 45.96  ? 377 CYS A HB2  1 
ATOM   905  H HB3  . CYS A 1 76  ? 10.455  -3.581  8.608   1.00 45.96  ? 377 CYS A HB3  1 
ATOM   906  H HG   . CYS A 1 76  ? 11.373  -1.218  9.502   1.00 49.42  ? 377 CYS A HG   1 
ATOM   907  N N    . VAL A 1 77  ? 8.343   -4.229  6.705   1.00 34.00  ? 378 VAL A N    1 
ATOM   908  C CA   . VAL A 1 77  ? 7.982   -4.025  5.309   1.00 37.87  ? 378 VAL A CA   1 
ATOM   909  C C    . VAL A 1 77  ? 6.462   -3.969  5.168   1.00 31.91  ? 378 VAL A C    1 
ATOM   910  O O    . VAL A 1 77  ? 5.934   -3.142  4.416   1.00 27.87  ? 378 VAL A O    1 
ATOM   911  C CB   . VAL A 1 77  ? 8.600   -5.119  4.423   1.00 38.26  ? 378 VAL A CB   1 
ATOM   912  C CG1  . VAL A 1 77  ? 7.951   -5.152  3.057   1.00 36.22  ? 378 VAL A CG1  1 
ATOM   913  C CG2  . VAL A 1 77  ? 10.123  -4.896  4.268   1.00 35.87  ? 378 VAL A CG2  1 
ATOM   914  H H    . VAL A 1 77  ? 8.723   -4.981  6.879   1.00 41.06  ? 378 VAL A H    1 
ATOM   915  H HA   . VAL A 1 77  ? 8.338   -3.172  5.016   1.00 45.71  ? 378 VAL A HA   1 
ATOM   916  H HB   . VAL A 1 77  ? 8.463   -5.983  4.843   1.00 46.18  ? 378 VAL A HB   1 
ATOM   917  H HG11 . VAL A 1 77  ? 8.365   -5.851  2.528   1.00 43.73  ? 378 VAL A HG11 1 
ATOM   918  H HG12 . VAL A 1 77  ? 7.004   -5.334  3.162   1.00 43.73  ? 378 VAL A HG12 1 
ATOM   919  H HG13 . VAL A 1 77  ? 8.078   -4.292  2.626   1.00 43.73  ? 378 VAL A HG13 1 
ATOM   920  H HG21 . VAL A 1 77  ? 10.489  -5.597  3.707   1.00 43.30  ? 378 VAL A HG21 1 
ATOM   921  H HG22 . VAL A 1 77  ? 10.275  -4.031  3.859   1.00 43.30  ? 378 VAL A HG22 1 
ATOM   922  H HG23 . VAL A 1 77  ? 10.537  -4.924  5.146   1.00 43.30  ? 378 VAL A HG23 1 
ATOM   923  N N    . GLN A 1 78  ? 5.739   -4.822  5.904   1.00 30.15  ? 379 GLN A N    1 
ATOM   924  C CA   . GLN A 1 78  ? 4.277   -4.775  5.868   1.00 27.21  ? 379 GLN A CA   1 
ATOM   925  C C    . GLN A 1 78  ? 3.768   -3.427  6.337   1.00 30.98  ? 379 GLN A C    1 
ATOM   926  O O    . GLN A 1 78  ? 2.840   -2.864  5.741   1.00 25.01  ? 379 GLN A O    1 
ATOM   927  C CB   . GLN A 1 78  ? 3.681   -5.873  6.730   1.00 31.53  ? 379 GLN A CB   1 
ATOM   928  C CG   . GLN A 1 78  ? 3.787   -7.284  6.164   1.00 33.88  ? 379 GLN A CG   1 
ATOM   929  C CD   . GLN A 1 78  ? 3.094   -8.286  7.058   1.00 30.85  ? 379 GLN A CD   1 
ATOM   930  O OE1  . GLN A 1 78  ? 3.286   -8.282  8.275   1.00 35.25  ? 379 GLN A OE1  1 
ATOM   931  N NE2  . GLN A 1 78  ? 2.260   -9.133  6.470   1.00 39.29  ? 379 GLN A NE2  1 
ATOM   932  H H    . GLN A 1 78  ? 6.066   -5.425  6.422   1.00 36.45  ? 379 GLN A H    1 
ATOM   933  H HA   . GLN A 1 78  ? 3.976   -4.912  4.955   1.00 32.91  ? 379 GLN A HA   1 
ATOM   934  H HB2  . GLN A 1 78  ? 4.134   -5.869  7.588   1.00 38.10  ? 379 GLN A HB2  1 
ATOM   935  H HB3  . GLN A 1 78  ? 2.739   -5.682  6.861   1.00 38.10  ? 379 GLN A HB3  1 
ATOM   936  H HG2  . GLN A 1 78  ? 3.367   -7.312  5.290   1.00 40.92  ? 379 GLN A HG2  1 
ATOM   937  H HG3  . GLN A 1 78  ? 4.723   -7.532  6.095   1.00 40.92  ? 379 GLN A HG3  1 
ATOM   938  H HE21 . GLN A 1 78  ? 2.137   -9.094  5.619   1.00 47.42  ? 379 GLN A HE21 1 
ATOM   939  H HE22 . GLN A 1 78  ? 1.842   -9.721  6.938   1.00 47.42  ? 379 GLN A HE22 1 
ATOM   940  N N    . MET A 1 79  ? 4.343   -2.893  7.424   1.00 25.79  ? 380 MET A N    1 
ATOM   941  C CA   . MET A 1 79  ? 3.906   -1.610  7.956   1.00 27.32  ? 380 MET A CA   1 
ATOM   942  C C    . MET A 1 79  ? 4.130   -0.487  6.948   1.00 25.76  ? 380 MET A C    1 
ATOM   943  O O    . MET A 1 79  ? 3.237   0.332   6.713   1.00 23.84  ? 380 MET A O    1 
ATOM   944  C CB   . MET A 1 79  ? 4.626   -1.306  9.283   1.00 31.34  ? 380 MET A CB   1 
ATOM   945  C CG   . MET A 1 79  ? 4.116   -2.160  10.445  1.00 29.46  ? 380 MET A CG   1 
ATOM   946  S SD   . MET A 1 79  ? 2.471   -1.703  11.014  1.00 34.72  ? 380 MET A SD   1 
ATOM   947  C CE   . MET A 1 79  ? 2.755   -0.083  11.713  1.00 39.50  ? 380 MET A CE   1 
ATOM   948  H H    . MET A 1 79  ? 4.986   -3.259  7.863   1.00 31.21  ? 380 MET A H    1 
ATOM   949  H HA   . MET A 1 79  ? 2.956   -1.665  8.146   1.00 33.05  ? 380 MET A HA   1 
ATOM   950  H HB2  . MET A 1 79  ? 5.573   -1.483  9.175   1.00 37.87  ? 380 MET A HB2  1 
ATOM   951  H HB3  . MET A 1 79  ? 4.486   -0.375  9.512   1.00 37.87  ? 380 MET A HB3  1 
ATOM   952  H HG2  . MET A 1 79  ? 4.084   -3.086  10.161  1.00 35.62  ? 380 MET A HG2  1 
ATOM   953  H HG3  . MET A 1 79  ? 4.726   -2.064  11.193  1.00 35.62  ? 380 MET A HG3  1 
ATOM   954  H HE1  . MET A 1 79  ? 1.916   0.264   12.056  1.00 47.67  ? 380 MET A HE1  1 
ATOM   955  H HE2  . MET A 1 79  ? 3.402   -0.159  12.432  1.00 47.67  ? 380 MET A HE2  1 
ATOM   956  H HE3  . MET A 1 79  ? 3.096   0.504   11.020  1.00 47.67  ? 380 MET A HE3  1 
ATOM   957  N N    . ARG A 1 80  ? 5.298   -0.462  6.310   1.00 24.06  ? 381 ARG A N    1 
ATOM   958  C CA   . ARG A 1 80  ? 5.585   0.592   5.340   1.00 25.20  ? 381 ARG A CA   1 
ATOM   959  C C    . ARG A 1 80  ? 4.717   0.449   4.103   1.00 23.08  ? 381 ARG A C    1 
ATOM   960  O O    . ARG A 1 80  ? 4.268   1.455   3.539   1.00 22.82  ? 381 ARG A O    1 
ATOM   961  C CB   . ARG A 1 80  ? 7.078   0.590   4.970   1.00 26.75  ? 381 ARG A CB   1 
ATOM   962  C CG   . ARG A 1 80  ? 7.997   0.937   6.171   1.00 28.04  ? 381 ARG A CG   1 
ATOM   963  C CD   . ARG A 1 80  ? 9.463   0.991   5.769   1.00 29.22  ? 381 ARG A CD   1 
ATOM   964  N NE   . ARG A 1 80  ? 9.729   2.056   4.816   1.00 26.25  ? 381 ARG A NE   1 
ATOM   965  C CZ   . ARG A 1 80  ? 10.011  3.304   5.140   1.00 27.96  ? 381 ARG A CZ   1 
ATOM   966  N NH1  . ARG A 1 80  ? 10.090  3.644   6.400   1.00 35.67  ? 381 ARG A NH1  1 
ATOM   967  N NH2  . ARG A 1 80  ? 10.229  4.216   4.190   1.00 31.90  ? 381 ARG A NH2  1 
ATOM   968  H H    . ARG A 1 80  ? 5.931   -1.033  6.418   1.00 29.14  ? 381 ARG A H    1 
ATOM   969  H HA   . ARG A 1 80  ? 5.382   1.450   5.744   1.00 30.50  ? 381 ARG A HA   1 
ATOM   970  H HB2  . ARG A 1 80  ? 7.324   -0.293  4.650   1.00 32.37  ? 381 ARG A HB2  1 
ATOM   971  H HB3  . ARG A 1 80  ? 7.232   1.248   4.274   1.00 32.37  ? 381 ARG A HB3  1 
ATOM   972  H HG2  . ARG A 1 80  ? 7.748   1.806   6.523   1.00 33.92  ? 381 ARG A HG2  1 
ATOM   973  H HG3  . ARG A 1 80  ? 7.896   0.258   6.856   1.00 33.92  ? 381 ARG A HG3  1 
ATOM   974  H HD2  . ARG A 1 80  ? 10.004  1.151   6.559   1.00 35.33  ? 381 ARG A HD2  1 
ATOM   975  H HD3  . ARG A 1 80  ? 9.711   0.149   5.359   1.00 35.33  ? 381 ARG A HD3  1 
ATOM   976  H HE   . ARG A 1 80  ? 9.702   1.858   3.980   1.00 31.76  ? 381 ARG A HE   1 
ATOM   977  H HH11 . ARG A 1 80  ? 9.947   3.059   7.013   1.00 43.07  ? 381 ARG A HH11 1 
ATOM   978  H HH12 . ARG A 1 80  ? 10.277  4.456   6.616   1.00 43.07  ? 381 ARG A HH12 1 
ATOM   979  H HH21 . ARG A 1 80  ? 10.183  3.991   3.361   1.00 38.54  ? 381 ARG A HH21 1 
ATOM   980  H HH22 . ARG A 1 80  ? 10.421  5.025   4.406   1.00 38.54  ? 381 ARG A HH22 1 
ATOM   981  N N    . ALA A 1 81  ? 4.481   -0.782  3.659   1.00 24.39  ? 382 ALA A N    1 
ATOM   982  C CA   . ALA A 1 81  ? 3.597   -1.012  2.517   1.00 20.45  ? 382 ALA A CA   1 
ATOM   983  C C    . ALA A 1 81  ? 2.185   -0.542  2.830   1.00 20.13  ? 382 ALA A C    1 
ATOM   984  O O    . ALA A 1 81  ? 1.568   0.116   1.992   1.00 22.17  ? 382 ALA A O    1 
ATOM   985  C CB   . ALA A 1 81  ? 3.612   -2.490  2.121   1.00 22.42  ? 382 ALA A CB   1 
ATOM   986  H H    . ALA A 1 81  ? 4.818   -1.497  3.997   1.00 29.54  ? 382 ALA A H    1 
ATOM   987  H HA   . ALA A 1 81  ? 3.921   -0.499  1.761   1.00 24.81  ? 382 ALA A HA   1 
ATOM   988  H HB1  . ALA A 1 81  ? 3.020   -2.620  1.364   1.00 27.17  ? 382 ALA A HB1  1 
ATOM   989  H HB2  . ALA A 1 81  ? 4.517   -2.744  1.882   1.00 27.17  ? 382 ALA A HB2  1 
ATOM   990  H HB3  . ALA A 1 81  ? 3.307   -3.021  2.874   1.00 27.17  ? 382 ALA A HB3  1 
ATOM   991  N N    . LEU A 1 82  ? 1.661   -0.860  4.028   1.00 20.52  ? 383 LEU A N    1 
ATOM   992  C CA   . LEU A 1 82  ? 0.364   -0.312  4.464   1.00 22.92  ? 383 LEU A CA   1 
ATOM   993  C C    . LEU A 1 82  ? 0.367   1.209   4.502   1.00 23.86  ? 383 LEU A C    1 
ATOM   994  O O    . LEU A 1 82  ? -0.639  1.852   4.158   1.00 20.83  ? 383 LEU A O    1 
ATOM   995  C CB   . LEU A 1 82  ? -0.043  -0.851  5.837   1.00 21.94  ? 383 LEU A CB   1 
ATOM   996  C CG   . LEU A 1 82  ? -0.427  -2.339  5.907   1.00 22.52  ? 383 LEU A CG   1 
ATOM   997  C CD1  . LEU A 1 82  ? -0.603  -2.800  7.347   1.00 24.53  ? 383 LEU A CD1  1 
ATOM   998  C CD2  . LEU A 1 82  ? -1.681  -2.667  5.122   1.00 23.38  ? 383 LEU A CD2  1 
ATOM   999  H H    . LEU A 1 82  ? 2.033   -1.385  4.599   1.00 24.88  ? 383 LEU A H    1 
ATOM   1000 H HA   . LEU A 1 82  ? -0.314  -0.588  3.829   1.00 27.76  ? 383 LEU A HA   1 
ATOM   1001 H HB2  . LEU A 1 82  ? 0.699   -0.717  6.446   1.00 26.59  ? 383 LEU A HB2  1 
ATOM   1002 H HB3  . LEU A 1 82  ? -0.808  -0.343  6.146   1.00 26.59  ? 383 LEU A HB3  1 
ATOM   1003 H HG   . LEU A 1 82  ? 0.298   -2.858  5.524   1.00 27.28  ? 383 LEU A HG   1 
ATOM   1004 H HD11 . LEU A 1 82  ? -0.845  -3.739  7.350   1.00 29.69  ? 383 LEU A HD11 1 
ATOM   1005 H HD12 . LEU A 1 82  ? 0.231   -2.670  7.824   1.00 29.69  ? 383 LEU A HD12 1 
ATOM   1006 H HD13 . LEU A 1 82  ? -1.307  -2.276  7.762   1.00 29.69  ? 383 LEU A HD13 1 
ATOM   1007 H HD21 . LEU A 1 82  ? -1.867  -3.615  5.207   1.00 28.32  ? 383 LEU A HD21 1 
ATOM   1008 H HD22 . LEU A 1 82  ? -2.421  -2.150  5.479   1.00 28.32  ? 383 LEU A HD22 1 
ATOM   1009 H HD23 . LEU A 1 82  ? -1.538  -2.440  4.190   1.00 28.32  ? 383 LEU A HD23 1 
ATOM   1010 N N    . GLY A 1 83  ? 1.442   1.807   5.009   1.00 20.35  ? 384 GLY A N    1 
ATOM   1011 C CA   . GLY A 1 83  ? 1.552   3.256   4.964   1.00 23.46  ? 384 GLY A CA   1 
ATOM   1012 C C    . GLY A 1 83  ? 1.419   3.802   3.565   1.00 22.34  ? 384 GLY A C    1 
ATOM   1013 O O    . GLY A 1 83  ? 0.775   4.834   3.351   1.00 22.54  ? 384 GLY A O    1 
ATOM   1014 H H    . GLY A 1 83  ? 2.106   1.404   5.378   1.00 24.68  ? 384 GLY A H    1 
ATOM   1015 H HA2  . GLY A 1 83  ? 0.858   3.651   5.515   1.00 28.42  ? 384 GLY A HA2  1 
ATOM   1016 H HA3  . GLY A 1 83  ? 2.414   3.526   5.319   1.00 28.42  ? 384 GLY A HA3  1 
ATOM   1017 N N    . ALA A 1 84  ? 2.058   3.145   2.602   1.00 20.01  ? 385 ALA A N    1 
ATOM   1018 C CA   . ALA A 1 84  ? 2.013   3.604   1.224   1.00 22.23  ? 385 ALA A CA   1 
ATOM   1019 C C    . ALA A 1 84  ? 0.602   3.472   0.665   1.00 20.70  ? 385 ALA A C    1 
ATOM   1020 O O    . ALA A 1 84  ? 0.152   4.353   -0.063  1.00 19.27  ? 385 ALA A O    1 
ATOM   1021 C CB   . ALA A 1 84  ? 3.002   2.832   0.367   1.00 22.48  ? 385 ALA A CB   1 
ATOM   1022 H H    . ALA A 1 84  ? 2.523   2.432   2.723   1.00 24.28  ? 385 ALA A H    1 
ATOM   1023 H HA   . ALA A 1 84  ? 2.261   4.541   1.197   1.00 26.94  ? 385 ALA A HA   1 
ATOM   1024 H HB1  . ALA A 1 84  ? 2.950   3.159   -0.545  1.00 27.24  ? 385 ALA A HB1  1 
ATOM   1025 H HB2  . ALA A 1 84  ? 3.896   2.967   0.717   1.00 27.24  ? 385 ALA A HB2  1 
ATOM   1026 H HB3  . ALA A 1 84  ? 2.774   1.890   0.393   1.00 27.24  ? 385 ALA A HB3  1 
ATOM   1027 N N    . VAL A 1 85  ? -0.087  2.372   0.997   1.00 20.89  ? 386 VAL A N    1 
ATOM   1028 C CA   . VAL A 1 85  ? -1.499  2.190   0.634   1.00 19.59  ? 386 VAL A CA   1 
ATOM   1029 C C    . VAL A 1 85  ? -2.346  3.321   1.203   1.00 16.46  ? 386 VAL A C    1 
ATOM   1030 O O    . VAL A 1 85  ? -3.147  3.924   0.496   1.00 19.52  ? 386 VAL A O    1 
ATOM   1031 C CB   . VAL A 1 85  ? -2.013  0.818   1.116   1.00 21.28  ? 386 VAL A CB   1 
ATOM   1032 C CG1  . VAL A 1 85  ? -3.554  0.718   0.938   1.00 21.21  ? 386 VAL A CG1  1 
ATOM   1033 C CG2  . VAL A 1 85  ? -1.330  -0.331  0.410   1.00 22.30  ? 386 VAL A CG2  1 
ATOM   1034 H H    . VAL A 1 85  ? 0.243   1.712   1.437   1.00 25.33  ? 386 VAL A H    1 
ATOM   1035 H HA   . VAL A 1 85  ? -1.580  2.214   -0.333  1.00 23.77  ? 386 VAL A HA   1 
ATOM   1036 H HB   . VAL A 1 85  ? -1.824  0.734   2.064   1.00 25.80  ? 386 VAL A HB   1 
ATOM   1037 H HG11 . VAL A 1 85  ? -3.851  -0.152  1.248   1.00 25.71  ? 386 VAL A HG11 1 
ATOM   1038 H HG12 . VAL A 1 85  ? -3.979  1.418   1.458   1.00 25.71  ? 386 VAL A HG12 1 
ATOM   1039 H HG13 . VAL A 1 85  ? -3.771  0.826   -0.002  1.00 25.71  ? 386 VAL A HG13 1 
ATOM   1040 H HG21 . VAL A 1 85  ? -1.687  -1.167  0.748   1.00 27.02  ? 386 VAL A HG21 1 
ATOM   1041 H HG22 . VAL A 1 85  ? -1.497  -0.261  -0.543  1.00 27.02  ? 386 VAL A HG22 1 
ATOM   1042 H HG23 . VAL A 1 85  ? -0.376  -0.285  0.583   1.00 27.02  ? 386 VAL A HG23 1 
ATOM   1043 N N    . ALA A 1 86  ? -2.167  3.643   2.487   1.00 19.07  ? 387 ALA A N    1 
ATOM   1044 C CA   . ALA A 1 86  ? -2.916  4.735   3.105   1.00 19.60  ? 387 ALA A CA   1 
ATOM   1045 C C    . ALA A 1 86  ? -2.642  6.056   2.408   1.00 22.61  ? 387 ALA A C    1 
ATOM   1046 O O    . ALA A 1 86  ? -3.572  6.820   2.130   1.00 24.74  ? 387 ALA A O    1 
ATOM   1047 C CB   . ALA A 1 86  ? -2.584  4.821   4.593   1.00 20.91  ? 387 ALA A CB   1 
ATOM   1048 H H    . ALA A 1 86  ? -1.618  3.246   3.017   1.00 23.15  ? 387 ALA A H    1 
ATOM   1049 H HA   . ALA A 1 86  ? -3.864  4.547   3.024   1.00 23.78  ? 387 ALA A HA   1 
ATOM   1050 H HB1  . ALA A 1 86  ? -3.089  5.549   4.987   1.00 25.35  ? 387 ALA A HB1  1 
ATOM   1051 H HB2  . ALA A 1 86  ? -2.822  3.984   5.019   1.00 25.35  ? 387 ALA A HB2  1 
ATOM   1052 H HB3  . ALA A 1 86  ? -1.633  4.985   4.694   1.00 25.35  ? 387 ALA A HB3  1 
ATOM   1053 N N    . SER A 1 87  ? -1.365  6.358   2.130   1.00 21.82  ? 388 SER A N    1 
ATOM   1054 C CA   . SER A 1 87  ? -1.019  7.609   1.454   1.00 20.59  ? 388 SER A CA   1 
ATOM   1055 C C    . SER A 1 87  ? -1.692  7.707   0.109   1.00 22.07  ? 388 SER A C    1 
ATOM   1056 O O    . SER A 1 87  ? -2.295  8.736   -0.211  1.00 24.33  ? 388 SER A O    1 
ATOM   1057 C CB   . SER A 1 87  ? 0.498   7.747   1.317   1.00 23.28  ? 388 SER A CB   1 
ATOM   1058 O OG   . SER A 1 87  ? 1.091   7.967   2.599   1.00 28.34  ? 388 SER A OG   1 
ATOM   1059 H H    . SER A 1 87  ? -0.692  5.858   2.321   1.00 26.45  ? 388 SER A H    1 
ATOM   1060 H HA   . SER A 1 87  ? -1.333  8.350   1.996   1.00 24.97  ? 388 SER A HA   1 
ATOM   1061 H HB2  . SER A 1 87  ? 0.858   6.930   0.935   1.00 28.19  ? 388 SER A HB2  1 
ATOM   1062 H HB3  . SER A 1 87  ? 0.697   8.500   0.740   1.00 28.19  ? 388 SER A HB3  1 
ATOM   1063 H HG   . SER A 1 87  ? 0.922   7.321   3.108   1.00 34.28  ? 388 SER A HG   1 
ATOM   1064 N N    . LEU A 1 88  ? -1.569  6.668   -0.723  1.00 21.27  ? 389 LEU A N    1 
ATOM   1065 C CA   . LEU A 1 88  ? -2.239  6.681   -2.012  1.00 24.19  ? 389 LEU A CA   1 
ATOM   1066 C C    . LEU A 1 88  ? -3.751  6.787   -1.854  1.00 22.07  ? 389 LEU A C    1 
ATOM   1067 O O    . LEU A 1 88  ? -4.410  7.476   -2.635  1.00 22.46  ? 389 LEU A O    1 
ATOM   1068 C CB   . LEU A 1 88  ? -1.862  5.423   -2.787  1.00 22.92  ? 389 LEU A CB   1 
ATOM   1069 C CG   . LEU A 1 88  ? -2.310  5.268   -4.217  1.00 34.19  ? 389 LEU A CG   1 
ATOM   1070 C CD1  . LEU A 1 88  ? -1.902  6.465   -5.060  1.00 29.31  ? 389 LEU A CD1  1 
ATOM   1071 C CD2  . LEU A 1 88  ? -1.616  4.019   -4.719  1.00 36.54  ? 389 LEU A CD2  1 
ATOM   1072 H H    . LEU A 1 88  ? -1.110  5.959   -0.563  1.00 25.78  ? 389 LEU A H    1 
ATOM   1073 H HA   . LEU A 1 88  ? -1.934  7.449   -2.519  1.00 29.30  ? 389 LEU A HA   1 
ATOM   1074 H HB2  . LEU A 1 88  ? -0.894  5.360   -2.792  1.00 27.77  ? 389 LEU A HB2  1 
ATOM   1075 H HB3  . LEU A 1 88  ? -2.221  4.662   -2.302  1.00 27.77  ? 389 LEU A HB3  1 
ATOM   1076 H HG   . LEU A 1 88  ? -3.271  5.147   -4.263  1.00 41.30  ? 389 LEU A HG   1 
ATOM   1077 H HD11 . LEU A 1 88  ? -2.206  6.328   -5.971  1.00 35.44  ? 389 LEU A HD11 1 
ATOM   1078 H HD12 . LEU A 1 88  ? -2.309  7.264   -4.692  1.00 35.44  ? 389 LEU A HD12 1 
ATOM   1079 H HD13 . LEU A 1 88  ? -0.935  6.548   -5.043  1.00 35.44  ? 389 LEU A HD13 1 
ATOM   1080 H HD21 . LEU A 1 88  ? -1.869  3.869   -5.644  1.00 44.11  ? 389 LEU A HD21 1 
ATOM   1081 H HD22 . LEU A 1 88  ? -0.657  4.143   -4.654  1.00 44.11  ? 389 LEU A HD22 1 
ATOM   1082 H HD23 . LEU A 1 88  ? -1.891  3.265   -4.174  1.00 44.11  ? 389 LEU A HD23 1 
ATOM   1083 N N    . GLY A 1 89  ? -4.316  6.155   -0.830  1.00 24.08  ? 390 GLY A N    1 
ATOM   1084 C CA   . GLY A 1 89  ? -5.753  6.255   -0.623  1.00 26.38  ? 390 GLY A CA   1 
ATOM   1085 C C    . GLY A 1 89  ? -6.211  7.662   -0.298  1.00 28.74  ? 390 GLY A C    1 
ATOM   1086 O O    . GLY A 1 89  ? -7.349  8.037   -0.582  1.00 28.84  ? 390 GLY A O    1 
ATOM   1087 H H    . GLY A 1 89  ? -3.899  5.674   -0.254  1.00 29.16  ? 390 GLY A H    1 
ATOM   1088 H HA2  . GLY A 1 89  ? -6.214  5.961   -1.424  1.00 31.92  ? 390 GLY A HA2  1 
ATOM   1089 H HA3  . GLY A 1 89  ? -6.012  5.673   0.110   1.00 31.92  ? 390 GLY A HA3  1 
ATOM   1090 N N    . CYS A 1 90  ? -5.363  8.450   0.339   1.00 21.03  ? 391 CYS A N    1 
ATOM   1091 C CA   . CYS A 1 90  ? -5.714  9.829   0.660   1.00 32.72  ? 391 CYS A CA   1 
ATOM   1092 C C    . CYS A 1 90  ? -5.430  10.814  -0.487  1.00 33.28  ? 391 CYS A C    1 
ATOM   1093 O O    . CYS A 1 90  ? -5.617  12.017  -0.313  1.00 37.43  ? 391 CYS A O    1 
ATOM   1094 C CB   . CYS A 1 90  ? -5.013  10.226  1.973   1.00 31.25  ? 391 CYS A CB   1 
ATOM   1095 S SG   . CYS A 1 90  ? -5.601  9.199   3.365   1.00 33.92  ? 391 CYS A SG   1 
ATOM   1096 H H    . CYS A 1 90  ? -4.578  8.215   0.599   1.00 25.50  ? 391 CYS A H    1 
ATOM   1097 H HA   . CYS A 1 90  ? -6.669  9.862   0.828   1.00 39.53  ? 391 CYS A HA   1 
ATOM   1098 H HB2  . CYS A 1 90  ? -4.056  10.095  1.880   1.00 37.77  ? 391 CYS A HB2  1 
ATOM   1099 H HB3  . CYS A 1 90  ? -5.208  11.155  2.174   1.00 37.77  ? 391 CYS A HB3  1 
ATOM   1100 H HG   . CYS A 1 90  ? -5.363  8.048   3.129   1.00 40.97  ? 391 CYS A HG   1 
ATOM   1101 N N    . THR A 1 91  ? -5.068  10.334  -1.680  1.00 26.88  ? 392 THR A N    1 
ATOM   1102 C CA   . THR A 1 91  ? -4.990  11.168  -2.867  1.00 26.60  ? 392 THR A CA   1 
ATOM   1103 C C    . THR A 1 91  ? -6.204  10.934  -3.738  1.00 30.08  ? 392 THR A C    1 
ATOM   1104 O O    . THR A 1 91  ? -7.050  10.124  -3.427  1.00 29.72  ? 392 THR A O    1 
ATOM   1105 C CB   . THR A 1 91  ? -3.753  10.859  -3.699  1.00 28.16  ? 392 THR A CB   1 
ATOM   1106 O OG1  . THR A 1 91  ? -4.003  9.687   -4.480  1.00 28.29  ? 392 THR A OG1  1 
ATOM   1107 C CG2  . THR A 1 91  ? -2.557  10.597  -2.840  1.00 31.74  ? 392 THR A CG2  1 
ATOM   1108 H H    . THR A 1 91  ? -4.862  9.512   -1.823  1.00 32.52  ? 392 THR A H    1 
ATOM   1109 H HA   . THR A 1 91  ? -4.966  12.104  -2.609  1.00 32.18  ? 392 THR A HA   1 
ATOM   1110 H HB   . THR A 1 91  ? -3.557  11.607  -4.286  1.00 34.05  ? 392 THR A HB   1 
ATOM   1111 H HG1  . THR A 1 91  ? -4.173  9.038   -3.976  1.00 34.21  ? 392 THR A HG1  1 
ATOM   1112 H HG21 . THR A 1 91  ? -1.786  10.403  -3.395  1.00 38.35  ? 392 THR A HG21 1 
ATOM   1113 H HG22 . THR A 1 91  ? -2.365  11.376  -2.294  1.00 38.35  ? 392 THR A HG22 1 
ATOM   1114 H HG23 . THR A 1 91  ? -2.726  9.838   -2.259  1.00 38.35  ? 392 THR A HG23 1 
ATOM   1115 N N    . ASP A 1 92  ? -6.244  11.608  -4.892  1.00 31.51  ? 393 ASP A N    1 
ATOM   1116 C CA   . ASP A 1 92  ? -7.283  11.393  -5.894  1.00 36.83  ? 393 ASP A CA   1 
ATOM   1117 C C    . ASP A 1 92  ? -6.749  10.660  -7.125  1.00 37.26  ? 393 ASP A C    1 
ATOM   1118 O O    . ASP A 1 92  ? -7.336  10.750  -8.206  1.00 38.99  ? 393 ASP A O    1 
ATOM   1119 C CB   . ASP A 1 92  ? -7.904  12.729  -6.319  1.00 38.89  ? 393 ASP A CB   1 
ATOM   1120 C CG   . ASP A 1 92  ? -6.943  13.583  -7.108  1.00 47.72  ? 393 ASP A CG   1 
ATOM   1121 O OD1  . ASP A 1 92  ? -5.775  13.763  -6.673  1.00 57.88  ? 393 ASP A OD1  1 
ATOM   1122 O OD2  . ASP A 1 92  ? -7.348  14.060  -8.194  1.00 71.78  ? 393 ASP A OD2  1 
ATOM   1123 H H    . ASP A 1 92  ? -5.668  12.206  -5.117  1.00 38.08  ? 393 ASP A H    1 
ATOM   1124 H HA   . ASP A 1 92  ? -7.986  10.849  -5.504  1.00 44.46  ? 393 ASP A HA   1 
ATOM   1125 H HB2  . ASP A 1 92  ? -8.679  12.556  -6.875  1.00 46.93  ? 393 ASP A HB2  1 
ATOM   1126 H HB3  . ASP A 1 92  ? -8.165  13.224  -5.526  1.00 46.93  ? 393 ASP A HB3  1 
ATOM   1127 N N    . LEU A 1 93  ? -5.641  9.931   -6.991  1.00 25.76  ? 394 LEU A N    1 
ATOM   1128 C CA   . LEU A 1 93  ? -5.056  9.299   -8.167  1.00 29.33  ? 394 LEU A CA   1 
ATOM   1129 C C    . LEU A 1 93  ? -5.923  8.161   -8.670  1.00 33.48  ? 394 LEU A C    1 
ATOM   1130 O O    . LEU A 1 93  ? -6.012  7.931   -9.879  1.00 41.65  ? 394 LEU A O    1 
ATOM   1131 C CB   . LEU A 1 93  ? -3.669  8.787   -7.846  1.00 27.38  ? 394 LEU A CB   1 
ATOM   1132 C CG   . LEU A 1 93  ? -2.588  9.840   -7.623  1.00 31.83  ? 394 LEU A CG   1 
ATOM   1133 C CD1  . LEU A 1 93  ? -1.277  9.182   -7.318  1.00 38.43  ? 394 LEU A CD1  1 
ATOM   1134 C CD2  . LEU A 1 93  ? -2.421  10.751  -8.853  1.00 34.30  ? 394 LEU A CD2  1 
ATOM   1135 H H    . LEU A 1 93  ? -5.221  9.791   -6.253  1.00 31.17  ? 394 LEU A H    1 
ATOM   1136 H HA   . LEU A 1 93  ? -4.979  9.957   -8.875  1.00 35.46  ? 394 LEU A HA   1 
ATOM   1137 H HB2  . LEU A 1 93  ? -3.721  8.253   -7.037  1.00 33.12  ? 394 LEU A HB2  1 
ATOM   1138 H HB3  . LEU A 1 93  ? -3.376  8.224   -8.581  1.00 33.12  ? 394 LEU A HB3  1 
ATOM   1139 H HG   . LEU A 1 93  ? -2.832  10.395  -6.866  1.00 38.46  ? 394 LEU A HG   1 
ATOM   1140 H HD11 . LEU A 1 93  ? -0.604  9.866   -7.180  1.00 46.38  ? 394 LEU A HD11 1 
ATOM   1141 H HD12 . LEU A 1 93  ? -1.373  8.645   -6.516  1.00 46.38  ? 394 LEU A HD12 1 
ATOM   1142 H HD13 . LEU A 1 93  ? -1.026  8.617   -8.066  1.00 46.38  ? 394 LEU A HD13 1 
ATOM   1143 H HD21 . LEU A 1 93  ? -1.727  11.403  -8.671  1.00 41.42  ? 394 LEU A HD21 1 
ATOM   1144 H HD22 . LEU A 1 93  ? -2.172  10.207  -9.616  1.00 41.42  ? 394 LEU A HD22 1 
ATOM   1145 H HD23 . LEU A 1 93  ? -3.262  11.201  -9.028  1.00 41.42  ? 394 LEU A HD23 1 
ATOM   1146 N N    . LEU A 1 94  ? -6.525  7.410   -7.764  1.00 30.96  ? 395 LEU A N    1 
ATOM   1147 C CA   . LEU A 1 94  ? -7.557  6.460   -8.130  1.00 31.33  ? 395 LEU A CA   1 
ATOM   1148 C C    . LEU A 1 94  ? -8.813  6.770   -7.344  1.00 28.06  ? 395 LEU A C    1 
ATOM   1149 O O    . LEU A 1 94  ? -8.733  7.257   -6.218  1.00 33.28  ? 395 LEU A O    1 
ATOM   1150 C CB   . LEU A 1 94  ? -7.126  5.023   -7.840  1.00 35.50  ? 395 LEU A CB   1 
ATOM   1151 C CG   . LEU A 1 94  ? -6.132  4.395   -8.811  1.00 35.62  ? 395 LEU A CG   1 
ATOM   1152 C CD1  . LEU A 1 94  ? -5.898  2.968   -8.314  1.00 40.34  ? 395 LEU A CD1  1 
ATOM   1153 C CD2  . LEU A 1 94  ? -6.639  4.396   -10.239 1.00 44.85  ? 395 LEU A CD2  1 
ATOM   1154 H H    . LEU A 1 94  ? -6.353  7.432   -6.923  1.00 37.42  ? 395 LEU A H    1 
ATOM   1155 H HA   . LEU A 1 94  ? -7.754  6.540   -9.077  1.00 37.85  ? 395 LEU A HA   1 
ATOM   1156 H HB2  . LEU A 1 94  ? -6.722  5.000   -6.960  1.00 42.87  ? 395 LEU A HB2  1 
ATOM   1157 H HB3  . LEU A 1 94  ? -7.920  4.464   -7.842  1.00 42.87  ? 395 LEU A HB3  1 
ATOM   1158 H HG   . LEU A 1 94  ? -5.292  4.878   -8.776  1.00 43.00  ? 395 LEU A HG   1 
ATOM   1159 H HD11 . LEU A 1 94  ? -5.268  2.528   -8.905  1.00 48.67  ? 395 LEU A HD11 1 
ATOM   1160 H HD12 . LEU A 1 94  ? -5.540  3.003   -7.413  1.00 48.67  ? 395 LEU A HD12 1 
ATOM   1161 H HD13 . LEU A 1 94  ? -6.743  2.491   -8.317  1.00 48.67  ? 395 LEU A HD13 1 
ATOM   1162 H HD21 . LEU A 1 94  ? -5.971  3.988   -10.812 1.00 54.08  ? 395 LEU A HD21 1 
ATOM   1163 H HD22 . LEU A 1 94  ? -7.465  3.890   -10.280 1.00 54.08  ? 395 LEU A HD22 1 
ATOM   1164 H HD23 . LEU A 1 94  ? -6.798  5.312   -10.516 1.00 54.08  ? 395 LEU A HD23 1 
ATOM   1165 N N    . PRO A 1 95  ? -9.986  6.513   -7.906  1.00 22.70  ? 396 PRO A N    1 
ATOM   1166 C CA   . PRO A 1 95  ? -11.203 6.634   -7.098  1.00 28.50  ? 396 PRO A CA   1 
ATOM   1167 C C    . PRO A 1 95  ? -11.018 5.816   -5.837  1.00 27.95  ? 396 PRO A C    1 
ATOM   1168 O O    . PRO A 1 95  ? -10.376 4.760   -5.869  1.00 27.15  ? 396 PRO A O    1 
ATOM   1169 C CB   . PRO A 1 95  ? -12.298 6.067   -8.001  1.00 27.94  ? 396 PRO A CB   1 
ATOM   1170 C CG   . PRO A 1 95  ? -11.737 6.142   -9.393  1.00 31.48  ? 396 PRO A CG   1 
ATOM   1171 C CD   . PRO A 1 95  ? -10.251 6.010   -9.265  1.00 29.18  ? 396 PRO A CD   1 
ATOM   1172 H HA   . PRO A 1 95  ? -11.392 7.560   -6.878  1.00 34.46  ? 396 PRO A HA   1 
ATOM   1173 H HB2  . PRO A 1 95  ? -12.481 5.147   -7.754  1.00 33.79  ? 396 PRO A HB2  1 
ATOM   1174 H HB3  . PRO A 1 95  ? -13.099 6.609   -7.924  1.00 33.79  ? 396 PRO A HB3  1 
ATOM   1175 H HG2  . PRO A 1 95  ? -12.097 5.416   -9.925  1.00 38.04  ? 396 PRO A HG2  1 
ATOM   1176 H HG3  . PRO A 1 95  ? -11.968 6.997   -9.788  1.00 38.04  ? 396 PRO A HG3  1 
ATOM   1177 H HD2  . PRO A 1 95  ? -9.986  5.080   -9.340  1.00 35.28  ? 396 PRO A HD2  1 
ATOM   1178 H HD3  . PRO A 1 95  ? -9.804  6.563   -9.923  1.00 35.28  ? 396 PRO A HD3  1 
ATOM   1179 N N    . GLN A 1 96  ? -11.526 6.309   -4.701  1.00 33.47  ? 397 GLN A N    1 
ATOM   1180 C CA   . GLN A 1 96  ? -11.253 5.547   -3.486  1.00 36.15  ? 397 GLN A CA   1 
ATOM   1181 C C    . GLN A 1 96  ? -12.072 4.261   -3.459  1.00 28.60  ? 397 GLN A C    1 
ATOM   1182 O O    . GLN A 1 96  ? -11.656 3.292   -2.819  1.00 31.75  ? 397 GLN A O    1 
ATOM   1183 C CB   . GLN A 1 96  ? -11.501 6.353   -2.196  1.00 39.45  ? 397 GLN A CB   1 
ATOM   1184 C CG   . GLN A 1 96  ? -10.389 6.103   -1.132  1.00 39.24  ? 397 GLN A CG   1 
ATOM   1185 C CD   . GLN A 1 96  ? -10.737 6.578   0.265   1.00 30.63  ? 397 GLN A CD   1 
ATOM   1186 O OE1  . GLN A 1 96  ? -11.744 6.169   0.832   1.00 40.55  ? 397 GLN A OE1  1 
ATOM   1187 N NE2  . GLN A 1 96  ? -9.903  7.446   0.827   1.00 36.94  ? 397 GLN A NE2  1 
ATOM   1188 H H    . GLN A 1 96  ? -11.996 7.024   -4.612  1.00 40.43  ? 397 GLN A H    1 
ATOM   1189 H HA   . GLN A 1 96  ? -10.317 5.294   -3.492  1.00 43.64  ? 397 GLN A HA   1 
ATOM   1190 H HB2  . GLN A 1 96  ? -11.512 7.299   -2.408  1.00 47.60  ? 397 GLN A HB2  1 
ATOM   1191 H HB3  . GLN A 1 96  ? -12.352 6.086   -1.813  1.00 47.60  ? 397 GLN A HB3  1 
ATOM   1192 H HG2  . GLN A 1 96  ? -10.214 5.151   -1.084  1.00 47.36  ? 397 GLN A HG2  1 
ATOM   1193 H HG3  . GLN A 1 96  ? -9.585  6.569   -1.410  1.00 47.36  ? 397 GLN A HG3  1 
ATOM   1194 H HE21 . GLN A 1 96  ? -9.206  7.711   0.400   1.00 44.59  ? 397 GLN A HE21 1 
ATOM   1195 H HE22 . GLN A 1 96  ? -10.061 7.743   1.618   1.00 44.59  ? 397 GLN A HE22 1 
ATOM   1196 N N    . GLU A 1 97  ? -13.198 4.214   -4.156  1.00 31.01  ? 398 GLU A N    1 
ATOM   1197 C CA   . GLU A 1 97  ? -13.899 2.939   -4.256  1.00 30.11  ? 398 GLU A CA   1 
ATOM   1198 C C    . GLU A 1 97  ? -13.060 1.923   -5.022  1.00 26.13  ? 398 GLU A C    1 
ATOM   1199 O O    . GLU A 1 97  ? -13.130 0.709   -4.751  1.00 24.17  ? 398 GLU A O    1 
ATOM   1200 C CB   . GLU A 1 97  ? -15.243 3.139   -4.919  1.00 38.50  ? 398 GLU A CB   1 
ATOM   1201 C CG   . GLU A 1 97  ? -16.125 1.982   -4.677  1.00 40.46  ? 398 GLU A CG   1 
ATOM   1202 C CD   . GLU A 1 97  ? -17.448 2.130   -5.354  1.00 37.97  ? 398 GLU A CD   1 
ATOM   1203 O OE1  . GLU A 1 97  ? -17.722 3.254   -5.829  1.00 39.06  ? 398 GLU A OE1  1 
ATOM   1204 O OE2  . GLU A 1 97  ? -18.190 1.120   -5.424  1.00 34.65  ? 398 GLU A OE2  1 
ATOM   1205 H H    . GLU A 1 97  ? -13.568 4.874   -4.565  1.00 37.48  ? 398 GLU A H    1 
ATOM   1206 H HA   . GLU A 1 97  ? -14.052 2.590   -3.364  1.00 36.39  ? 398 GLU A HA   1 
ATOM   1207 H HB2  . GLU A 1 97  ? -15.668 3.930   -4.551  1.00 46.46  ? 398 GLU A HB2  1 
ATOM   1208 H HB3  . GLU A 1 97  ? -15.120 3.235   -5.876  1.00 46.46  ? 398 GLU A HB3  1 
ATOM   1209 H HG2  . GLU A 1 97  ? -15.700 1.180   -5.018  1.00 48.82  ? 398 GLU A HG2  1 
ATOM   1210 H HG3  . GLU A 1 97  ? -16.283 1.896   -3.723  1.00 48.82  ? 398 GLU A HG3  1 
ATOM   1211 N N    . HIS A 1 98  ? -12.262 2.397   -5.974  1.00 24.58  ? 399 HIS A N    1 
ATOM   1212 C CA   . HIS A 1 98  ? -11.395 1.507   -6.734  1.00 19.82  ? 399 HIS A CA   1 
ATOM   1213 C C    . HIS A 1 98  ? -10.227 1.023   -5.890  1.00 24.63  ? 399 HIS A C    1 
ATOM   1214 O O    . HIS A 1 98  ? -9.841  -0.152  -5.970  1.00 21.26  ? 399 HIS A O    1 
ATOM   1215 C CB   . HIS A 1 98  ? -10.899 2.224   -7.988  1.00 23.24  ? 399 HIS A CB   1 
ATOM   1216 C CG   . HIS A 1 98  ? -10.443 1.313   -9.085  1.00 27.31  ? 399 HIS A CG   1 
ATOM   1217 N ND1  . HIS A 1 98  ? -10.176 1.772   -10.359 1.00 32.06  ? 399 HIS A ND1  1 
ATOM   1218 C CD2  . HIS A 1 98  ? -10.205 -0.017  -9.107  1.00 25.14  ? 399 HIS A CD2  1 
ATOM   1219 C CE1  . HIS A 1 98  ? -9.788  0.760   -11.119 1.00 34.56  ? 399 HIS A CE1  1 
ATOM   1220 N NE2  . HIS A 1 98  ? -9.782  -0.336  -10.378 1.00 26.47  ? 399 HIS A NE2  1 
ATOM   1221 H H    . HIS A 1 98  ? -12.205 3.225   -6.198  1.00 29.76  ? 399 HIS A H    1 
ATOM   1222 H HA   . HIS A 1 98  ? -11.906 0.731   -7.014  1.00 24.05  ? 399 HIS A HA   1 
ATOM   1223 H HB2  . HIS A 1 98  ? -11.620 2.769   -8.338  1.00 28.15  ? 399 HIS A HB2  1 
ATOM   1224 H HB3  . HIS A 1 98  ? -10.150 2.790   -7.745  1.00 28.15  ? 399 HIS A HB3  1 
ATOM   1225 H HD2  . HIS A 1 98  ? -10.288 -0.604  -8.390  1.00 30.43  ? 399 HIS A HD2  1 
ATOM   1226 H HE1  . HIS A 1 98  ? -9.548  0.812   -12.016 1.00 41.74  ? 399 HIS A HE1  1 
ATOM   1227 H HE2  . HIS A 1 98  ? -9.574  -1.124  -10.652 1.00 32.03  ? 399 HIS A HE2  1 
ATOM   1228 N N    . ILE A 1 99  ? -9.653  1.895   -5.062  1.00 25.33  ? 400 ILE A N    1 
ATOM   1229 C CA   . ILE A 1 99  ? -8.619  1.432   -4.138  1.00 22.01  ? 400 ILE A CA   1 
ATOM   1230 C C    . ILE A 1 99  ? -9.194  0.382   -3.195  1.00 18.38  ? 400 ILE A C    1 
ATOM   1231 O O    . ILE A 1 99  ? -8.553  -0.649  -2.954  1.00 22.18  ? 400 ILE A O    1 
ATOM   1232 C CB   . ILE A 1 99  ? -7.981  2.610   -3.383  1.00 23.34  ? 400 ILE A CB   1 
ATOM   1233 C CG1  . ILE A 1 99  ? -7.224  3.484   -4.398  1.00 29.66  ? 400 ILE A CG1  1 
ATOM   1234 C CG2  . ILE A 1 99  ? -6.908  2.105   -2.441  1.00 25.10  ? 400 ILE A CG2  1 
ATOM   1235 C CD1  . ILE A 1 99  ? -6.586  4.702   -3.802  1.00 36.52  ? 400 ILE A CD1  1 
ATOM   1236 H H    . ILE A 1 99  ? -9.837  2.734   -5.016  1.00 30.65  ? 400 ILE A H    1 
ATOM   1237 H HA   . ILE A 1 99  ? -7.917  1.005   -4.653  1.00 26.68  ? 400 ILE A HA   1 
ATOM   1238 H HB   . ILE A 1 99  ? -8.650  3.127   -2.907  1.00 28.27  ? 400 ILE A HB   1 
ATOM   1239 H HG12 . ILE A 1 99  ? -6.522  2.952   -4.805  1.00 35.85  ? 400 ILE A HG12 1 
ATOM   1240 H HG13 . ILE A 1 99  ? -7.846  3.781   -5.080  1.00 35.85  ? 400 ILE A HG13 1 
ATOM   1241 H HG21 . ILE A 1 99  ? -6.517  2.861   -1.975  1.00 30.38  ? 400 ILE A HG21 1 
ATOM   1242 H HG22 . ILE A 1 99  ? -7.310  1.495   -1.803  1.00 30.38  ? 400 ILE A HG22 1 
ATOM   1243 H HG23 . ILE A 1 99  ? -6.227  1.646   -2.957  1.00 30.38  ? 400 ILE A HG23 1 
ATOM   1244 H HD11 . ILE A 1 99  ? -6.132  5.194   -4.504  1.00 44.08  ? 400 ILE A HD11 1 
ATOM   1245 H HD12 . ILE A 1 99  ? -7.275  5.255   -3.402  1.00 44.08  ? 400 ILE A HD12 1 
ATOM   1246 H HD13 . ILE A 1 99  ? -5.948  4.425   -3.126  1.00 44.08  ? 400 ILE A HD13 1 
ATOM   1247 N N    . LEU A 1 100 ? -10.429 0.576   -2.744  1.00 21.57  ? 401 LEU A N    1 
ATOM   1248 C CA   . LEU A 1 100 ? -11.053 -0.406  -1.863  1.00 26.15  ? 401 LEU A CA   1 
ATOM   1249 C C    . LEU A 1 100 ? -11.268 -1.725  -2.583  1.00 22.92  ? 401 LEU A C    1 
ATOM   1250 O O    . LEU A 1 100 ? -10.963 -2.794  -2.043  1.00 20.91  ? 401 LEU A O    1 
ATOM   1251 C CB   . LEU A 1 100 ? -12.355 0.117   -1.324  1.00 22.39  ? 401 LEU A CB   1 
ATOM   1252 C CG   . LEU A 1 100 ? -13.211 -0.815  -0.446  1.00 19.93  ? 401 LEU A CG   1 
ATOM   1253 C CD1  . LEU A 1 100 ? -12.444 -1.341  0.748   1.00 28.90  ? 401 LEU A CD1  1 
ATOM   1254 C CD2  . LEU A 1 100 ? -14.417 -0.054  -0.029  1.00 28.85  ? 401 LEU A CD2  1 
ATOM   1255 H H    . LEU A 1 100 ? -10.922 1.257   -2.931  1.00 26.15  ? 401 LEU A H    1 
ATOM   1256 H HA   . LEU A 1 100 ? -10.464 -0.570  -1.109  1.00 31.65  ? 401 LEU A HA   1 
ATOM   1257 H HB2  . LEU A 1 100 ? -12.160 0.904   -0.791  1.00 27.13  ? 401 LEU A HB2  1 
ATOM   1258 H HB3  . LEU A 1 100 ? -12.906 0.376   -2.079  1.00 27.13  ? 401 LEU A HB3  1 
ATOM   1259 H HG   . LEU A 1 100 ? -13.502 -1.573  -0.977  1.00 24.18  ? 401 LEU A HG   1 
ATOM   1260 H HD11 . LEU A 1 100 ? -13.025 -1.920  1.265   1.00 34.94  ? 401 LEU A HD11 1 
ATOM   1261 H HD12 . LEU A 1 100 ? -11.675 -1.841  0.432   1.00 34.94  ? 401 LEU A HD12 1 
ATOM   1262 H HD13 . LEU A 1 100 ? -12.153 -0.593  1.291   1.00 34.94  ? 401 LEU A HD13 1 
ATOM   1263 H HD21 . LEU A 1 100 ? -14.972 -0.622  0.526   1.00 34.88  ? 401 LEU A HD21 1 
ATOM   1264 H HD22 . LEU A 1 100 ? -14.137 0.728   0.473   1.00 34.88  ? 401 LEU A HD22 1 
ATOM   1265 H HD23 . LEU A 1 100 ? -14.907 0.218   -0.820  1.00 34.88  ? 401 LEU A HD23 1 
ATOM   1266 N N    . LEU A 1 101 ? -11.830 -1.675  -3.786  1.00 22.59  ? 402 LEU A N    1 
ATOM   1267 C CA   . LEU A 1 101 ? -11.994 -2.899  -4.572  1.00 20.23  ? 402 LEU A CA   1 
ATOM   1268 C C    . LEU A 1 101 ? -10.701 -3.682  -4.658  1.00 20.87  ? 402 LEU A C    1 
ATOM   1269 O O    . LEU A 1 101 ? -10.694 -4.905  -4.491  1.00 22.31  ? 402 LEU A O    1 
ATOM   1270 C CB   . LEU A 1 101 ? -12.509 -2.528  -5.959  1.00 19.94  ? 402 LEU A CB   1 
ATOM   1271 C CG   . LEU A 1 101 ? -12.790 -3.645  -6.952  1.00 22.86  ? 402 LEU A CG   1 
ATOM   1272 C CD1  . LEU A 1 101 ? -13.768 -3.097  -7.938  1.00 23.19  ? 402 LEU A CD1  1 
ATOM   1273 C CD2  . LEU A 1 101 ? -11.531 -4.126  -7.669  1.00 21.90  ? 402 LEU A CD2  1 
ATOM   1274 H H    . LEU A 1 101 ? -12.120 -0.961  -4.167  1.00 27.37  ? 402 LEU A H    1 
ATOM   1275 H HA   . LEU A 1 101 ? -12.658 -3.463  -4.145  1.00 24.54  ? 402 LEU A HA   1 
ATOM   1276 H HB2  . LEU A 1 101 ? -13.340 -2.039  -5.846  1.00 24.19  ? 402 LEU A HB2  1 
ATOM   1277 H HB3  . LEU A 1 101 ? -11.853 -1.943  -6.372  1.00 24.19  ? 402 LEU A HB3  1 
ATOM   1278 H HG   . LEU A 1 101 ? -13.196 -4.397  -6.494  1.00 27.69  ? 402 LEU A HG   1 
ATOM   1279 H HD11 . LEU A 1 101 ? -13.974 -3.784  -8.593  1.00 28.09  ? 402 LEU A HD11 1 
ATOM   1280 H HD12 . LEU A 1 101 ? -14.576 -2.835  -7.469  1.00 28.09  ? 402 LEU A HD12 1 
ATOM   1281 H HD13 . LEU A 1 101 ? -13.375 -2.328  -8.379  1.00 28.09  ? 402 LEU A HD13 1 
ATOM   1282 H HD21 . LEU A 1 101 ? -11.770 -4.835  -8.286  1.00 26.54  ? 402 LEU A HD21 1 
ATOM   1283 H HD22 . LEU A 1 101 ? -11.140 -3.382  -8.154  1.00 26.54  ? 402 LEU A HD22 1 
ATOM   1284 H HD23 . LEU A 1 101 ? -10.900 -4.459  -7.010  1.00 26.54  ? 402 LEU A HD23 1 
ATOM   1285 N N    . LEU A 1 102 ? -9.577  -3.001  -4.931  1.00 21.69  ? 403 LEU A N    1 
ATOM   1286 C CA   . LEU A 1 102 ? -8.320  -3.710  -5.088  1.00 22.18  ? 403 LEU A CA   1 
ATOM   1287 C C    . LEU A 1 102 ? -7.731  -4.188  -3.760  1.00 19.65  ? 403 LEU A C    1 
ATOM   1288 O O    . LEU A 1 102 ? -7.079  -5.231  -3.732  1.00 23.27  ? 403 LEU A O    1 
ATOM   1289 C CB   . LEU A 1 102 ? -7.303  -2.833  -5.794  1.00 24.32  ? 403 LEU A CB   1 
ATOM   1290 C CG   . LEU A 1 102 ? -7.745  -2.414  -7.216  1.00 22.67  ? 403 LEU A CG   1 
ATOM   1291 C CD1  . LEU A 1 102 ? -6.888  -1.265  -7.735  1.00 30.88  ? 403 LEU A CD1  1 
ATOM   1292 C CD2  . LEU A 1 102 ? -7.691  -3.627  -8.141  1.00 27.15  ? 403 LEU A CD2  1 
ATOM   1293 H H    . LEU A 1 102 ? -9.525  -2.147  -5.028  1.00 26.29  ? 403 LEU A H    1 
ATOM   1294 H HA   . LEU A 1 102 ? -8.472  -4.492  -5.641  1.00 26.88  ? 403 LEU A HA   1 
ATOM   1295 H HB2  . LEU A 1 102 ? -7.169  -2.026  -5.274  1.00 29.45  ? 403 LEU A HB2  1 
ATOM   1296 H HB3  . LEU A 1 102 ? -6.468  -3.319  -5.872  1.00 29.45  ? 403 LEU A HB3  1 
ATOM   1297 H HG   . LEU A 1 102 ? -8.664  -2.107  -7.181  1.00 27.47  ? 403 LEU A HG   1 
ATOM   1298 H HD11 . LEU A 1 102 ? -7.187  -1.025  -8.626  1.00 37.31  ? 403 LEU A HD11 1 
ATOM   1299 H HD12 . LEU A 1 102 ? -6.984  -0.506  -7.138  1.00 37.31  ? 403 LEU A HD12 1 
ATOM   1300 H HD13 . LEU A 1 102 ? -5.961  -1.549  -7.763  1.00 37.31  ? 403 LEU A HD13 1 
ATOM   1301 H HD21 . LEU A 1 102 ? -7.969  -3.358  -9.031  1.00 32.84  ? 403 LEU A HD21 1 
ATOM   1302 H HD22 . LEU A 1 102 ? -6.782  -3.965  -8.166  1.00 32.84  ? 403 LEU A HD22 1 
ATOM   1303 H HD23 . LEU A 1 102 ? -8.289  -4.311  -7.801  1.00 32.84  ? 403 LEU A HD23 1 
ATOM   1304 N N    . THR A 1 103 ? -7.911  -3.445  -2.683  1.00 21.96  ? 404 THR A N    1 
ATOM   1305 C CA   . THR A 1 103 ? -7.203  -3.772  -1.448  1.00 23.65  ? 404 THR A CA   1 
ATOM   1306 C C    . THR A 1 103 ? -8.047  -4.547  -0.451  1.00 22.21  ? 404 THR A C    1 
ATOM   1307 O O    . THR A 1 103 ? -7.490  -5.107  0.508   1.00 22.88  ? 404 THR A O    1 
ATOM   1308 C CB   . THR A 1 103 ? -6.675  -2.500  -0.760  1.00 20.35  ? 404 THR A CB   1 
ATOM   1309 O OG1  . THR A 1 103 ? -7.753  -1.642  -0.414  1.00 23.52  ? 404 THR A OG1  1 
ATOM   1310 C CG2  . THR A 1 103 ? -5.721  -1.744  -1.675  1.00 24.40  ? 404 THR A CG2  1 
ATOM   1311 H H    . THR A 1 103 ? -8.427  -2.759  -2.634  1.00 26.61  ? 404 THR A H    1 
ATOM   1312 H HA   . THR A 1 103 ? -6.436  -4.324  -1.671  1.00 28.65  ? 404 THR A HA   1 
ATOM   1313 H HB   . THR A 1 103 ? -6.192  -2.748  0.044   1.00 24.68  ? 404 THR A HB   1 
ATOM   1314 H HG1  . THR A 1 103 ? -8.177  -1.420  -1.105  1.00 28.49  ? 404 THR A HG1  1 
ATOM   1315 H HG21 . THR A 1 103 ? -5.397  -0.946  -1.229  1.00 29.55  ? 404 THR A HG21 1 
ATOM   1316 H HG22 . THR A 1 103 ? -4.964  -2.307  -1.903  1.00 29.55  ? 404 THR A HG22 1 
ATOM   1317 H HG23 . THR A 1 103 ? -6.179  -1.486  -2.490  1.00 29.55  ? 404 THR A HG23 1 
ATOM   1318 N N    . ARG A 1 104 ? -9.366  -4.576  -0.617  1.00 25.13  ? 405 ARG A N    1 
ATOM   1319 C CA   . ARG A 1 104 ? -10.214 -5.172  0.407   1.00 23.21  ? 405 ARG A CA   1 
ATOM   1320 C C    . ARG A 1 104 ? -9.795  -6.576  0.805   1.00 24.98  ? 405 ARG A C    1 
ATOM   1321 O O    . ARG A 1 104 ? -9.748  -6.853  2.017   1.00 22.36  ? 405 ARG A O    1 
ATOM   1322 C CB   . ARG A 1 104 ? -11.676 -5.170  -0.036  1.00 26.44  ? 405 ARG A CB   1 
ATOM   1323 C CG   . ARG A 1 104 ? -12.552 -5.960  0.901   1.00 32.11  ? 405 ARG A CG   1 
ATOM   1324 C CD   . ARG A 1 104 ? -13.892 -6.212  0.292   1.00 29.92  ? 405 ARG A CD   1 
ATOM   1325 N NE   . ARG A 1 104 ? -14.790 -5.069  0.415   1.00 33.13  ? 405 ARG A NE   1 
ATOM   1326 C CZ   . ARG A 1 104 ? -15.082 -4.248  -0.583  1.00 29.97  ? 405 ARG A CZ   1 
ATOM   1327 N NH1  . ARG A 1 104 ? -14.496 -4.433  -1.757  1.00 26.29  ? 405 ARG A NH1  1 
ATOM   1328 N NH2  . ARG A 1 104 ? -15.946 -3.253  -0.395  1.00 26.83  ? 405 ARG A NH2  1 
ATOM   1329 H H    . ARG A 1 104 ? -9.786  -4.264  -1.299  1.00 30.42  ? 405 ARG A H    1 
ATOM   1330 H HA   . ARG A 1 104 ? -10.155 -4.623  1.204   1.00 28.12  ? 405 ARG A HA   1 
ATOM   1331 H HB2  . ARG A 1 104 ? -12.000 -4.256  -0.055  1.00 31.99  ? 405 ARG A HB2  1 
ATOM   1332 H HB3  . ARG A 1 104 ? -11.742 -5.567  -0.918  1.00 31.99  ? 405 ARG A HB3  1 
ATOM   1333 H HG2  . ARG A 1 104 ? -12.134 -6.815  1.088   1.00 38.79  ? 405 ARG A HG2  1 
ATOM   1334 H HG3  . ARG A 1 104 ? -12.678 -5.459  1.723   1.00 38.79  ? 405 ARG A HG3  1 
ATOM   1335 H HD2  . ARG A 1 104 ? -13.779 -6.405  -0.653  1.00 36.17  ? 405 ARG A HD2  1 
ATOM   1336 H HD3  . ARG A 1 104 ? -14.305 -6.968  0.738   1.00 36.17  ? 405 ARG A HD3  1 
ATOM   1337 H HE   . ARG A 1 104 ? -15.083 -4.870  1.198   1.00 40.02  ? 405 ARG A HE   1 
ATOM   1338 H HH11 . ARG A 1 104 ? -13.949 -5.088  -1.866  1.00 31.81  ? 405 ARG A HH11 1 
ATOM   1339 H HH12 . ARG A 1 104 ? -14.669 -3.905  -2.413  1.00 31.81  ? 405 ARG A HH12 1 
ATOM   1340 H HH21 . ARG A 1 104 ? -16.308 -3.139  0.376   1.00 32.46  ? 405 ARG A HH21 1 
ATOM   1341 H HH22 . ARG A 1 104 ? -16.119 -2.707  -1.036  1.00 32.46  ? 405 ARG A HH22 1 
ATOM   1342 N N    . PRO A 1 105 ? -9.506  -7.504  -0.108  1.00 26.63  ? 406 PRO A N    1 
ATOM   1343 C CA   . PRO A 1 105 ? -9.222  -8.881  0.343   1.00 27.50  ? 406 PRO A CA   1 
ATOM   1344 C C    . PRO A 1 105 ? -8.017  -9.010  1.245   1.00 27.73  ? 406 PRO A C    1 
ATOM   1345 O O    . PRO A 1 105 ? -8.086  -9.702  2.268   1.00 22.73  ? 406 PRO A O    1 
ATOM   1346 C CB   . PRO A 1 105 ? -9.029  -9.642  -0.976  1.00 29.28  ? 406 PRO A CB   1 
ATOM   1347 C CG   . PRO A 1 105 ? -9.833  -8.901  -1.947  1.00 32.92  ? 406 PRO A CG   1 
ATOM   1348 C CD   . PRO A 1 105 ? -9.683  -7.452  -1.570  1.00 26.60  ? 406 PRO A CD   1 
ATOM   1349 H HA   . PRO A 1 105 ? -9.996  -9.243  0.802   1.00 33.26  ? 406 PRO A HA   1 
ATOM   1350 H HB2  . PRO A 1 105 ? -8.091  -9.633  -1.225  1.00 35.40  ? 406 PRO A HB2  1 
ATOM   1351 H HB3  . PRO A 1 105 ? -9.354  -10.551 -0.881  1.00 35.40  ? 406 PRO A HB3  1 
ATOM   1352 H HG2  . PRO A 1 105 ? -9.493  -9.059  -2.841  1.00 39.77  ? 406 PRO A HG2  1 
ATOM   1353 H HG3  . PRO A 1 105 ? -10.761 -9.176  -1.880  1.00 39.77  ? 406 PRO A HG3  1 
ATOM   1354 H HD2  . PRO A 1 105 ? -8.898  -7.071  -1.993  1.00 32.19  ? 406 PRO A HD2  1 
ATOM   1355 H HD3  . PRO A 1 105 ? -10.486 -6.958  -1.796  1.00 32.19  ? 406 PRO A HD3  1 
ATOM   1356 N N    . ARG A 1 106 ? -6.900  -8.384  0.890   1.00 23.90  ? 407 ARG A N    1 
ATOM   1357 C CA   . ARG A 1 106 ? -5.713  -8.516  1.708   1.00 24.23  ? 407 ARG A CA   1 
ATOM   1358 C C    . ARG A 1 106 ? -5.856  -7.739  3.004   1.00 22.55  ? 407 ARG A C    1 
ATOM   1359 O O    . ARG A 1 106 ? -5.432  -8.212  4.068   1.00 21.23  ? 407 ARG A O    1 
ATOM   1360 C CB   . ARG A 1 106 ? -4.473  -8.074  0.944   1.00 24.72  ? 407 ARG A CB   1 
ATOM   1361 C CG   . ARG A 1 106 ? -3.159  -8.375  1.694   1.00 25.55  ? 407 ARG A CG   1 
ATOM   1362 C CD   . ARG A 1 106 ? -3.005  -9.908  2.089   1.00 31.42  ? 407 ARG A CD   1 
ATOM   1363 N NE   . ARG A 1 106 ? -1.773  -10.145 2.845   1.00 34.35  ? 407 ARG A NE   1 
ATOM   1364 C CZ   . ARG A 1 106 ? -1.607  -11.096 3.769   1.00 34.52  ? 407 ARG A CZ   1 
ATOM   1365 N NH1  . ARG A 1 106 ? -2.594  -11.926 4.085   1.00 37.72  ? 407 ARG A NH1  1 
ATOM   1366 N NH2  . ARG A 1 106 ? -0.450  -11.185 4.422   1.00 32.75  ? 407 ARG A NH2  1 
ATOM   1367 H H    . ARG A 1 106 ? -6.809  -7.887  0.193   1.00 28.94  ? 407 ARG A H    1 
ATOM   1368 H HA   . ARG A 1 106 ? -5.598  -9.452  1.938   1.00 29.34  ? 407 ARG A HA   1 
ATOM   1369 H HB2  . ARG A 1 106 ? -4.444  -8.539  0.093   1.00 29.93  ? 407 ARG A HB2  1 
ATOM   1370 H HB3  . ARG A 1 106 ? -4.519  -7.116  0.796   1.00 29.93  ? 407 ARG A HB3  1 
ATOM   1371 H HG2  . ARG A 1 106 ? -2.410  -8.136  1.126   1.00 30.92  ? 407 ARG A HG2  1 
ATOM   1372 H HG3  . ARG A 1 106 ? -3.135  -7.852  2.511   1.00 30.92  ? 407 ARG A HG3  1 
ATOM   1373 H HD2  . ARG A 1 106 ? -3.756  -10.174 2.642   1.00 37.97  ? 407 ARG A HD2  1 
ATOM   1374 H HD3  . ARG A 1 106 ? -2.975  -10.445 1.282   1.00 37.97  ? 407 ARG A HD3  1 
ATOM   1375 H HE   . ARG A 1 106 ? -1.104  -9.631  2.681   1.00 41.48  ? 407 ARG A HE   1 
ATOM   1376 H HH11 . ARG A 1 106 ? -3.350  -11.868 3.680   1.00 45.53  ? 407 ARG A HH11 1 
ATOM   1377 H HH12 . ARG A 1 106 ? -2.472  -12.531 4.683   1.00 45.53  ? 407 ARG A HH12 1 
ATOM   1378 H HH21 . ARG A 1 106 ? 0.197   -10.653 4.225   1.00 39.57  ? 407 ARG A HH21 1 
ATOM   1379 H HH22 . ARG A 1 106 ? -0.335  -11.801 5.011   1.00 39.57  ? 407 ARG A HH22 1 
ATOM   1380 N N    . LEU A 1 107 ? -6.484  -6.568  2.957   1.00 20.49  ? 408 LEU A N    1 
ATOM   1381 C CA   . LEU A 1 107 ? -6.747  -5.838  4.196   1.00 20.26  ? 408 LEU A CA   1 
ATOM   1382 C C    . LEU A 1 107 ? -7.668  -6.622  5.123   1.00 19.88  ? 408 LEU A C    1 
ATOM   1383 O O    . LEU A 1 107 ? -7.466  -6.614  6.348   1.00 21.49  ? 408 LEU A O    1 
ATOM   1384 C CB   . LEU A 1 107 ? -7.345  -4.472  3.885   1.00 21.17  ? 408 LEU A CB   1 
ATOM   1385 C CG   . LEU A 1 107 ? -6.407  -3.445  3.263   1.00 20.51  ? 408 LEU A CG   1 
ATOM   1386 C CD1  . LEU A 1 107 ? -7.201  -2.205  2.968   1.00 19.81  ? 408 LEU A CD1  1 
ATOM   1387 C CD2  . LEU A 1 107 ? -5.286  -3.101  4.264   1.00 23.67  ? 408 LEU A CD2  1 
ATOM   1388 H H    . LEU A 1 107 ? -6.762  -6.182  2.240   1.00 24.85  ? 408 LEU A H    1 
ATOM   1389 H HA   . LEU A 1 107 ? -5.907  -5.696  4.660   1.00 24.58  ? 408 LEU A HA   1 
ATOM   1390 H HB2  . LEU A 1 107 ? -8.083  -4.596  3.268   1.00 25.67  ? 408 LEU A HB2  1 
ATOM   1391 H HB3  . LEU A 1 107 ? -7.679  -4.091  4.712   1.00 25.67  ? 408 LEU A HB3  1 
ATOM   1392 H HG   . LEU A 1 107 ? -6.019  -3.788  2.442   1.00 24.87  ? 408 LEU A HG   1 
ATOM   1393 H HD11 . LEU A 1 107 ? -6.616  -1.542  2.570   1.00 24.04  ? 408 LEU A HD11 1 
ATOM   1394 H HD12 . LEU A 1 107 ? -7.916  -2.428  2.351   1.00 24.04  ? 408 LEU A HD12 1 
ATOM   1395 H HD13 . LEU A 1 107 ? -7.574  -1.864  3.796   1.00 24.04  ? 408 LEU A HD13 1 
ATOM   1396 H HD21 . LEU A 1 107 ? -4.693  -2.448  3.860   1.00 28.66  ? 408 LEU A HD21 1 
ATOM   1397 H HD22 . LEU A 1 107 ? -5.683  -2.735  5.069   1.00 28.66  ? 408 LEU A HD22 1 
ATOM   1398 H HD23 . LEU A 1 107 ? -4.793  -3.909  4.475   1.00 28.66  ? 408 LEU A HD23 1 
ATOM   1399 N N    . GLN A 1 108 ? -8.686  -7.304  4.579   1.00 19.60  ? 409 GLN A N    1 
ATOM   1400 C CA   . GLN A 1 108 ? -9.537  -8.156  5.415   1.00 20.45  ? 409 GLN A CA   1 
ATOM   1401 C C    . GLN A 1 108 ? -8.730  -9.289  6.054   1.00 22.27  ? 409 GLN A C    1 
ATOM   1402 O O    . GLN A 1 108 ? -8.900  -9.582  7.242   1.00 25.92  ? 409 GLN A O    1 
ATOM   1403 C CB   . GLN A 1 108 ? -10.708 -8.752  4.603   1.00 24.88  ? 409 GLN A CB   1 
ATOM   1404 C CG   . GLN A 1 108 ? -11.917 -7.870  4.455   1.00 28.57  ? 409 GLN A CG   1 
ATOM   1405 C CD   . GLN A 1 108 ? -12.942 -8.404  3.436   1.00 31.98  ? 409 GLN A CD   1 
ATOM   1406 O OE1  . GLN A 1 108 ? -12.639 -9.280  2.621   1.00 35.24  ? 409 GLN A OE1  1 
ATOM   1407 N NE2  . GLN A 1 108 ? -14.172 -7.885  3.511   1.00 34.95  ? 409 GLN A NE2  1 
ATOM   1408 H H    . GLN A 1 108 ? -8.899  -7.289  3.746   1.00 23.78  ? 409 GLN A H    1 
ATOM   1409 H HA   . GLN A 1 108 ? -9.914  -7.618  6.130   1.00 24.80  ? 409 GLN A HA   1 
ATOM   1410 H HB2  . GLN A 1 108 ? -10.388 -8.956  3.711   1.00 30.12  ? 409 GLN A HB2  1 
ATOM   1411 H HB3  . GLN A 1 108 ? -10.998 -9.569  5.038   1.00 30.12  ? 409 GLN A HB3  1 
ATOM   1412 H HG2  . GLN A 1 108 ? -12.361 -7.799  5.314   1.00 34.55  ? 409 GLN A HG2  1 
ATOM   1413 H HG3  . GLN A 1 108 ? -11.631 -6.992  4.157   1.00 34.55  ? 409 GLN A HG3  1 
ATOM   1414 H HE21 . GLN A 1 108 ? -14.352 -7.289  4.103   1.00 42.21  ? 409 GLN A HE21 1 
ATOM   1415 H HE22 . GLN A 1 108 ? -14.783 -8.147  2.966   1.00 42.21  ? 409 GLN A HE22 1 
ATOM   1416 N N    . GLU A 1 109 ? -7.855  -9.936  5.287   1.00 26.09  ? 410 GLU A N    1 
ATOM   1417 C CA   . GLU A 1 109 ? -7.010  -10.993 5.842   1.00 29.26  ? 410 GLU A CA   1 
ATOM   1418 C C    . GLU A 1 109 ? -6.139  -10.485 6.986   1.00 32.12  ? 410 GLU A C    1 
ATOM   1419 O O    . GLU A 1 109 ? -6.038  -11.130 8.046   1.00 25.47  ? 410 GLU A O    1 
ATOM   1420 C CB   . GLU A 1 109 ? -6.141  -11.597 4.752   1.00 29.21  ? 410 GLU A CB   1 
ATOM   1421 C CG   . GLU A 1 109 ? -6.909  -12.526 3.822   1.00 30.42  ? 410 GLU A CG   1 
ATOM   1422 C CD   . GLU A 1 109 ? -6.160  -12.880 2.560   1.00 38.61  ? 410 GLU A CD   1 
ATOM   1423 O OE1  . GLU A 1 109 ? -4.945  -12.552 2.445   1.00 35.30  ? 410 GLU A OE1  1 
ATOM   1424 O OE2  . GLU A 1 109 ? -6.810  -13.482 1.673   1.00 45.08  ? 410 GLU A OE2  1 
ATOM   1425 H H    . GLU A 1 109 ? -7.733  -9.785  4.449   1.00 31.57  ? 410 GLU A H    1 
ATOM   1426 H HA   . GLU A 1 109 ? -7.578  -11.697 6.192   1.00 35.38  ? 410 GLU A HA   1 
ATOM   1427 H HB2  . GLU A 1 109 ? -5.765  -10.882 4.217   1.00 35.32  ? 410 GLU A HB2  1 
ATOM   1428 H HB3  . GLU A 1 109 ? -5.429  -12.110 5.166   1.00 35.32  ? 410 GLU A HB3  1 
ATOM   1429 H HG2  . GLU A 1 109 ? -7.102  -13.352 4.294   1.00 36.77  ? 410 GLU A HG2  1 
ATOM   1430 H HG3  . GLU A 1 109 ? -7.738  -12.094 3.564   1.00 36.77  ? 410 GLU A HG3  1 
ATOM   1431 N N    . LEU A 1 110 ? -5.479  -9.343  6.790   1.00 23.54  ? 411 LEU A N    1 
ATOM   1432 C CA   . LEU A 1 110 ? -4.602  -8.816  7.831   1.00 19.67  ? 411 LEU A CA   1 
ATOM   1433 C C    . LEU A 1 110 ? -5.397  -8.398  9.056   1.00 24.36  ? 411 LEU A C    1 
ATOM   1434 O O    . LEU A 1 110 ? -4.961  -8.630  10.194  1.00 25.73  ? 411 LEU A O    1 
ATOM   1435 C CB   . LEU A 1 110 ? -3.760  -7.660  7.316   1.00 21.34  ? 411 LEU A CB   1 
ATOM   1436 C CG   . LEU A 1 110 ? -2.780  -7.932  6.162   1.00 23.90  ? 411 LEU A CG   1 
ATOM   1437 C CD1  . LEU A 1 110 ? -2.108  -6.694  5.724   1.00 27.67  ? 411 LEU A CD1  1 
ATOM   1438 C CD2  . LEU A 1 110 ? -1.705  -8.897  6.532   1.00 27.18  ? 411 LEU A CD2  1 
ATOM   1439 H H    . LEU A 1 110 ? -5.521  -8.862  6.077   1.00 28.51  ? 411 LEU A H    1 
ATOM   1440 H HA   . LEU A 1 110 ? -3.993  -9.521  8.105   1.00 23.87  ? 411 LEU A HA   1 
ATOM   1441 H HB2  . LEU A 1 110 ? -4.363  -6.963  7.013   1.00 25.88  ? 411 LEU A HB2  1 
ATOM   1442 H HB3  . LEU A 1 110 ? -3.234  -7.321  8.058   1.00 25.88  ? 411 LEU A HB3  1 
ATOM   1443 H HG   . LEU A 1 110 ? -3.268  -8.295  5.406   1.00 28.94  ? 411 LEU A HG   1 
ATOM   1444 H HD11 . LEU A 1 110 ? -1.501  -6.905  4.998   1.00 33.47  ? 411 LEU A HD11 1 
ATOM   1445 H HD12 . LEU A 1 110 ? -2.778  -6.061  5.422   1.00 33.47  ? 411 LEU A HD12 1 
ATOM   1446 H HD13 . LEU A 1 110 ? -1.614  -6.321  6.472   1.00 33.47  ? 411 LEU A HD13 1 
ATOM   1447 H HD21 . LEU A 1 110 ? -1.122  -9.027  5.768   1.00 32.88  ? 411 LEU A HD21 1 
ATOM   1448 H HD22 . LEU A 1 110 ? -1.199  -8.535  7.277   1.00 32.88  ? 411 LEU A HD22 1 
ATOM   1449 H HD23 . LEU A 1 110 ? -2.111  -9.740  6.786   1.00 32.88  ? 411 LEU A HD23 1 
ATOM   1450 N N    . SER A 1 111 ? -6.576  -7.798  8.861   1.00 20.73  ? 412 SER A N    1 
ATOM   1451 C CA   . SER A 1 111 ? -7.364  -7.335  9.983   1.00 22.91  ? 412 SER A CA   1 
ATOM   1452 C C    . SER A 1 111 ? -7.888  -8.492  10.830  1.00 22.52  ? 412 SER A C    1 
ATOM   1453 O O    . SER A 1 111 ? -8.273  -8.262  11.978  1.00 26.12  ? 412 SER A O    1 
ATOM   1454 C CB   . SER A 1 111 ? -8.534  -6.463  9.512   1.00 27.75  ? 412 SER A CB   1 
ATOM   1455 O OG   . SER A 1 111 ? -9.585  -7.220  8.972   1.00 38.21  ? 412 SER A OG   1 
ATOM   1456 H H    . SER A 1 111 ? -6.930  -7.651  8.092   1.00 25.14  ? 412 SER A H    1 
ATOM   1457 H HA   . SER A 1 111 ? -6.801  -6.788  10.552  1.00 27.76  ? 412 SER A HA   1 
ATOM   1458 H HB2  . SER A 1 111 ? -8.872  -5.961  10.270  1.00 33.56  ? 412 SER A HB2  1 
ATOM   1459 H HB3  . SER A 1 111 ? -8.211  -5.852  8.831   1.00 33.56  ? 412 SER A HB3  1 
ATOM   1460 H HG   . SER A 1 111 ? -9.313  -7.659  8.310   1.00 46.12  ? 412 SER A HG   1 
ATOM   1461 N N    . ALA A 1 112 ? -7.953  -9.703  10.271  1.00 23.06  ? 413 ALA A N    1 
ATOM   1462 C CA   . ALA A 1 112 ? -8.371  -10.908 10.985  1.00 29.84  ? 413 ALA A CA   1 
ATOM   1463 C C    . ALA A 1 112 ? -7.255  -11.534 11.801  1.00 31.03  ? 413 ALA A C    1 
ATOM   1464 O O    . ALA A 1 112 ? -7.488  -12.566 12.466  1.00 31.91  ? 413 ALA A O    1 
ATOM   1465 C CB   . ALA A 1 112 ? -8.872  -11.942 9.985   1.00 32.81  ? 413 ALA A CB   1 
ATOM   1466 H H    . ALA A 1 112 ? -7.752  -9.854  9.449   1.00 27.94  ? 413 ALA A H    1 
ATOM   1467 H HA   . ALA A 1 112 ? -9.100  -10.688 11.585  1.00 36.07  ? 413 ALA A HA   1 
ATOM   1468 H HB1  . ALA A 1 112 ? -9.147  -12.738 10.466  1.00 39.63  ? 413 ALA A HB1  1 
ATOM   1469 H HB2  . ALA A 1 112 ? -9.625  -11.571 9.500   1.00 39.63  ? 413 ALA A HB2  1 
ATOM   1470 H HB3  . ALA A 1 112 ? -8.155  -12.158 9.369   1.00 39.63  ? 413 ALA A HB3  1 
ATOM   1471 N N    . GLY A 1 113 ? -6.054  -10.978 11.734  1.00 28.80  ? 414 GLY A N    1 
ATOM   1472 C CA   . GLY A 1 113 ? -4.900  -11.554 12.393  1.00 32.26  ? 414 GLY A CA   1 
ATOM   1473 C C    . GLY A 1 113 ? -4.868  -11.272 13.883  1.00 29.08  ? 414 GLY A C    1 
ATOM   1474 O O    . GLY A 1 113 ? -5.772  -10.680 14.468  1.00 30.56  ? 414 GLY A O    1 
ATOM   1475 H H    . GLY A 1 113 ? -5.883  -10.253 11.304  1.00 34.83  ? 414 GLY A H    1 
ATOM   1476 H HA2  . GLY A 1 113 ? -4.903  -12.516 12.265  1.00 38.97  ? 414 GLY A HA2  1 
ATOM   1477 H HA3  . GLY A 1 113 ? -4.091  -11.195 11.998  1.00 38.97  ? 414 GLY A HA3  1 
ATOM   1478 N N    . SER A 1 114 ? -3.796  -11.746 14.509  1.00 31.92  ? 415 SER A N    1 
ATOM   1479 C CA   . SER A 1 114 ? -3.572  -11.502 15.927  1.00 38.59  ? 415 SER A CA   1 
ATOM   1480 C C    . SER A 1 114 ? -3.372  -10.011 16.191  1.00 33.52  ? 415 SER A C    1 
ATOM   1481 O O    . SER A 1 114 ? -2.794  -9.300  15.362  1.00 29.61  ? 415 SER A O    1 
ATOM   1482 C CB   . SER A 1 114 ? -2.340  -12.273 16.397  1.00 38.13  ? 415 SER A CB   1 
ATOM   1483 O OG   . SER A 1 114 ? -1.245  -12.048 15.505  1.00 41.42  ? 415 SER A OG   1 
ATOM   1484 H H    . SER A 1 114 ? -3.181  -12.216 14.132  1.00 38.57  ? 415 SER A H    1 
ATOM   1485 H HA   . SER A 1 114 ? -4.340  -11.806 16.436  1.00 46.57  ? 415 SER A HA   1 
ATOM   1486 H HB2  . SER A 1 114 ? -2.095  -11.970 17.284  1.00 46.02  ? 415 SER A HB2  1 
ATOM   1487 H HB3  . SER A 1 114 ? -2.546  -13.222 16.413  1.00 46.02  ? 415 SER A HB3  1 
ATOM   1488 H HG   . SER A 1 114 ? -0.570  -12.474 15.766  1.00 49.96  ? 415 SER A HG   1 
ATOM   1489 N N    . PRO A 1 115 ? -3.853  -9.507  17.330  1.00 42.11  ? 416 PRO A N    1 
ATOM   1490 C CA   . PRO A 1 115 ? -3.602  -8.107  17.666  1.00 38.97  ? 416 PRO A CA   1 
ATOM   1491 C C    . PRO A 1 115 ? -2.128  -7.777  17.559  1.00 40.48  ? 416 PRO A C    1 
ATOM   1492 O O    . PRO A 1 115 ? -1.260  -8.572  17.911  1.00 39.07  ? 416 PRO A O    1 
ATOM   1493 C CB   . PRO A 1 115 ? -4.113  -7.993  19.106  1.00 44.10  ? 416 PRO A CB   1 
ATOM   1494 C CG   . PRO A 1 115 ? -5.232  -8.956  19.139  1.00 47.71  ? 416 PRO A CG   1 
ATOM   1495 C CD   . PRO A 1 115 ? -4.725  -10.138 18.339  1.00 48.83  ? 416 PRO A CD   1 
ATOM   1496 H HA   . PRO A 1 115 ? -4.114  -7.518  17.090  1.00 47.03  ? 416 PRO A HA   1 
ATOM   1497 H HB2  . PRO A 1 115 ? -3.414  -8.249  19.728  1.00 53.18  ? 416 PRO A HB2  1 
ATOM   1498 H HB3  . PRO A 1 115 ? -4.424  -7.091  19.279  1.00 53.18  ? 416 PRO A HB3  1 
ATOM   1499 H HG2  . PRO A 1 115 ? -5.420  -9.212  20.056  1.00 57.52  ? 416 PRO A HG2  1 
ATOM   1500 H HG3  . PRO A 1 115 ? -6.015  -8.566  18.721  1.00 57.52  ? 416 PRO A HG3  1 
ATOM   1501 H HD2  . PRO A 1 115 ? -4.211  -10.734 18.906  1.00 58.86  ? 416 PRO A HD2  1 
ATOM   1502 H HD3  . PRO A 1 115 ? -5.462  -10.599 17.911  1.00 58.86  ? 416 PRO A HD3  1 
ATOM   1503 N N    . GLY A 1 116 ? -1.855  -6.589  17.053  1.00 32.54  ? 417 GLY A N    1 
ATOM   1504 C CA   . GLY A 1 116 ? -0.502  -6.155  16.813  1.00 31.03  ? 417 GLY A CA   1 
ATOM   1505 C C    . GLY A 1 116 ? -0.500  -5.012  15.806  1.00 32.53  ? 417 GLY A C    1 
ATOM   1506 O O    . GLY A 1 116 ? -1.550  -4.637  15.284  1.00 30.71  ? 417 GLY A O    1 
ATOM   1507 H H    . GLY A 1 116 ? -2.452  -6.008  16.837  1.00 39.31  ? 417 GLY A H    1 
ATOM   1508 H HA2  . GLY A 1 116 ? -0.101  -5.846  17.641  1.00 37.50  ? 417 GLY A HA2  1 
ATOM   1509 H HA3  . GLY A 1 116 ? 0.025   -6.888  16.460  1.00 37.50  ? 417 GLY A HA3  1 
ATOM   1510 N N    . PRO A 1 117 ? 0.677   -4.473  15.489  1.00 35.97  ? 418 PRO A N    1 
ATOM   1511 C CA   . PRO A 1 117 ? 0.738   -3.258  14.646  1.00 37.44  ? 418 PRO A CA   1 
ATOM   1512 C C    . PRO A 1 117 ? 0.142   -3.412  13.250  1.00 32.64  ? 418 PRO A C    1 
ATOM   1513 O O    . PRO A 1 117 ? -0.570  -2.507  12.771  1.00 27.75  ? 418 PRO A O    1 
ATOM   1514 C CB   . PRO A 1 117 ? 2.244   -2.976  14.560  1.00 41.18  ? 418 PRO A CB   1 
ATOM   1515 C CG   . PRO A 1 117 ? 2.864   -3.713  15.710  1.00 45.81  ? 418 PRO A CG   1 
ATOM   1516 C CD   . PRO A 1 117 ? 2.007   -4.924  15.932  1.00 39.80  ? 418 PRO A CD   1 
ATOM   1517 H HA   . PRO A 1 117 ? 0.302   -2.517  15.096  1.00 45.19  ? 418 PRO A HA   1 
ATOM   1518 H HB2  . PRO A 1 117 ? 2.589   -3.308  13.716  1.00 49.68  ? 418 PRO A HB2  1 
ATOM   1519 H HB3  . PRO A 1 117 ? 2.401   -2.023  14.641  1.00 49.68  ? 418 PRO A HB3  1 
ATOM   1520 H HG2  . PRO A 1 117 ? 3.769   -3.974  15.478  1.00 55.24  ? 418 PRO A HG2  1 
ATOM   1521 H HG3  . PRO A 1 117 ? 2.863   -3.146  16.497  1.00 55.24  ? 418 PRO A HG3  1 
ATOM   1522 H HD2  . PRO A 1 117 ? 2.314   -5.662  15.384  1.00 48.02  ? 418 PRO A HD2  1 
ATOM   1523 H HD3  . PRO A 1 117 ? 1.989   -5.159  16.872  1.00 48.02  ? 418 PRO A HD3  1 
ATOM   1524 N N    . VAL A 1 118 ? 0.473   -4.499  12.558  1.00 29.16  ? 419 VAL A N    1 
ATOM   1525 C CA   . VAL A 1 118 ? 0.009   -4.690  11.189  1.00 25.18  ? 419 VAL A CA   1 
ATOM   1526 C C    . VAL A 1 118 ? -1.492  -4.921  11.179  1.00 29.93  ? 419 VAL A C    1 
ATOM   1527 O O    . VAL A 1 118 ? -2.216  -4.330  10.375  1.00 27.38  ? 419 VAL A O    1 
ATOM   1528 C CB   . VAL A 1 118 ? 0.771   -5.842  10.523  1.00 29.52  ? 419 VAL A CB   1 
ATOM   1529 C CG1  . VAL A 1 118 ? 0.154   -6.266  9.170   1.00 27.36  ? 419 VAL A CG1  1 
ATOM   1530 C CG2  . VAL A 1 118 ? 2.214   -5.449  10.315  1.00 34.44  ? 419 VAL A CG2  1 
ATOM   1531 H H    . VAL A 1 118 ? 0.965   -5.137  12.858  1.00 35.26  ? 419 VAL A H    1 
ATOM   1532 H HA   . VAL A 1 118 ? 0.189   -3.884  10.682  1.00 30.48  ? 419 VAL A HA   1 
ATOM   1533 H HB   . VAL A 1 118 ? 0.753   -6.613  11.112  1.00 35.69  ? 419 VAL A HB   1 
ATOM   1534 H HG11 . VAL A 1 118 ? 0.676   -6.994  8.799   1.00 33.09  ? 419 VAL A HG11 1 
ATOM   1535 H HG12 . VAL A 1 118 ? -0.760  -6.554  9.317   1.00 33.09  ? 419 VAL A HG12 1 
ATOM   1536 H HG13 . VAL A 1 118 ? 0.168   -5.506  8.566   1.00 33.09  ? 419 VAL A HG13 1 
ATOM   1537 H HG21 . VAL A 1 118 ? 2.683   -6.185  9.894   1.00 41.60  ? 419 VAL A HG21 1 
ATOM   1538 H HG22 . VAL A 1 118 ? 2.247   -4.665  9.746   1.00 41.60  ? 419 VAL A HG22 1 
ATOM   1539 H HG23 . VAL A 1 118 ? 2.613   -5.251  11.177  1.00 41.60  ? 419 VAL A HG23 1 
ATOM   1540 N N    . THR A 1 119 ? -1.988  -5.744  12.101  1.00 27.44  ? 420 THR A N    1 
ATOM   1541 C CA   . THR A 1 119 ? -3.422  -5.979  12.200  1.00 28.73  ? 420 THR A CA   1 
ATOM   1542 C C    . THR A 1 119 ? -4.162  -4.671  12.469  1.00 25.99  ? 420 THR A C    1 
ATOM   1543 O O    . THR A 1 119 ? -5.190  -4.367  11.840  1.00 25.82  ? 420 THR A O    1 
ATOM   1544 C CB   . THR A 1 119 ? -3.714  -7.015  13.311  1.00 23.40  ? 420 THR A CB   1 
ATOM   1545 O OG1  . THR A 1 119 ? -3.184  -8.301  12.935  1.00 28.35  ? 420 THR A OG1  1 
ATOM   1546 C CG2  . THR A 1 119 ? -5.212  -7.151  13.522  1.00 28.74  ? 420 THR A CG2  1 
ATOM   1547 H H    . THR A 1 119 ? -1.516  -6.176  12.677  1.00 33.19  ? 420 THR A H    1 
ATOM   1548 H HA   . THR A 1 119 ? -3.744  -6.340  11.359  1.00 34.74  ? 420 THR A HA   1 
ATOM   1549 H HB   . THR A 1 119 ? -3.307  -6.725  14.143  1.00 28.34  ? 420 THR A HB   1 
ATOM   1550 H HG1  . THR A 1 119 ? -3.342  -8.865  13.538  1.00 34.28  ? 420 THR A HG1  1 
ATOM   1551 H HG21 . THR A 1 119 ? -5.391  -7.801  14.219  1.00 34.75  ? 420 THR A HG21 1 
ATOM   1552 H HG22 . THR A 1 119 ? -5.588  -6.296  13.784  1.00 34.75  ? 420 THR A HG22 1 
ATOM   1553 H HG23 . THR A 1 119 ? -5.637  -7.444  12.702  1.00 34.75  ? 420 THR A HG23 1 
ATOM   1554 N N    . ASN A 1 120 ? -3.655  -3.882  13.416  1.00 25.84  ? 421 ASN A N    1 
ATOM   1555 C CA   . ASN A 1 120 ? -4.303  -2.633  13.768  1.00 29.24  ? 421 ASN A CA   1 
ATOM   1556 C C    . ASN A 1 120 ? -4.304  -1.675  12.581  1.00 25.18  ? 421 ASN A C    1 
ATOM   1557 O O    . ASN A 1 120 ? -5.324  -1.049  12.263  1.00 26.01  ? 421 ASN A O    1 
ATOM   1558 C CB   . ASN A 1 120 ? -3.598  -1.993  14.973  1.00 30.99  ? 421 ASN A CB   1 
ATOM   1559 C CG   . ASN A 1 120 ? -4.235  -0.653  15.389  1.00 47.24  ? 421 ASN A CG   1 
ATOM   1560 O OD1  . ASN A 1 120 ? -3.585  0.409   15.372  1.00 50.28  ? 421 ASN A OD1  1 
ATOM   1561 N ND2  . ASN A 1 120 ? -5.512  -0.701  15.765  1.00 40.04  ? 421 ASN A ND2  1 
ATOM   1562 H H    . ASN A 1 120 ? -2.941  -4.052  13.864  1.00 31.27  ? 421 ASN A H    1 
ATOM   1563 H HA   . ASN A 1 120 ? -5.224  -2.811  14.015  1.00 35.35  ? 421 ASN A HA   1 
ATOM   1564 H HB2  . ASN A 1 120 ? -3.650  -2.598  15.729  1.00 37.45  ? 421 ASN A HB2  1 
ATOM   1565 H HB3  . ASN A 1 120 ? -2.670  -1.825  14.744  1.00 37.45  ? 421 ASN A HB3  1 
ATOM   1566 H HD21 . ASN A 1 120 ? -5.916  0.019   16.008  1.00 48.31  ? 421 ASN A HD21 1 
ATOM   1567 H HD22 . ASN A 1 120 ? -5.933  -1.452  15.766  1.00 48.31  ? 421 ASN A HD22 1 
ATOM   1568 N N    . LYS A 1 121 ? -3.167  -1.536  11.929  1.00 22.13  ? 422 LYS A N    1 
ATOM   1569 C CA   . LYS A 1 121 ? -3.064  -0.564  10.849  1.00 27.30  ? 422 LYS A CA   1 
ATOM   1570 C C    . LYS A 1 121 ? -3.914  -0.987  9.654   1.00 23.16  ? 422 LYS A C    1 
ATOM   1571 O O    . LYS A 1 121 ? -4.564  -0.146  9.017   1.00 19.65  ? 422 LYS A O    1 
ATOM   1572 C CB   . LYS A 1 121 ? -1.601  -0.375  10.451  1.00 22.40  ? 422 LYS A CB   1 
ATOM   1573 C CG   . LYS A 1 121 ? -1.384  0.810   9.457   1.00 29.47  ? 422 LYS A CG   1 
ATOM   1574 C CD   . LYS A 1 121 ? 0.109   1.122   9.168   1.00 33.68  ? 422 LYS A CD   1 
ATOM   1575 C CE   . LYS A 1 121 ? 0.340   2.645   9.053   1.00 39.71  ? 422 LYS A CE   1 
ATOM   1576 N NZ   . LYS A 1 121 ? -0.755  3.246   8.242   1.00 43.76  ? 422 LYS A NZ   1 
ATOM   1577 H H    . LYS A 1 121 ? -2.449  -1.983  12.083  1.00 26.82  ? 422 LYS A H    1 
ATOM   1578 H HA   . LYS A 1 121 ? -3.399  0.290   11.163  1.00 33.02  ? 422 LYS A HA   1 
ATOM   1579 H HB2  . LYS A 1 121 ? -1.078  -0.195  11.248  1.00 27.14  ? 422 LYS A HB2  1 
ATOM   1580 H HB3  . LYS A 1 121 ? -1.283  -1.186  10.023  1.00 27.14  ? 422 LYS A HB3  1 
ATOM   1581 H HG2  . LYS A 1 121 ? -1.809  0.592   8.612   1.00 35.62  ? 422 LYS A HG2  1 
ATOM   1582 H HG3  . LYS A 1 121 ? -1.786  1.609   9.830   1.00 35.62  ? 422 LYS A HG3  1 
ATOM   1583 H HD2  . LYS A 1 121 ? 0.654   0.784   9.895   1.00 40.68  ? 422 LYS A HD2  1 
ATOM   1584 H HD3  . LYS A 1 121 ? 0.368   0.709   8.330   1.00 40.68  ? 422 LYS A HD3  1 
ATOM   1585 H HE2  . LYS A 1 121 ? 0.330   3.045   9.936   1.00 47.92  ? 422 LYS A HE2  1 
ATOM   1586 H HE3  . LYS A 1 121 ? 1.185   2.815   8.608   1.00 47.92  ? 422 LYS A HE3  1 
ATOM   1587 H HZ1  . LYS A 1 121 ? -0.632  4.124   8.169   1.00 52.77  ? 422 LYS A HZ1  1 
ATOM   1588 H HZ2  . LYS A 1 121 ? -0.764  2.886   7.428   1.00 52.77  ? 422 LYS A HZ2  1 
ATOM   1589 H HZ3  . LYS A 1 121 ? -1.540  3.096   8.633   1.00 52.77  ? 422 LYS A HZ3  1 
ATOM   1590 N N    . ALA A 1 122 ? -3.916  -2.279  9.323   1.00 22.27  ? 423 ALA A N    1 
ATOM   1591 C CA   . ALA A 1 122 ? -4.768  -2.755  8.232   1.00 20.99  ? 423 ALA A CA   1 
ATOM   1592 C C    . ALA A 1 122 ? -6.228  -2.513  8.543   1.00 18.69  ? 423 ALA A C    1 
ATOM   1593 O O    . ALA A 1 122 ? -7.018  -2.190  7.649   1.00 19.34  ? 423 ALA A O    1 
ATOM   1594 C CB   . ALA A 1 122 ? -4.529  -4.242  8.008   1.00 23.52  ? 423 ALA A CB   1 
ATOM   1595 H H    . ALA A 1 122 ? -3.444  -2.888  9.704   1.00 26.98  ? 423 ALA A H    1 
ATOM   1596 H HA   . ALA A 1 122 ? -4.545  -2.280  7.416   1.00 25.45  ? 423 ALA A HA   1 
ATOM   1597 H HB1  . ALA A 1 122 ? -5.099  -4.546  7.284   1.00 28.49  ? 423 ALA A HB1  1 
ATOM   1598 H HB2  . ALA A 1 122 ? -3.598  -4.381  7.776   1.00 28.49  ? 423 ALA A HB2  1 
ATOM   1599 H HB3  . ALA A 1 122 ? -4.745  -4.722  8.822   1.00 28.49  ? 423 ALA A HB3  1 
ATOM   1600 N N    . THR A 1 123 ? -6.620  -2.700  9.801   1.00 22.83  ? 424 THR A N    1 
ATOM   1601 C CA   . THR A 1 123 ? -8.009  -2.496  10.172  1.00 20.94  ? 424 THR A CA   1 
ATOM   1602 C C    . THR A 1 123 ? -8.407  -1.033  9.969   1.00 20.12  ? 424 THR A C    1 
ATOM   1603 O O    . THR A 1 123 ? -9.472  -0.749  9.401   1.00 20.31  ? 424 THR A O    1 
ATOM   1604 C CB   . THR A 1 123 ? -8.254  -2.938  11.616  1.00 25.49  ? 424 THR A CB   1 
ATOM   1605 O OG1  . THR A 1 123 ? -7.970  -4.345  11.762  1.00 24.46  ? 424 THR A OG1  1 
ATOM   1606 C CG2  . THR A 1 123 ? -9.696  -2.702  12.003  1.00 28.98  ? 424 THR A CG2  1 
ATOM   1607 H H    . THR A 1 123 ? -6.106  -2.942  10.447  1.00 27.66  ? 424 THR A H    1 
ATOM   1608 H HA   . THR A 1 123 ? -8.570  -3.038  9.595   1.00 25.40  ? 424 THR A HA   1 
ATOM   1609 H HB   . THR A 1 123 ? -7.686  -2.428  12.213  1.00 30.86  ? 424 THR A HB   1 
ATOM   1610 H HG1  . THR A 1 123 ? -7.168  -4.498  11.564  1.00 29.62  ? 424 THR A HG1  1 
ATOM   1611 H HG21 . THR A 1 123 ? -9.844  -2.984  12.918  1.00 35.04  ? 424 THR A HG21 1 
ATOM   1612 H HG22 . THR A 1 123 ? -9.909  -1.758  11.925  1.00 35.04  ? 424 THR A HG22 1 
ATOM   1613 H HG23 . THR A 1 123 ? -10.283 -3.207  11.418  1.00 35.04  ? 424 THR A HG23 1 
ATOM   1614 N N    . LYS A 1 124 ? -7.553  -0.085  10.408  1.00 22.56  ? 425 LYS A N    1 
ATOM   1615 C CA   . LYS A 1 124 ? -7.913  1.339   10.303  1.00 23.26  ? 425 LYS A CA   1 
ATOM   1616 C C    . LYS A 1 124 ? -8.015  1.766   8.851   1.00 20.30  ? 425 LYS A C    1 
ATOM   1617 O O    . LYS A 1 124 ? -8.909  2.533   8.486   1.00 19.58  ? 425 LYS A O    1 
ATOM   1618 C CB   . LYS A 1 124 ? -6.889  2.225   11.021  1.00 21.75  ? 425 LYS A CB   1 
ATOM   1619 C CG   . LYS A 1 124 ? -6.636  1.810   12.428  1.00 30.83  ? 425 LYS A CG   1 
ATOM   1620 C CD   . LYS A 1 124 ? -6.192  2.962   13.343  1.00 30.21  ? 425 LYS A CD   1 
ATOM   1621 C CE   . LYS A 1 124 ? -4.834  3.493   13.022  1.00 30.42  ? 425 LYS A CE   1 
ATOM   1622 N NZ   . LYS A 1 124 ? -4.308  4.323   14.194  1.00 29.07  ? 425 LYS A NZ   1 
ATOM   1623 H H    . LYS A 1 124 ? -6.784  -0.237  10.759  1.00 27.33  ? 425 LYS A H    1 
ATOM   1624 H HA   . LYS A 1 124 ? -8.778  1.480   10.720  1.00 28.18  ? 425 LYS A HA   1 
ATOM   1625 H HB2  . LYS A 1 124 ? -6.047  2.184   10.542  1.00 26.36  ? 425 LYS A HB2  1 
ATOM   1626 H HB3  . LYS A 1 124 ? -7.218  3.138   11.035  1.00 26.36  ? 425 LYS A HB3  1 
ATOM   1627 H HG2  . LYS A 1 124 ? -7.453  1.437   12.797  1.00 37.25  ? 425 LYS A HG2  1 
ATOM   1628 H HG3  . LYS A 1 124 ? -5.935  1.139   12.436  1.00 37.25  ? 425 LYS A HG3  1 
ATOM   1629 H HD2  . LYS A 1 124 ? -6.825  3.692   13.257  1.00 36.52  ? 425 LYS A HD2  1 
ATOM   1630 H HD3  . LYS A 1 124 ? -6.177  2.645   14.261  1.00 36.52  ? 425 LYS A HD3  1 
ATOM   1631 H HE2  . LYS A 1 124 ? -4.225  2.755   12.867  1.00 36.77  ? 425 LYS A HE2  1 
ATOM   1632 H HE3  . LYS A 1 124 ? -4.886  4.062   12.238  1.00 36.77  ? 425 LYS A HE3  1 
ATOM   1633 H HZ1  . LYS A 1 124 ? -3.498  4.639   14.002  1.00 35.14  ? 425 LYS A HZ1  1 
ATOM   1634 H HZ2  . LYS A 1 124 ? -4.856  5.005   14.353  1.00 35.14  ? 425 LYS A HZ2  1 
ATOM   1635 H HZ3  . LYS A 1 124 ? -4.255  3.816   14.924  1.00 35.14  ? 425 LYS A HZ3  1 
ATOM   1636 N N    . ILE A 1 125 ? -7.123  1.252   8.001   1.00 20.73  ? 426 ILE A N    1 
ATOM   1637 C CA   . ILE A 1 125 ? -7.177  1.577   6.580   1.00 18.56  ? 426 ILE A CA   1 
ATOM   1638 C C    . ILE A 1 125 ? -8.468  1.035   5.977   1.00 20.08  ? 426 ILE A C    1 
ATOM   1639 O O    . ILE A 1 125 ? -9.143  1.706   5.190   1.00 20.86  ? 426 ILE A O    1 
ATOM   1640 C CB   . ILE A 1 125 ? -5.956  1.005   5.849   1.00 21.26  ? 426 ILE A CB   1 
ATOM   1641 C CG1  . ILE A 1 125 ? -4.671  1.689   6.302   1.00 20.40  ? 426 ILE A CG1  1 
ATOM   1642 C CG2  . ILE A 1 125 ? -6.116  1.185   4.377   1.00 21.54  ? 426 ILE A CG2  1 
ATOM   1643 C CD1  . ILE A 1 125 ? -3.383  1.057   5.861   1.00 23.66  ? 426 ILE A CD1  1 
ATOM   1644 H H    . ILE A 1 125 ? -6.485  0.720   8.222   1.00 25.14  ? 426 ILE A H    1 
ATOM   1645 H HA   . ILE A 1 125 ? -7.172  2.540   6.471   1.00 22.53  ? 426 ILE A HA   1 
ATOM   1646 H HB   . ILE A 1 125 ? -5.891  0.058   6.044   1.00 25.77  ? 426 ILE A HB   1 
ATOM   1647 H HG12 . ILE A 1 125 ? -4.676  2.598   5.963   1.00 24.75  ? 426 ILE A HG12 1 
ATOM   1648 H HG13 . ILE A 1 125 ? -4.664  1.708   7.271   1.00 24.75  ? 426 ILE A HG13 1 
ATOM   1649 H HG21 . ILE A 1 125 ? -5.338  0.820   3.928   1.00 26.11  ? 426 ILE A HG21 1 
ATOM   1650 H HG22 . ILE A 1 125 ? -6.915  0.718   4.087   1.00 26.11  ? 426 ILE A HG22 1 
ATOM   1651 H HG23 . ILE A 1 125 ? -6.196  2.132   4.182   1.00 26.11  ? 426 ILE A HG23 1 
ATOM   1652 H HD11 . ILE A 1 125 ? -2.641  1.578   6.207   1.00 28.65  ? 426 ILE A HD11 1 
ATOM   1653 H HD12 . ILE A 1 125 ? -3.340  0.152   6.205   1.00 28.65  ? 426 ILE A HD12 1 
ATOM   1654 H HD13 . ILE A 1 125 ? -3.353  1.045   4.891   1.00 28.65  ? 426 ILE A HD13 1 
ATOM   1655 N N    . LEU A 1 126 ? -8.782  -0.223  6.274   1.00 21.07  ? 427 LEU A N    1 
ATOM   1656 C CA   . LEU A 1 126 ? -9.973  -0.843  5.713   1.00 18.64  ? 427 LEU A CA   1 
ATOM   1657 C C    . LEU A 1 126 ? -11.211 -0.100  6.161   1.00 19.44  ? 427 LEU A C    1 
ATOM   1658 O O    . LEU A 1 126 ? -12.105 0.182   5.356   1.00 17.66  ? 427 LEU A O    1 
ATOM   1659 C CB   . LEU A 1 126 ? -10.030 -2.309  6.142   1.00 19.65  ? 427 LEU A CB   1 
ATOM   1660 C CG   . LEU A 1 126 ? -11.204 -3.151  5.651   1.00 26.88  ? 427 LEU A CG   1 
ATOM   1661 C CD1  . LEU A 1 126 ? -11.297 -3.086  4.159   1.00 25.34  ? 427 LEU A CD1  1 
ATOM   1662 C CD2  . LEU A 1 126 ? -11.015 -4.599  6.102   1.00 28.01  ? 427 LEU A CD2  1 
ATOM   1663 H H    . LEU A 1 126 ? -8.325  -0.734  6.794   1.00 25.55  ? 427 LEU A H    1 
ATOM   1664 H HA   . LEU A 1 126 ? -9.927  -0.808  4.745   1.00 22.64  ? 427 LEU A HA   1 
ATOM   1665 H HB2  . LEU A 1 126 ? -9.221  -2.743  5.830   1.00 23.84  ? 427 LEU A HB2  1 
ATOM   1666 H HB3  . LEU A 1 126 ? -10.050 -2.335  7.111   1.00 23.84  ? 427 LEU A HB3  1 
ATOM   1667 H HG   . LEU A 1 126 ? -12.030 -2.813  6.029   1.00 32.52  ? 427 LEU A HG   1 
ATOM   1668 H HD11 . LEU A 1 126 ? -12.047 -3.627  3.866   1.00 30.67  ? 427 LEU A HD11 1 
ATOM   1669 H HD12 . LEU A 1 126 ? -11.429 -2.163  3.892   1.00 30.67  ? 427 LEU A HD12 1 
ATOM   1670 H HD13 . LEU A 1 126 ? -10.474 -3.428  3.777   1.00 30.67  ? 427 LEU A HD13 1 
ATOM   1671 H HD21 . LEU A 1 126 ? -11.764 -5.128  5.786   1.00 33.87  ? 427 LEU A HD21 1 
ATOM   1672 H HD22 . LEU A 1 126 ? -10.187 -4.940  5.729   1.00 33.87  ? 427 LEU A HD22 1 
ATOM   1673 H HD23 . LEU A 1 126 ? -10.976 -4.624  7.071   1.00 33.87  ? 427 LEU A HD23 1 
ATOM   1674 N N    . ARG A 1 127 ? -11.288 0.247   7.455   1.00 24.27  ? 428 ARG A N    1 
ATOM   1675 C CA   . ARG A 1 127 ? -12.469 0.960   7.953   1.00 24.21  ? 428 ARG A CA   1 
ATOM   1676 C C    . ARG A 1 127 ? -12.607 2.341   7.325   1.00 19.47  ? 428 ARG A C    1 
ATOM   1677 O O    . ARG A 1 127 ? -13.721 2.798   7.063   1.00 22.47  ? 428 ARG A O    1 
ATOM   1678 C CB   . ARG A 1 127 ? -12.423 1.080   9.477   1.00 27.88  ? 428 ARG A CB   1 
ATOM   1679 C CG   . ARG A 1 127 ? -12.514 -0.266  10.239  1.00 35.89  ? 428 ARG A CG   1 
ATOM   1680 C CD   . ARG A 1 127 ? -13.891 -0.902  10.261  1.00 47.99  ? 428 ARG A CD   1 
ATOM   1681 N NE   . ARG A 1 127 ? -14.039 -1.860  9.173   1.00 46.89  ? 428 ARG A NE   1 
ATOM   1682 C CZ   . ARG A 1 127 ? -13.644 -3.129  9.222   1.00 45.89  ? 428 ARG A CZ   1 
ATOM   1683 N NH1  . ARG A 1 127 ? -13.077 -3.620  10.320  1.00 45.52  ? 428 ARG A NH1  1 
ATOM   1684 N NH2  . ARG A 1 127 ? -13.817 -3.905  8.154   1.00 40.53  ? 428 ARG A NH2  1 
ATOM   1685 H H    . ARG A 1 127 ? -10.687 0.086   8.047   1.00 29.38  ? 428 ARG A H    1 
ATOM   1686 H HA   . ARG A 1 127 ? -13.260 0.451   7.721   1.00 29.32  ? 428 ARG A HA   1 
ATOM   1687 H HB2  . ARG A 1 127 ? -11.587 1.503   9.728   1.00 33.72  ? 428 ARG A HB2  1 
ATOM   1688 H HB3  . ARG A 1 127 ? -13.166 1.631   9.766   1.00 33.72  ? 428 ARG A HB3  1 
ATOM   1689 H HG2  . ARG A 1 127 ? -11.907 -0.897  9.823   1.00 43.33  ? 428 ARG A HG2  1 
ATOM   1690 H HG3  . ARG A 1 127 ? -12.246 -0.117  11.159  1.00 43.33  ? 428 ARG A HG3  1 
ATOM   1691 H HD2  . ARG A 1 127 ? -14.016 -1.371  11.100  1.00 57.85  ? 428 ARG A HD2  1 
ATOM   1692 H HD3  . ARG A 1 127 ? -14.566 -0.213  10.155  1.00 57.85  ? 428 ARG A HD3  1 
ATOM   1693 H HE   . ARG A 1 127 ? -14.408 -1.585  8.446   1.00 56.53  ? 428 ARG A HE   1 
ATOM   1694 H HH11 . ARG A 1 127 ? -12.961 -3.115  11.007  1.00 54.88  ? 428 ARG A HH11 1 
ATOM   1695 H HH12 . ARG A 1 127 ? -12.826 -4.442  10.344  1.00 54.88  ? 428 ARG A HH12 1 
ATOM   1696 H HH21 . ARG A 1 127 ? -14.187 -3.586  7.446   1.00 48.90  ? 428 ARG A HH21 1 
ATOM   1697 H HH22 . ARG A 1 127 ? -13.572 -4.728  8.177   1.00 48.90  ? 428 ARG A HH22 1 
ATOM   1698 N N    . HIS A 1 128 ? -11.499 2.988   7.024   1.00 18.88  ? 429 HIS A N    1 
ATOM   1699 C CA   . HIS A 1 128 ? -11.522 4.285   6.370   1.00 18.25  ? 429 HIS A CA   1 
ATOM   1700 C C    . HIS A 1 128 ? -12.057 4.170   4.938   1.00 24.00  ? 429 HIS A C    1 
ATOM   1701 O O    . HIS A 1 128 ? -12.955 4.921   4.536   1.00 24.90  ? 429 HIS A O    1 
ATOM   1702 C CB   . HIS A 1 128 ? -10.132 4.875   6.398   1.00 20.92  ? 429 HIS A CB   1 
ATOM   1703 C CG   . HIS A 1 128 ? -10.064 6.257   5.840   1.00 22.09  ? 429 HIS A CG   1 
ATOM   1704 N ND1  . HIS A 1 128 ? -10.442 7.375   6.564   1.00 21.75  ? 429 HIS A ND1  1 
ATOM   1705 C CD2  . HIS A 1 128 ? -9.776  6.693   4.595   1.00 22.70  ? 429 HIS A CD2  1 
ATOM   1706 C CE1  . HIS A 1 128 ? -10.306 8.445   5.803   1.00 30.75  ? 429 HIS A CE1  1 
ATOM   1707 N NE2  . HIS A 1 128 ? -9.914  8.064   4.602   1.00 28.98  ? 429 HIS A NE2  1 
ATOM   1708 H H    . HIS A 1 128 ? -10.707 2.696   7.189   1.00 22.92  ? 429 HIS A H    1 
ATOM   1709 H HA   . HIS A 1 128 ? -12.111 4.879   6.863   1.00 22.16  ? 429 HIS A HA   1 
ATOM   1710 H HB2  . HIS A 1 128 ? -9.823  4.909   7.317   1.00 25.37  ? 429 HIS A HB2  1 
ATOM   1711 H HB3  . HIS A 1 128 ? -9.542  4.313   5.872   1.00 25.37  ? 429 HIS A HB3  1 
ATOM   1712 H HD2  . HIS A 1 128 ? -9.498  6.170   3.879   1.00 27.50  ? 429 HIS A HD2  1 
ATOM   1713 H HE1  . HIS A 1 128 ? -10.482 9.321   6.061   1.00 37.17  ? 429 HIS A HE1  1 
ATOM   1714 H HE2  . HIS A 1 128 ? -9.767  8.585   3.933   1.00 35.04  ? 429 HIS A HE2  1 
ATOM   1715 N N    . PHE A 1 129 ? -11.520 3.228   4.152   1.00 19.97  ? 430 PHE A N    1 
ATOM   1716 C CA   . PHE A 1 129 ? -11.970 3.074   2.770   1.00 19.67  ? 430 PHE A CA   1 
ATOM   1717 C C    . PHE A 1 129 ? -13.446 2.682   2.717   1.00 23.11  ? 430 PHE A C    1 
ATOM   1718 O O    . PHE A 1 129 ? -14.201 3.192   1.886   1.00 25.61  ? 430 PHE A O    1 
ATOM   1719 C CB   . PHE A 1 129 ? -11.102 2.038   2.040   1.00 19.17  ? 430 PHE A CB   1 
ATOM   1720 C CG   . PHE A 1 129 ? -9.650  2.424   1.847   1.00 20.53  ? 430 PHE A CG   1 
ATOM   1721 C CD1  . PHE A 1 129 ? -9.205  3.738   1.983   1.00 22.77  ? 430 PHE A CD1  1 
ATOM   1722 C CD2  . PHE A 1 129 ? -8.746  1.466   1.368   1.00 15.94  ? 430 PHE A CD2  1 
ATOM   1723 C CE1  . PHE A 1 129 ? -7.888  4.064   1.763   1.00 20.89  ? 430 PHE A CE1  1 
ATOM   1724 C CE2  . PHE A 1 129 ? -7.411  1.791   1.139   1.00 20.89  ? 430 PHE A CE2  1 
ATOM   1725 C CZ   . PHE A 1 129 ? -6.973  3.077   1.326   1.00 21.23  ? 430 PHE A CZ   1 
ATOM   1726 H H    . PHE A 1 129 ? -10.904 2.678   4.392   1.00 24.23  ? 430 PHE A H    1 
ATOM   1727 H HA   . PHE A 1 129 ? -11.871 3.923   2.311   1.00 23.87  ? 430 PHE A HA   1 
ATOM   1728 H HB2  . PHE A 1 129 ? -11.118 1.212   2.547   1.00 23.26  ? 430 PHE A HB2  1 
ATOM   1729 H HB3  . PHE A 1 129 ? -11.481 1.885   1.161   1.00 23.26  ? 430 PHE A HB3  1 
ATOM   1730 H HD1  . PHE A 1 129 ? -9.794  4.394   2.282   1.00 27.59  ? 430 PHE A HD1  1 
ATOM   1731 H HD2  . PHE A 1 129 ? -9.029  0.588   1.249   1.00 19.39  ? 430 PHE A HD2  1 
ATOM   1732 H HE1  . PHE A 1 129 ? -7.600  4.940   1.888   1.00 25.33  ? 430 PHE A HE1  1 
ATOM   1733 H HE2  . PHE A 1 129 ? -6.817  1.135   0.851   1.00 25.33  ? 430 PHE A HE2  1 
ATOM   1734 H HZ   . PHE A 1 129 ? -6.083  3.298   1.169   1.00 25.74  ? 430 PHE A HZ   1 
ATOM   1735 N N    . GLU A 1 130 ? -13.893 1.823   3.640   1.00 24.19  ? 431 GLU A N    1 
ATOM   1736 C CA   . GLU A 1 130 ? -15.299 1.430   3.683   1.00 24.74  ? 431 GLU A CA   1 
ATOM   1737 C C    . GLU A 1 130 ? -16.200 2.616   4.023   1.00 26.80  ? 431 GLU A C    1 
ATOM   1738 O O    . GLU A 1 130 ? -17.284 2.773   3.448   1.00 30.76  ? 431 GLU A O    1 
ATOM   1739 C CB   . GLU A 1 130 ? -15.467 0.292   4.688   1.00 22.59  ? 431 GLU A CB   1 
ATOM   1740 C CG   . GLU A 1 130 ? -14.902 -1.023  4.211   1.00 23.08  ? 431 GLU A CG   1 
ATOM   1741 C CD   . GLU A 1 130 ? -15.068 -2.159  5.174   1.00 39.23  ? 431 GLU A CD   1 
ATOM   1742 O OE1  . GLU A 1 130 ? -15.259 -1.921  6.391   1.00 40.05  ? 431 GLU A OE1  1 
ATOM   1743 O OE2  . GLU A 1 130 ? -14.979 -3.307  4.700   1.00 43.12  ? 431 GLU A OE2  1 
ATOM   1744 H H    . GLU A 1 130 ? -13.404 1.459   4.247   1.00 29.29  ? 431 GLU A H    1 
ATOM   1745 H HA   . GLU A 1 130 ? -15.560 1.098   2.809   1.00 29.95  ? 431 GLU A HA   1 
ATOM   1746 H HB2  . GLU A 1 130 ? -15.012 0.531   5.510   1.00 27.37  ? 431 GLU A HB2  1 
ATOM   1747 H HB3  . GLU A 1 130 ? -16.413 0.164   4.860   1.00 27.37  ? 431 GLU A HB3  1 
ATOM   1748 H HG2  . GLU A 1 130 ? -15.346 -1.270  3.384   1.00 27.95  ? 431 GLU A HG2  1 
ATOM   1749 H HG3  . GLU A 1 130 ? -13.951 -0.911  4.049   1.00 27.95  ? 431 GLU A HG3  1 
ATOM   1750 N N    . ALA A 1 131 ? -15.754 3.472   4.935   1.00 28.42  ? 432 ALA A N    1 
ATOM   1751 C CA   . ALA A 1 131 ? -16.549 4.623   5.347   1.00 29.42  ? 432 ALA A CA   1 
ATOM   1752 C C    . ALA A 1 131 ? -16.756 5.606   4.205   1.00 37.03  ? 432 ALA A C    1 
ATOM   1753 O O    . ALA A 1 131 ? -17.858 6.142   4.024   1.00 36.39  ? 432 ALA A O    1 
ATOM   1754 C CB   . ALA A 1 131 ? -15.857 5.308   6.514   1.00 28.33  ? 432 ALA A CB   1 
ATOM   1755 H H    . ALA A 1 131 ? -14.993 3.408   5.333   1.00 34.36  ? 432 ALA A H    1 
ATOM   1756 H HA   . ALA A 1 131 ? -17.420 4.318   5.647   1.00 35.57  ? 432 ALA A HA   1 
ATOM   1757 H HB1  . ALA A 1 131 ? -16.386 6.073   6.788   1.00 34.26  ? 432 ALA A HB1  1 
ATOM   1758 H HB2  . ALA A 1 131 ? -15.780 4.679   7.248   1.00 34.26  ? 432 ALA A HB2  1 
ATOM   1759 H HB3  . ALA A 1 131 ? -14.975 5.597   6.231   1.00 34.26  ? 432 ALA A HB3  1 
ATOM   1760 N N    . SER A 1 132 ? -15.710 5.860   3.419   1.00 33.69  ? 433 SER A N    1 
ATOM   1761 C CA   . SER A 1 132 ? -15.830 6.767   2.293   1.00 34.00  ? 433 SER A CA   1 
ATOM   1762 C C    . SER A 1 132 ? -16.819 6.278   1.247   1.00 42.53  ? 433 SER A C    1 
ATOM   1763 O O    . SER A 1 132 ? -17.382 7.098   0.518   1.00 49.42  ? 433 SER A O    1 
ATOM   1764 C CB   . SER A 1 132 ? -14.468 6.976   1.658   1.00 39.00  ? 433 SER A CB   1 
ATOM   1765 O OG   . SER A 1 132 ? -13.509 7.263   2.663   1.00 45.55  ? 433 SER A OG   1 
ATOM   1766 H H    . SER A 1 132 ? -14.927 5.519   3.521   1.00 40.69  ? 433 SER A H    1 
ATOM   1767 H HA   . SER A 1 132 ? -16.141 7.627   2.616   1.00 41.06  ? 433 SER A HA   1 
ATOM   1768 H HB2  . SER A 1 132 ? -14.207 6.167   1.190   1.00 47.07  ? 433 SER A HB2  1 
ATOM   1769 H HB3  . SER A 1 132 ? -14.516 7.720   1.039   1.00 47.07  ? 433 SER A HB3  1 
ATOM   1770 H HG   . SER A 1 132 ? -12.753 7.379   2.314   1.00 54.92  ? 433 SER A HG   1 
ATOM   1771 N N    . CYS A 1 133 ? -17.051 4.977   1.154   1.00 39.10  ? 434 CYS A N    1 
ATOM   1772 C CA   . CYS A 1 133 ? -18.046 4.455   0.235   1.00 43.32  ? 434 CYS A CA   1 
ATOM   1773 C C    . CYS A 1 133 ? -19.350 4.081   0.955   1.00 48.42  ? 434 CYS A C    1 
ATOM   1774 O O    . CYS A 1 133 ? -19.780 4.757   1.898   1.00 51.72  ? 434 CYS A O    1 
ATOM   1775 C CB   . CYS A 1 133 ? -17.462 3.246   -0.501  1.00 46.80  ? 434 CYS A CB   1 
ATOM   1776 S SG   . CYS A 1 133 ? -15.776 3.586   -1.196  1.00 54.62  ? 434 CYS A SG   1 
ATOM   1777 H H    . CYS A 1 133 ? -16.644 4.376   1.614   1.00 47.18  ? 434 CYS A H    1 
ATOM   1778 H HA   . CYS A 1 133 ? -18.254 5.135   -0.425  1.00 52.24  ? 434 CYS A HA   1 
ATOM   1779 H HB2  . CYS A 1 133 ? -17.387 2.504   0.120   1.00 56.42  ? 434 CYS A HB2  1 
ATOM   1780 H HB3  . CYS A 1 133 ? -18.048 3.008   -1.235  1.00 56.42  ? 434 CYS A HB3  1 
ATOM   1781 H HG   . CYS A 1 133 ? -15.034 3.874   -0.299  1.00 65.80  ? 434 CYS A HG   1 
HETATM 1782 O O    . HOH B 2 .   ? -8.984  -6.505  13.152  1.00 37.60  ? 501 HOH A O    1 
HETATM 1783 O O    . HOH B 2 .   ? 11.727  -1.936  5.954   1.00 38.78  ? 502 HOH A O    1 
HETATM 1784 O O    . HOH B 2 .   ? 4.545   3.182   -16.090 1.00 37.17  ? 503 HOH A O    1 
HETATM 1785 O O    . HOH B 2 .   ? 1.132   -5.367  -17.828 1.00 36.62  ? 504 HOH A O    1 
HETATM 1786 O O    . HOH B 2 .   ? -13.569 7.627   5.199   1.00 35.38  ? 505 HOH A O    1 
HETATM 1787 O O    . HOH B 2 .   ? -18.318 0.907   1.990   1.00 49.11  ? 506 HOH A O    1 
HETATM 1788 O O    . HOH B 2 .   ? 2.512   -7.262  13.441  1.00 40.05  ? 507 HOH A O    1 
HETATM 1789 O O    . HOH B 2 .   ? 7.390   0.517   -15.592 1.00 40.40  ? 508 HOH A O    1 
HETATM 1790 O O    . HOH B 2 .   ? -14.739 -5.768  5.597   1.00 42.72  ? 509 HOH A O    1 
HETATM 1791 O O    . HOH B 2 .   ? 10.588  3.912   -10.377 1.00 29.38  ? 510 HOH A O    1 
HETATM 1792 O O    . HOH B 2 .   ? 3.493   14.579  -3.593  1.00 34.92  ? 511 HOH A O    1 
HETATM 1793 O O    . HOH B 2 .   ? -8.193  -9.572  14.398  1.00 35.53  ? 512 HOH A O    1 
HETATM 1794 O O    . HOH B 2 .   ? -3.896  -12.379 9.040   1.00 34.28  ? 513 HOH A O    1 
HETATM 1795 O O    . HOH B 2 .   ? 3.305   13.591  -10.132 1.00 40.38  ? 514 HOH A O    1 
HETATM 1796 O O    . HOH B 2 .   ? -8.851  -2.122  -12.180 1.00 29.28  ? 515 HOH A O    1 
HETATM 1797 O O    . HOH B 2 .   ? -4.270  3.178   16.654  1.00 37.94  ? 516 HOH A O    1 
HETATM 1798 O O    . HOH B 2 .   ? -1.392  11.150  0.645   1.00 28.02  ? 517 HOH A O    1 
HETATM 1799 O O    . HOH B 2 .   ? -12.658 -6.528  -3.519  1.00 21.50  ? 518 HOH A O    1 
HETATM 1800 O O    . HOH B 2 .   ? 10.584  6.445   7.446   1.00 32.50  ? 519 HOH A O    1 
HETATM 1801 O O    . HOH B 2 .   ? -9.935  -13.786 12.832  1.00 41.08  ? 520 HOH A O    1 
HETATM 1802 O O    . HOH B 2 .   ? -6.385  7.380   -4.773  1.00 37.03  ? 521 HOH A O    1 
HETATM 1803 O O    . HOH B 2 .   ? -1.090  -8.263  -6.136  1.00 36.15  ? 522 HOH A O    1 
HETATM 1804 O O    . HOH B 2 .   ? -0.465  0.006   13.987  1.00 37.92  ? 523 HOH A O    1 
HETATM 1805 O O    . HOH B 2 .   ? 12.827  10.973  4.469   1.00 40.26  ? 524 HOH A O    1 
HETATM 1806 O O    . HOH B 2 .   ? -0.496  -10.088 0.196   1.00 33.36  ? 525 HOH A O    1 
HETATM 1807 O O    . HOH B 2 .   ? -8.881  7.814   -3.472  1.00 39.83  ? 526 HOH A O    1 
HETATM 1808 O O    . HOH B 2 .   ? 0.621   12.661  -7.283  1.00 34.14  ? 527 HOH A O    1 
HETATM 1809 O O    . HOH B 2 .   ? 3.632   5.222   7.194   1.00 26.44  ? 528 HOH A O    1 
HETATM 1810 O O    . HOH B 2 .   ? -11.495 -9.304  8.416   1.00 39.68  ? 529 HOH A O    1 
HETATM 1811 O O    . HOH B 2 .   ? 1.925   6.758   5.183   1.00 30.61  ? 530 HOH A O    1 
HETATM 1812 O O    . HOH B 2 .   ? -6.266  -7.215  -1.751  1.00 26.61  ? 531 HOH A O    1 
HETATM 1813 O O    . HOH B 2 .   ? -6.855  -13.901 7.501   1.00 41.53  ? 532 HOH A O    1 
HETATM 1814 O O    . HOH B 2 .   ? 9.449   7.291   -1.014  1.00 36.78  ? 533 HOH A O    1 
HETATM 1815 O O    . HOH B 2 .   ? 3.236   5.896   -16.738 1.00 46.39  ? 534 HOH A O    1 
HETATM 1816 O O    . HOH B 2 .   ? -9.053  10.544  -1.265  1.00 39.19  ? 535 HOH A O    1 
HETATM 1817 O O    . HOH B 2 .   ? 1.195   -8.527  19.609  1.00 46.57  ? 536 HOH A O    1 
HETATM 1818 O O    . HOH B 2 .   ? -1.138  7.621   -11.822 1.00 37.47  ? 537 HOH A O    1 
HETATM 1819 O O    . HOH B 2 .   ? 8.861   14.983  -0.874  1.00 41.54  ? 538 HOH A O    1 
HETATM 1820 O O    . HOH B 2 .   ? -3.664  3.138   -12.767 1.00 34.35  ? 539 HOH A O    1 
HETATM 1821 O O    . HOH B 2 .   ? -0.053  -7.565  13.770  1.00 34.90  ? 540 HOH A O    1 
HETATM 1822 O O    . HOH B 2 .   ? 15.732  0.881   -9.779  1.00 45.25  ? 541 HOH A O    1 
HETATM 1823 O O    . HOH B 2 .   ? 2.721   -9.145  11.414  1.00 46.02  ? 542 HOH A O    1 
HETATM 1824 O O    . HOH B 2 .   ? -11.572 -9.097  11.080  1.00 47.06  ? 543 HOH A O    1 
HETATM 1825 O O    . HOH B 2 .   ? 2.747   9.196   5.387   1.00 37.77  ? 544 HOH A O    1 
HETATM 1826 O O    . HOH B 2 .   ? 7.898   15.166  -3.249  1.00 41.40  ? 545 HOH A O    1 
HETATM 1827 O O    . HOH B 2 .   ? -12.930 -7.344  7.821   1.00 44.41  ? 546 HOH A O    1 
HETATM 1828 O O    . HOH B 2 .   ? -4.969  -14.500 10.737  1.00 36.49  ? 547 HOH A O    1 
HETATM 1829 O O    . HOH B 2 .   ? -6.657  3.166   17.519  1.00 34.32  ? 548 HOH A O    1 
HETATM 1830 O O    . HOH B 2 .   ? -1.553  13.116  -5.754  1.00 37.94  ? 549 HOH A O    1 
HETATM 1831 O O    . HOH B 2 .   ? 12.462  8.204   8.632   1.00 38.23  ? 550 HOH A O    1 
HETATM 1832 O O    . HOH B 2 .   ? -12.464 -0.365  13.913  1.00 46.46  ? 551 HOH A O    1 
HETATM 1833 O O    . HOH B 2 .   ? 0.177   -11.957 -5.437  1.00 61.52  ? 552 HOH A O    1 
# 
